data_6L0L
#
_entry.id   6L0L
#
_entity_poly.entity_id   1
_entity_poly.type   'polypeptide(L)'
_entity_poly.pdbx_seq_one_letter_code
;GPGSLEIKIRTTEGRTLTVDVKPDRTIEELMEKLKEQTGVPPEQLRVIYNGRELEPRTTLEEYNITPGVTLELKTRSSGH
GT
;
_entity_poly.pdbx_strand_id   A
#
# COMPACT_ATOMS: atom_id res chain seq x y z
N GLY A 1 18.13 -3.52 -13.19
CA GLY A 1 16.90 -3.02 -12.55
C GLY A 1 17.17 -1.91 -11.54
N PRO A 2 16.11 -1.29 -10.93
CA PRO A 2 16.26 -0.22 -9.93
C PRO A 2 16.65 -0.75 -8.52
N GLY A 3 16.47 -2.08 -8.31
CA GLY A 3 16.65 -2.69 -7.00
C GLY A 3 15.42 -2.50 -6.12
N SER A 4 15.29 -1.27 -5.58
CA SER A 4 14.10 -0.79 -4.90
C SER A 4 13.48 0.39 -5.67
N LEU A 5 12.40 0.97 -5.12
CA LEU A 5 11.63 2.04 -5.77
C LEU A 5 10.83 2.84 -4.72
N GLU A 6 10.82 4.17 -4.84
CA GLU A 6 10.21 5.07 -3.85
C GLU A 6 8.77 5.43 -4.28
N ILE A 7 7.78 4.88 -3.57
CA ILE A 7 6.35 5.13 -3.83
C ILE A 7 5.73 6.00 -2.72
N LYS A 8 4.44 6.34 -2.89
CA LYS A 8 3.66 7.12 -1.90
C LYS A 8 2.37 6.37 -1.55
N ILE A 9 1.91 6.50 -0.29
CA ILE A 9 0.66 5.85 0.19
C ILE A 9 -0.22 6.89 0.92
N ARG A 10 -1.16 7.49 0.19
CA ARG A 10 -2.24 8.31 0.76
C ARG A 10 -3.17 7.44 1.63
N THR A 11 -3.41 7.85 2.89
CA THR A 11 -4.18 7.08 3.86
C THR A 11 -5.64 7.55 3.97
N THR A 12 -6.45 6.80 4.76
CA THR A 12 -7.81 7.24 5.18
C THR A 12 -7.75 8.48 6.11
N GLU A 13 -6.55 8.76 6.64
CA GLU A 13 -6.28 9.93 7.50
C GLU A 13 -6.15 11.22 6.64
N GLY A 14 -5.99 11.03 5.31
CA GLY A 14 -5.90 12.15 4.35
C GLY A 14 -4.48 12.62 4.10
N ARG A 15 -3.49 11.96 4.76
CA ARG A 15 -2.06 12.28 4.60
C ARG A 15 -1.44 11.36 3.54
N THR A 16 -0.44 11.86 2.80
CA THR A 16 0.30 11.04 1.82
C THR A 16 1.68 10.68 2.38
N LEU A 17 1.94 9.36 2.51
CA LEU A 17 3.21 8.80 3.02
C LEU A 17 4.18 8.66 1.85
N THR A 18 5.48 8.46 2.14
CA THR A 18 6.48 8.21 1.09
C THR A 18 7.50 7.16 1.59
N VAL A 19 7.41 5.91 1.08
CA VAL A 19 8.32 4.80 1.48
C VAL A 19 9.00 4.20 0.25
N ASP A 20 10.16 3.56 0.45
CA ASP A 20 10.86 2.81 -0.61
C ASP A 20 10.75 1.29 -0.34
N VAL A 21 10.43 0.53 -1.39
CA VAL A 21 10.24 -0.95 -1.35
C VAL A 21 10.75 -1.57 -2.67
N LYS A 22 10.93 -2.89 -2.68
CA LYS A 22 11.43 -3.61 -3.88
C LYS A 22 10.26 -4.20 -4.68
N PRO A 23 10.34 -4.30 -6.05
CA PRO A 23 9.24 -4.83 -6.91
C PRO A 23 8.95 -6.33 -6.68
N ASP A 24 9.94 -7.06 -6.14
CA ASP A 24 9.84 -8.48 -5.78
C ASP A 24 9.03 -8.71 -4.48
N ARG A 25 8.79 -7.63 -3.72
CA ARG A 25 8.06 -7.69 -2.43
C ARG A 25 6.54 -7.82 -2.66
N THR A 26 5.83 -8.30 -1.63
CA THR A 26 4.36 -8.44 -1.67
C THR A 26 3.69 -7.19 -1.11
N ILE A 27 2.36 -7.07 -1.31
CA ILE A 27 1.57 -5.93 -0.81
C ILE A 27 1.55 -5.94 0.73
N GLU A 28 1.74 -7.13 1.34
CA GLU A 28 1.96 -7.30 2.81
C GLU A 28 3.02 -6.32 3.34
N GLU A 29 4.11 -6.15 2.56
CA GLU A 29 5.17 -5.18 2.83
C GLU A 29 4.62 -3.76 2.87
N LEU A 30 3.87 -3.36 1.83
CA LEU A 30 3.30 -2.00 1.72
C LEU A 30 2.42 -1.69 2.94
N MET A 31 1.59 -2.68 3.30
CA MET A 31 0.66 -2.61 4.42
C MET A 31 1.41 -2.51 5.78
N GLU A 32 2.59 -3.14 5.83
CA GLU A 32 3.49 -3.11 7.00
C GLU A 32 4.09 -1.71 7.20
N LYS A 33 4.52 -1.12 6.08
CA LYS A 33 5.21 0.19 6.07
C LYS A 33 4.22 1.28 6.48
N LEU A 34 3.06 1.34 5.80
CA LEU A 34 2.02 2.36 6.09
C LEU A 34 1.53 2.26 7.55
N LYS A 35 1.52 1.03 8.10
CA LYS A 35 1.22 0.79 9.52
C LYS A 35 2.20 1.55 10.45
N GLU A 36 3.51 1.40 10.24
CA GLU A 36 4.52 2.05 11.11
C GLU A 36 4.69 3.55 10.78
N GLN A 37 4.15 4.00 9.62
CA GLN A 37 4.22 5.41 9.20
C GLN A 37 3.10 6.25 9.85
N THR A 38 1.83 5.95 9.50
CA THR A 38 0.67 6.74 9.98
C THR A 38 0.06 6.13 11.27
N GLY A 39 0.33 4.83 11.53
CA GLY A 39 -0.11 4.16 12.77
C GLY A 39 -1.34 3.28 12.60
N VAL A 40 -2.05 3.43 11.46
CA VAL A 40 -3.35 2.75 11.24
C VAL A 40 -3.14 1.23 10.94
N PRO A 41 -3.93 0.30 11.61
CA PRO A 41 -3.85 -1.15 11.37
C PRO A 41 -4.31 -1.54 9.93
N PRO A 42 -3.40 -2.15 9.09
CA PRO A 42 -3.66 -2.44 7.66
C PRO A 42 -4.80 -3.45 7.42
N GLU A 43 -5.15 -4.25 8.46
CA GLU A 43 -6.24 -5.24 8.37
C GLU A 43 -7.61 -4.57 8.10
N GLN A 44 -7.69 -3.27 8.44
CA GLN A 44 -8.91 -2.45 8.26
C GLN A 44 -8.80 -1.55 7.02
N LEU A 45 -7.78 -1.78 6.17
CA LEU A 45 -7.51 -0.97 4.95
C LEU A 45 -7.36 -1.84 3.70
N ARG A 46 -7.44 -1.16 2.53
CA ARG A 46 -7.20 -1.71 1.19
C ARG A 46 -6.21 -0.77 0.50
N VAL A 47 -5.11 -1.31 -0.05
CA VAL A 47 -4.14 -0.52 -0.83
C VAL A 47 -4.67 -0.37 -2.27
N ILE A 48 -4.62 0.85 -2.83
CA ILE A 48 -5.25 1.18 -4.14
C ILE A 48 -4.24 1.88 -5.08
N TYR A 49 -3.64 1.11 -6.00
CA TYR A 49 -2.71 1.64 -7.02
C TYR A 49 -3.47 2.25 -8.21
N ASN A 50 -3.41 3.58 -8.33
CA ASN A 50 -3.85 4.33 -9.54
C ASN A 50 -5.34 4.02 -9.91
N GLY A 51 -6.12 3.60 -8.90
CA GLY A 51 -7.53 3.23 -9.09
C GLY A 51 -7.74 1.72 -9.25
N ARG A 52 -6.83 0.91 -8.67
CA ARG A 52 -6.96 -0.56 -8.65
C ARG A 52 -6.73 -1.08 -7.23
N GLU A 53 -7.58 -2.02 -6.79
CA GLU A 53 -7.51 -2.62 -5.46
C GLU A 53 -6.40 -3.69 -5.42
N LEU A 54 -5.58 -3.68 -4.35
CA LEU A 54 -4.39 -4.56 -4.22
C LEU A 54 -4.55 -5.48 -3.00
N GLU A 55 -4.53 -6.80 -3.23
CA GLU A 55 -4.59 -7.81 -2.17
C GLU A 55 -3.18 -8.08 -1.58
N PRO A 56 -3.06 -8.26 -0.21
CA PRO A 56 -1.75 -8.43 0.48
C PRO A 56 -0.93 -9.64 -0.06
N ARG A 57 -1.65 -10.69 -0.46
CA ARG A 57 -1.08 -11.97 -0.92
C ARG A 57 -0.33 -11.85 -2.26
N THR A 58 -0.58 -10.75 -3.00
CA THR A 58 -0.03 -10.55 -4.35
C THR A 58 1.26 -9.69 -4.32
N THR A 59 2.10 -9.80 -5.37
CA THR A 59 3.39 -9.10 -5.47
C THR A 59 3.20 -7.70 -6.12
N LEU A 60 4.23 -6.84 -5.96
CA LEU A 60 4.28 -5.46 -6.48
C LEU A 60 4.43 -5.44 -8.01
N GLU A 61 5.31 -6.32 -8.53
CA GLU A 61 5.56 -6.49 -9.98
C GLU A 61 4.28 -6.87 -10.75
N GLU A 62 3.32 -7.51 -10.04
CA GLU A 62 2.02 -7.93 -10.60
C GLU A 62 1.11 -6.73 -10.83
N TYR A 63 1.31 -5.66 -10.05
CA TYR A 63 0.51 -4.42 -10.13
C TYR A 63 1.30 -3.26 -10.75
N ASN A 64 2.58 -3.50 -11.10
CA ASN A 64 3.48 -2.48 -11.67
C ASN A 64 3.64 -1.29 -10.69
N ILE A 65 3.90 -1.64 -9.41
CA ILE A 65 4.19 -0.65 -8.37
C ILE A 65 5.59 -0.08 -8.62
N THR A 66 5.64 0.98 -9.44
CA THR A 66 6.86 1.66 -9.87
C THR A 66 7.09 2.97 -9.07
N PRO A 67 8.32 3.57 -9.06
CA PRO A 67 8.63 4.76 -8.23
C PRO A 67 7.87 6.03 -8.71
N GLY A 68 7.30 6.78 -7.74
CA GLY A 68 6.63 8.05 -8.00
C GLY A 68 5.12 7.93 -8.05
N VAL A 69 4.58 6.70 -7.87
CA VAL A 69 3.13 6.44 -7.89
C VAL A 69 2.47 6.76 -6.52
N THR A 70 1.15 6.96 -6.52
CA THR A 70 0.37 7.23 -5.31
C THR A 70 -0.69 6.14 -5.11
N LEU A 71 -0.43 5.27 -4.14
CA LEU A 71 -1.39 4.30 -3.61
C LEU A 71 -2.32 5.03 -2.61
N GLU A 72 -3.59 4.64 -2.59
CA GLU A 72 -4.59 5.18 -1.66
C GLU A 72 -5.06 4.08 -0.71
N LEU A 73 -5.53 4.48 0.46
CA LEU A 73 -6.11 3.54 1.44
C LEU A 73 -7.61 3.79 1.53
N LYS A 74 -8.37 2.83 0.98
CA LYS A 74 -9.82 2.76 1.12
C LYS A 74 -10.11 1.73 2.21
N THR A 75 -11.08 2.00 3.08
CA THR A 75 -11.33 1.19 4.28
C THR A 75 -11.89 -0.21 3.91
N ARG A 76 -11.43 -1.22 4.67
CA ARG A 76 -11.87 -2.61 4.55
C ARG A 76 -12.67 -2.93 5.82
N SER A 77 -13.88 -2.35 5.88
CA SER A 77 -14.75 -2.39 7.06
C SER A 77 -15.46 -3.76 7.20
N SER A 78 -14.68 -4.74 7.66
CA SER A 78 -15.14 -6.11 7.93
C SER A 78 -14.04 -6.84 8.70
N GLY A 79 -14.25 -7.03 10.02
CA GLY A 79 -13.28 -7.72 10.88
C GLY A 79 -13.28 -9.23 10.64
N HIS A 80 -12.12 -9.88 10.81
CA HIS A 80 -11.98 -11.34 10.70
C HIS A 80 -12.84 -12.04 11.79
N GLY A 81 -12.95 -11.38 12.95
CA GLY A 81 -13.68 -11.87 14.11
C GLY A 81 -13.06 -11.37 15.41
N THR A 82 -13.66 -11.78 16.54
CA THR A 82 -13.14 -11.46 17.88
C THR A 82 -11.86 -12.29 18.17
N GLY A 1 16.85 3.90 -4.86
CA GLY A 1 17.68 3.72 -6.07
C GLY A 1 17.37 2.41 -6.81
N PRO A 2 18.16 2.04 -7.88
CA PRO A 2 18.01 0.76 -8.61
C PRO A 2 17.92 -0.49 -7.70
N GLY A 3 17.01 -1.41 -8.05
CA GLY A 3 16.70 -2.57 -7.20
C GLY A 3 15.46 -2.35 -6.36
N SER A 4 15.32 -1.12 -5.85
CA SER A 4 14.12 -0.65 -5.14
C SER A 4 13.40 0.42 -5.98
N LEU A 5 12.33 1.00 -5.40
CA LEU A 5 11.53 2.06 -6.03
C LEU A 5 10.79 2.87 -4.93
N GLU A 6 10.79 4.20 -5.09
CA GLU A 6 10.21 5.12 -4.10
C GLU A 6 8.77 5.47 -4.48
N ILE A 7 7.82 4.88 -3.75
CA ILE A 7 6.37 5.12 -3.95
C ILE A 7 5.81 5.93 -2.77
N LYS A 8 4.51 6.26 -2.85
CA LYS A 8 3.80 7.08 -1.84
C LYS A 8 2.45 6.44 -1.52
N ILE A 9 2.13 6.26 -0.22
CA ILE A 9 0.85 5.64 0.22
C ILE A 9 0.00 6.69 0.97
N ARG A 10 -0.94 7.31 0.26
CA ARG A 10 -1.99 8.13 0.87
C ARG A 10 -2.94 7.26 1.73
N THR A 11 -3.12 7.64 3.00
CA THR A 11 -4.08 7.00 3.91
C THR A 11 -5.50 7.55 3.71
N THR A 12 -6.49 6.94 4.42
CA THR A 12 -7.85 7.49 4.58
C THR A 12 -7.80 8.86 5.29
N GLU A 13 -6.80 9.02 6.17
CA GLU A 13 -6.59 10.24 6.98
C GLU A 13 -6.21 11.45 6.09
N GLY A 14 -5.75 11.16 4.85
CA GLY A 14 -5.42 12.20 3.86
C GLY A 14 -3.91 12.44 3.75
N ARG A 15 -3.15 12.03 4.79
CA ARG A 15 -1.67 12.13 4.79
C ARG A 15 -1.08 11.11 3.80
N THR A 16 0.07 11.43 3.19
CA THR A 16 0.75 10.52 2.24
C THR A 16 2.10 10.09 2.83
N LEU A 17 2.43 8.80 2.65
CA LEU A 17 3.60 8.15 3.27
C LEU A 17 4.61 7.74 2.17
N THR A 18 5.59 8.61 1.90
CA THR A 18 6.62 8.37 0.86
C THR A 18 7.69 7.37 1.39
N VAL A 19 7.59 6.10 0.97
CA VAL A 19 8.53 5.04 1.37
C VAL A 19 9.12 4.36 0.12
N ASP A 20 10.34 3.82 0.26
CA ASP A 20 11.00 3.06 -0.82
C ASP A 20 11.08 1.58 -0.46
N VAL A 21 10.70 0.75 -1.44
CA VAL A 21 10.59 -0.72 -1.31
C VAL A 21 10.96 -1.36 -2.66
N LYS A 22 11.32 -2.64 -2.66
CA LYS A 22 11.63 -3.38 -3.89
C LYS A 22 10.33 -3.84 -4.60
N PRO A 23 10.32 -3.96 -5.98
CA PRO A 23 9.16 -4.53 -6.72
C PRO A 23 8.94 -6.03 -6.40
N ASP A 24 9.99 -6.64 -5.83
CA ASP A 24 10.03 -8.07 -5.47
C ASP A 24 9.23 -8.35 -4.19
N ARG A 25 8.86 -7.28 -3.45
CA ARG A 25 8.10 -7.38 -2.18
C ARG A 25 6.60 -7.60 -2.46
N THR A 26 5.87 -8.15 -1.48
CA THR A 26 4.41 -8.35 -1.56
C THR A 26 3.67 -7.10 -1.07
N ILE A 27 2.35 -7.05 -1.34
CA ILE A 27 1.48 -5.94 -0.92
C ILE A 27 1.38 -5.90 0.62
N GLU A 28 1.51 -7.10 1.26
CA GLU A 28 1.60 -7.23 2.74
C GLU A 28 2.73 -6.38 3.31
N GLU A 29 3.90 -6.41 2.65
CA GLU A 29 5.08 -5.62 3.04
C GLU A 29 4.71 -4.13 3.12
N LEU A 30 3.94 -3.66 2.12
CA LEU A 30 3.42 -2.28 2.06
C LEU A 30 2.49 -2.00 3.25
N MET A 31 1.58 -2.96 3.54
CA MET A 31 0.56 -2.84 4.61
C MET A 31 1.22 -2.64 5.98
N GLU A 32 2.41 -3.26 6.16
CA GLU A 32 3.24 -3.07 7.36
C GLU A 32 3.94 -1.71 7.35
N LYS A 33 4.43 -1.26 6.16
CA LYS A 33 5.13 0.03 6.05
C LYS A 33 4.20 1.18 6.45
N LEU A 34 3.03 1.25 5.79
CA LEU A 34 2.03 2.29 6.06
C LEU A 34 1.54 2.25 7.52
N LYS A 35 1.43 1.02 8.10
CA LYS A 35 1.08 0.82 9.51
C LYS A 35 2.09 1.54 10.45
N GLU A 36 3.39 1.28 10.28
CA GLU A 36 4.43 1.82 11.17
C GLU A 36 4.69 3.33 10.88
N GLN A 37 4.23 3.83 9.73
CA GLN A 37 4.37 5.25 9.35
C GLN A 37 3.32 6.12 10.06
N THR A 38 2.02 5.78 9.89
CA THR A 38 0.90 6.60 10.42
C THR A 38 0.33 6.03 11.74
N GLY A 39 0.23 4.69 11.83
CA GLY A 39 -0.29 4.03 13.04
C GLY A 39 -1.62 3.31 12.83
N VAL A 40 -2.29 3.58 11.69
CA VAL A 40 -3.60 2.99 11.37
C VAL A 40 -3.42 1.48 10.99
N PRO A 41 -4.25 0.54 11.57
CA PRO A 41 -4.10 -0.92 11.33
C PRO A 41 -4.44 -1.34 9.88
N PRO A 42 -3.61 -2.22 9.23
CA PRO A 42 -3.81 -2.62 7.81
C PRO A 42 -5.09 -3.49 7.61
N GLU A 43 -5.57 -4.10 8.71
CA GLU A 43 -6.83 -4.89 8.74
C GLU A 43 -8.06 -4.03 8.38
N GLN A 44 -7.93 -2.71 8.56
CA GLN A 44 -9.01 -1.74 8.34
C GLN A 44 -8.87 -1.05 6.96
N LEU A 45 -7.74 -1.30 6.25
CA LEU A 45 -7.45 -0.63 4.96
C LEU A 45 -7.27 -1.64 3.82
N ARG A 46 -7.33 -1.07 2.61
CA ARG A 46 -7.07 -1.76 1.34
C ARG A 46 -6.04 -0.92 0.58
N VAL A 47 -4.92 -1.54 0.17
CA VAL A 47 -3.92 -0.85 -0.67
C VAL A 47 -4.46 -0.76 -2.10
N ILE A 48 -4.50 0.46 -2.65
CA ILE A 48 -5.08 0.77 -3.97
C ILE A 48 -4.00 1.38 -4.86
N TYR A 49 -3.89 0.89 -6.11
CA TYR A 49 -2.99 1.46 -7.13
C TYR A 49 -3.82 1.99 -8.29
N ASN A 50 -3.84 3.33 -8.45
CA ASN A 50 -4.38 4.01 -9.65
C ASN A 50 -5.91 3.70 -9.83
N GLY A 51 -6.57 3.34 -8.71
CA GLY A 51 -8.01 3.02 -8.69
C GLY A 51 -8.31 1.52 -8.53
N ARG A 52 -7.30 0.66 -8.77
CA ARG A 52 -7.43 -0.81 -8.65
C ARG A 52 -7.14 -1.28 -7.21
N GLU A 53 -7.95 -2.23 -6.68
CA GLU A 53 -7.69 -2.85 -5.37
C GLU A 53 -6.58 -3.90 -5.50
N LEU A 54 -5.62 -3.87 -4.56
CA LEU A 54 -4.46 -4.77 -4.57
C LEU A 54 -4.63 -5.85 -3.51
N GLU A 55 -4.44 -7.11 -3.93
CA GLU A 55 -4.53 -8.27 -3.05
C GLU A 55 -3.24 -8.38 -2.23
N PRO A 56 -3.34 -8.57 -0.86
CA PRO A 56 -2.16 -8.57 0.05
C PRO A 56 -1.12 -9.66 -0.34
N ARG A 57 -1.65 -10.83 -0.71
CA ARG A 57 -0.85 -12.02 -1.12
C ARG A 57 0.09 -11.72 -2.30
N THR A 58 -0.39 -10.88 -3.22
CA THR A 58 0.24 -10.65 -4.53
C THR A 58 1.45 -9.67 -4.43
N THR A 59 2.34 -9.71 -5.42
CA THR A 59 3.60 -8.93 -5.45
C THR A 59 3.37 -7.53 -6.08
N LEU A 60 4.35 -6.63 -5.86
CA LEU A 60 4.34 -5.25 -6.40
C LEU A 60 4.52 -5.23 -7.93
N GLU A 61 5.50 -6.02 -8.40
CA GLU A 61 5.85 -6.18 -9.84
C GLU A 61 4.62 -6.58 -10.69
N GLU A 62 3.69 -7.32 -10.06
CA GLU A 62 2.42 -7.77 -10.67
C GLU A 62 1.52 -6.57 -11.01
N TYR A 63 1.38 -5.64 -10.05
CA TYR A 63 0.50 -4.47 -10.18
C TYR A 63 1.21 -3.25 -10.81
N ASN A 64 2.50 -3.42 -11.15
CA ASN A 64 3.35 -2.36 -11.72
C ASN A 64 3.44 -1.17 -10.72
N ILE A 65 3.75 -1.51 -9.45
CA ILE A 65 3.95 -0.51 -8.40
C ILE A 65 5.32 0.16 -8.63
N THR A 66 5.33 1.15 -9.53
CA THR A 66 6.55 1.81 -10.01
C THR A 66 6.81 3.12 -9.25
N PRO A 67 8.10 3.62 -9.22
CA PRO A 67 8.48 4.79 -8.39
C PRO A 67 7.77 6.09 -8.86
N GLY A 68 7.16 6.79 -7.89
CA GLY A 68 6.50 8.07 -8.12
C GLY A 68 4.99 7.99 -8.04
N VAL A 69 4.42 6.76 -8.04
CA VAL A 69 2.96 6.57 -7.98
C VAL A 69 2.41 6.80 -6.57
N THR A 70 1.13 7.18 -6.50
CA THR A 70 0.42 7.42 -5.25
C THR A 70 -0.62 6.31 -5.02
N LEU A 71 -0.24 5.33 -4.19
CA LEU A 71 -1.17 4.35 -3.62
C LEU A 71 -2.13 5.07 -2.67
N GLU A 72 -3.34 4.54 -2.53
CA GLU A 72 -4.35 5.08 -1.62
C GLU A 72 -4.88 3.97 -0.72
N LEU A 73 -5.34 4.35 0.47
CA LEU A 73 -5.91 3.41 1.44
C LEU A 73 -7.40 3.67 1.56
N LYS A 74 -8.20 2.70 1.11
CA LYS A 74 -9.66 2.72 1.23
C LYS A 74 -10.07 1.79 2.38
N THR A 75 -11.13 2.16 3.13
CA THR A 75 -11.58 1.39 4.29
C THR A 75 -12.06 -0.04 3.90
N ARG A 76 -11.84 -1.00 4.81
CA ARG A 76 -12.19 -2.41 4.62
C ARG A 76 -13.19 -2.80 5.71
N SER A 77 -14.43 -3.14 5.30
CA SER A 77 -15.47 -3.59 6.21
C SER A 77 -15.12 -4.99 6.75
N SER A 78 -14.49 -5.03 7.93
CA SER A 78 -13.95 -6.26 8.53
C SER A 78 -14.10 -6.21 10.05
N GLY A 79 -14.34 -7.39 10.66
CA GLY A 79 -14.20 -7.57 12.10
C GLY A 79 -12.74 -7.45 12.53
N HIS A 80 -12.50 -6.97 13.76
CA HIS A 80 -11.14 -6.73 14.30
C HIS A 80 -10.25 -8.00 14.22
N GLY A 81 -9.35 -8.01 13.22
CA GLY A 81 -8.62 -9.21 12.83
C GLY A 81 -7.31 -9.40 13.57
N THR A 82 -7.42 -9.82 14.84
CA THR A 82 -6.26 -10.20 15.67
C THR A 82 -5.66 -11.55 15.15
N GLY A 1 23.94 -2.07 -4.74
CA GLY A 1 22.99 -1.54 -5.74
C GLY A 1 21.75 -2.43 -5.88
N PRO A 2 20.75 -2.31 -4.95
CA PRO A 2 19.48 -3.06 -5.06
C PRO A 2 18.47 -2.36 -6.00
N GLY A 3 17.67 -3.16 -6.72
CA GLY A 3 16.66 -2.63 -7.64
C GLY A 3 15.38 -2.23 -6.92
N SER A 4 15.46 -1.19 -6.08
CA SER A 4 14.33 -0.68 -5.30
C SER A 4 13.67 0.54 -5.98
N LEU A 5 12.59 1.01 -5.38
CA LEU A 5 11.71 2.06 -5.92
C LEU A 5 10.95 2.73 -4.76
N GLU A 6 10.75 4.05 -4.84
CA GLU A 6 10.11 4.81 -3.75
C GLU A 6 8.71 5.29 -4.18
N ILE A 7 7.68 4.75 -3.50
CA ILE A 7 6.26 5.01 -3.81
C ILE A 7 5.59 5.82 -2.68
N LYS A 8 4.29 6.10 -2.85
CA LYS A 8 3.49 6.88 -1.90
C LYS A 8 2.19 6.15 -1.53
N ILE A 9 1.71 6.35 -0.27
CA ILE A 9 0.45 5.73 0.22
C ILE A 9 -0.44 6.83 0.86
N ARG A 10 -1.50 7.22 0.14
CA ARG A 10 -2.46 8.23 0.59
C ARG A 10 -3.52 7.56 1.52
N THR A 11 -3.42 7.85 2.82
CA THR A 11 -4.19 7.15 3.87
C THR A 11 -5.61 7.72 4.05
N THR A 12 -6.44 6.98 4.81
CA THR A 12 -7.75 7.47 5.29
C THR A 12 -7.60 8.61 6.32
N GLU A 13 -6.39 8.74 6.87
CA GLU A 13 -6.04 9.83 7.80
C GLU A 13 -5.95 11.18 7.04
N GLY A 14 -5.73 11.09 5.70
CA GLY A 14 -5.70 12.26 4.82
C GLY A 14 -4.29 12.77 4.54
N ARG A 15 -3.30 11.92 4.83
CA ARG A 15 -1.87 12.22 4.57
C ARG A 15 -1.32 11.28 3.49
N THR A 16 -0.33 11.72 2.72
CA THR A 16 0.34 10.89 1.72
C THR A 16 1.75 10.55 2.21
N LEU A 17 2.02 9.25 2.38
CA LEU A 17 3.30 8.73 2.90
C LEU A 17 4.27 8.56 1.73
N THR A 18 5.56 8.41 2.02
CA THR A 18 6.57 8.16 0.97
C THR A 18 7.63 7.19 1.52
N VAL A 19 7.59 5.92 1.06
CA VAL A 19 8.51 4.84 1.51
C VAL A 19 9.18 4.16 0.29
N ASP A 20 10.41 3.65 0.49
CA ASP A 20 11.15 2.91 -0.56
C ASP A 20 11.10 1.39 -0.27
N VAL A 21 10.75 0.62 -1.31
CA VAL A 21 10.52 -0.84 -1.27
C VAL A 21 11.02 -1.45 -2.58
N LYS A 22 10.86 -2.78 -2.75
CA LYS A 22 11.38 -3.50 -3.94
C LYS A 22 10.20 -4.17 -4.71
N PRO A 23 10.29 -4.34 -6.07
CA PRO A 23 9.19 -4.94 -6.89
C PRO A 23 8.94 -6.44 -6.58
N ASP A 24 9.95 -7.13 -6.01
CA ASP A 24 9.84 -8.55 -5.60
C ASP A 24 8.99 -8.70 -4.33
N ARG A 25 8.76 -7.58 -3.62
CA ARG A 25 8.02 -7.58 -2.34
C ARG A 25 6.52 -7.72 -2.60
N THR A 26 5.78 -8.21 -1.61
CA THR A 26 4.32 -8.37 -1.68
C THR A 26 3.63 -7.12 -1.14
N ILE A 27 2.32 -7.01 -1.37
CA ILE A 27 1.52 -5.86 -0.88
C ILE A 27 1.48 -5.88 0.67
N GLU A 28 1.63 -7.09 1.27
CA GLU A 28 1.79 -7.29 2.74
C GLU A 28 2.89 -6.38 3.31
N GLU A 29 4.02 -6.32 2.59
CA GLU A 29 5.17 -5.48 2.94
C GLU A 29 4.75 -4.00 3.01
N LEU A 30 3.99 -3.55 1.99
CA LEU A 30 3.48 -2.16 1.89
C LEU A 30 2.55 -1.84 3.06
N MET A 31 1.66 -2.81 3.37
CA MET A 31 0.68 -2.74 4.46
C MET A 31 1.37 -2.51 5.81
N GLU A 32 2.54 -3.12 5.99
CA GLU A 32 3.35 -2.98 7.20
C GLU A 32 4.03 -1.60 7.26
N LYS A 33 4.49 -1.12 6.08
CA LYS A 33 5.15 0.19 5.97
C LYS A 33 4.17 1.31 6.38
N LEU A 34 3.00 1.35 5.72
CA LEU A 34 1.98 2.38 5.98
C LEU A 34 1.51 2.33 7.44
N LYS A 35 1.45 1.12 8.03
CA LYS A 35 1.08 0.91 9.44
C LYS A 35 2.03 1.70 10.38
N GLU A 36 3.35 1.52 10.21
CA GLU A 36 4.34 2.16 11.09
C GLU A 36 4.50 3.67 10.78
N GLN A 37 4.06 4.09 9.57
CA GLN A 37 4.18 5.49 9.09
C GLN A 37 3.05 6.38 9.63
N THR A 38 1.79 5.91 9.54
CA THR A 38 0.59 6.72 9.87
C THR A 38 -0.19 6.14 11.06
N GLY A 39 0.16 4.91 11.50
CA GLY A 39 -0.39 4.32 12.73
C GLY A 39 -1.65 3.50 12.53
N VAL A 40 -2.35 3.69 11.39
CA VAL A 40 -3.62 3.00 11.12
C VAL A 40 -3.35 1.50 10.78
N PRO A 41 -4.09 0.51 11.42
CA PRO A 41 -3.91 -0.95 11.16
C PRO A 41 -4.25 -1.30 9.69
N PRO A 42 -3.34 -2.04 8.96
CA PRO A 42 -3.51 -2.32 7.51
C PRO A 42 -4.69 -3.26 7.22
N GLU A 43 -5.02 -4.11 8.19
CA GLU A 43 -6.14 -5.08 8.10
C GLU A 43 -7.51 -4.36 8.04
N GLN A 44 -7.52 -3.07 8.44
CA GLN A 44 -8.71 -2.20 8.43
C GLN A 44 -8.84 -1.47 7.06
N LEU A 45 -7.79 -1.57 6.21
CA LEU A 45 -7.70 -0.86 4.90
C LEU A 45 -7.43 -1.81 3.73
N ARG A 46 -7.65 -1.26 2.52
CA ARG A 46 -7.29 -1.88 1.25
C ARG A 46 -6.26 -0.94 0.59
N VAL A 47 -5.11 -1.48 0.16
CA VAL A 47 -4.10 -0.71 -0.59
C VAL A 47 -4.59 -0.58 -2.05
N ILE A 48 -4.59 0.66 -2.59
CA ILE A 48 -5.24 0.97 -3.89
C ILE A 48 -4.26 1.74 -4.82
N TYR A 49 -3.67 1.04 -5.80
CA TYR A 49 -2.73 1.64 -6.77
C TYR A 49 -3.48 2.41 -7.85
N ASN A 50 -3.54 3.74 -7.70
CA ASN A 50 -4.04 4.67 -8.74
C ASN A 50 -5.51 4.36 -9.15
N GLY A 51 -6.28 3.74 -8.23
CA GLY A 51 -7.67 3.33 -8.48
C GLY A 51 -7.86 1.83 -8.65
N ARG A 52 -6.77 1.06 -8.53
CA ARG A 52 -6.77 -0.42 -8.65
C ARG A 52 -6.60 -1.03 -7.26
N GLU A 53 -7.52 -1.94 -6.88
CA GLU A 53 -7.46 -2.63 -5.59
C GLU A 53 -6.31 -3.65 -5.59
N LEU A 54 -5.52 -3.65 -4.51
CA LEU A 54 -4.35 -4.52 -4.36
C LEU A 54 -4.59 -5.52 -3.23
N GLU A 55 -4.28 -6.80 -3.52
CA GLU A 55 -4.47 -7.90 -2.58
C GLU A 55 -3.15 -8.15 -1.84
N PRO A 56 -3.16 -8.32 -0.48
CA PRO A 56 -1.92 -8.43 0.34
C PRO A 56 -0.93 -9.51 -0.17
N ARG A 57 -1.47 -10.70 -0.46
CA ARG A 57 -0.69 -11.87 -0.92
C ARG A 57 0.08 -11.58 -2.23
N THR A 58 -0.53 -10.76 -3.11
CA THR A 58 -0.02 -10.51 -4.46
C THR A 58 1.25 -9.61 -4.42
N THR A 59 2.15 -9.81 -5.39
CA THR A 59 3.43 -9.09 -5.46
C THR A 59 3.25 -7.68 -6.11
N LEU A 60 4.25 -6.80 -5.93
CA LEU A 60 4.26 -5.42 -6.48
C LEU A 60 4.37 -5.42 -8.01
N GLU A 61 5.31 -6.24 -8.50
CA GLU A 61 5.59 -6.43 -9.94
C GLU A 61 4.36 -6.88 -10.74
N GLU A 62 3.41 -7.55 -10.05
CA GLU A 62 2.15 -8.03 -10.64
C GLU A 62 1.24 -6.83 -10.99
N TYR A 63 1.30 -5.79 -10.15
CA TYR A 63 0.50 -4.55 -10.32
C TYR A 63 1.30 -3.44 -11.03
N ASN A 64 2.63 -3.66 -11.18
CA ASN A 64 3.57 -2.67 -11.74
C ASN A 64 3.63 -1.43 -10.82
N ILE A 65 4.08 -1.67 -9.58
CA ILE A 65 4.24 -0.61 -8.56
C ILE A 65 5.63 0.03 -8.74
N THR A 66 5.69 1.10 -9.54
CA THR A 66 6.94 1.79 -9.92
C THR A 66 7.18 3.06 -9.06
N PRO A 67 8.40 3.72 -9.10
CA PRO A 67 8.69 4.89 -8.24
C PRO A 67 7.81 6.10 -8.60
N GLY A 68 7.27 6.78 -7.57
CA GLY A 68 6.50 8.00 -7.75
C GLY A 68 5.00 7.78 -7.86
N VAL A 69 4.56 6.51 -7.90
CA VAL A 69 3.13 6.18 -8.01
C VAL A 69 2.41 6.40 -6.67
N THR A 70 1.13 6.79 -6.74
CA THR A 70 0.30 7.09 -5.58
C THR A 70 -0.70 5.95 -5.35
N LEU A 71 -0.40 5.17 -4.30
CA LEU A 71 -1.36 4.22 -3.69
C LEU A 71 -2.33 5.02 -2.80
N GLU A 72 -3.43 4.37 -2.41
CA GLU A 72 -4.43 4.95 -1.52
C GLU A 72 -4.86 3.88 -0.50
N LEU A 73 -5.63 4.31 0.51
CA LEU A 73 -6.24 3.42 1.50
C LEU A 73 -7.74 3.66 1.56
N LYS A 74 -8.51 2.69 1.03
CA LYS A 74 -9.97 2.66 1.13
C LYS A 74 -10.35 1.65 2.24
N THR A 75 -11.35 2.00 3.06
CA THR A 75 -11.72 1.21 4.25
C THR A 75 -12.18 -0.23 3.89
N ARG A 76 -11.43 -1.20 4.41
CA ARG A 76 -11.75 -2.64 4.30
C ARG A 76 -12.73 -3.02 5.43
N SER A 77 -13.94 -3.43 5.03
CA SER A 77 -14.98 -3.88 5.96
C SER A 77 -14.58 -5.25 6.54
N SER A 78 -14.18 -5.27 7.81
CA SER A 78 -13.76 -6.47 8.52
C SER A 78 -14.98 -7.22 9.09
N GLY A 79 -14.89 -8.56 9.11
CA GLY A 79 -15.98 -9.42 9.60
C GLY A 79 -15.93 -9.59 11.12
N HIS A 80 -14.72 -9.77 11.66
CA HIS A 80 -14.50 -10.07 13.09
C HIS A 80 -13.04 -9.75 13.50
N GLY A 81 -12.38 -8.90 12.69
CA GLY A 81 -10.93 -8.75 12.73
C GLY A 81 -10.25 -9.66 11.71
N THR A 82 -8.92 -9.85 11.83
CA THR A 82 -8.14 -10.74 10.94
C THR A 82 -7.52 -11.89 11.77
N GLY A 1 18.43 1.92 -4.70
CA GLY A 1 18.63 2.36 -6.10
C GLY A 1 17.59 1.73 -7.03
N PRO A 2 17.98 1.24 -8.26
CA PRO A 2 17.03 0.60 -9.21
C PRO A 2 16.47 -0.75 -8.71
N GLY A 3 17.18 -1.39 -7.76
CA GLY A 3 16.72 -2.62 -7.08
C GLY A 3 15.49 -2.38 -6.21
N SER A 4 15.33 -1.12 -5.75
CA SER A 4 14.13 -0.65 -5.04
C SER A 4 13.43 0.45 -5.87
N LEU A 5 12.42 1.09 -5.25
CA LEU A 5 11.61 2.15 -5.87
C LEU A 5 10.82 2.92 -4.80
N GLU A 6 10.77 4.24 -4.94
CA GLU A 6 10.15 5.13 -3.93
C GLU A 6 8.73 5.52 -4.37
N ILE A 7 7.74 4.91 -3.71
CA ILE A 7 6.31 5.17 -3.93
C ILE A 7 5.73 6.01 -2.78
N LYS A 8 4.44 6.36 -2.88
CA LYS A 8 3.74 7.16 -1.86
C LYS A 8 2.38 6.50 -1.53
N ILE A 9 2.09 6.28 -0.22
CA ILE A 9 0.80 5.70 0.22
C ILE A 9 -0.03 6.79 0.94
N ARG A 10 -0.96 7.38 0.18
CA ARG A 10 -2.02 8.24 0.73
C ARG A 10 -2.93 7.42 1.65
N THR A 11 -3.08 7.85 2.90
CA THR A 11 -3.98 7.21 3.87
C THR A 11 -5.42 7.77 3.79
N THR A 12 -6.33 7.17 4.57
CA THR A 12 -7.67 7.72 4.84
C THR A 12 -7.56 9.03 5.64
N GLU A 13 -6.47 9.15 6.43
CA GLU A 13 -6.15 10.34 7.24
C GLU A 13 -5.83 11.56 6.34
N GLY A 14 -5.40 11.27 5.09
CA GLY A 14 -5.10 12.30 4.10
C GLY A 14 -3.61 12.45 3.84
N ARG A 15 -2.80 12.11 4.86
CA ARG A 15 -1.32 12.17 4.77
C ARG A 15 -0.79 11.13 3.75
N THR A 16 0.14 11.56 2.91
CA THR A 16 0.73 10.71 1.87
C THR A 16 2.16 10.30 2.30
N LEU A 17 2.39 8.98 2.43
CA LEU A 17 3.59 8.40 3.06
C LEU A 17 4.60 7.94 2.00
N THR A 18 5.57 8.80 1.69
CA THR A 18 6.60 8.52 0.68
C THR A 18 7.68 7.56 1.25
N VAL A 19 7.58 6.27 0.87
CA VAL A 19 8.50 5.19 1.33
C VAL A 19 9.14 4.50 0.12
N ASP A 20 10.32 3.89 0.32
CA ASP A 20 11.03 3.14 -0.73
C ASP A 20 11.11 1.64 -0.37
N VAL A 21 10.72 0.80 -1.33
CA VAL A 21 10.62 -0.67 -1.20
C VAL A 21 10.99 -1.34 -2.54
N LYS A 22 11.17 -2.67 -2.54
CA LYS A 22 11.57 -3.43 -3.74
C LYS A 22 10.33 -3.99 -4.48
N PRO A 23 10.35 -4.08 -5.87
CA PRO A 23 9.21 -4.63 -6.66
C PRO A 23 8.97 -6.14 -6.41
N ASP A 24 9.98 -6.78 -5.81
CA ASP A 24 10.01 -8.22 -5.50
C ASP A 24 9.17 -8.53 -4.24
N ARG A 25 8.87 -7.47 -3.46
CA ARG A 25 8.10 -7.57 -2.21
C ARG A 25 6.62 -7.85 -2.51
N THR A 26 5.87 -8.27 -1.48
CA THR A 26 4.41 -8.44 -1.57
C THR A 26 3.70 -7.20 -1.01
N ILE A 27 2.40 -7.07 -1.30
CA ILE A 27 1.59 -5.93 -0.82
C ILE A 27 1.49 -5.97 0.72
N GLU A 28 1.69 -7.18 1.32
CA GLU A 28 1.86 -7.36 2.79
C GLU A 28 2.90 -6.39 3.36
N GLU A 29 4.03 -6.27 2.64
CA GLU A 29 5.14 -5.39 3.01
C GLU A 29 4.72 -3.92 2.97
N LEU A 30 3.87 -3.57 1.99
CA LEU A 30 3.33 -2.19 1.87
C LEU A 30 2.40 -1.88 3.04
N MET A 31 1.50 -2.84 3.35
CA MET A 31 0.55 -2.78 4.46
C MET A 31 1.29 -2.65 5.80
N GLU A 32 2.50 -3.25 5.85
CA GLU A 32 3.41 -3.20 7.00
C GLU A 32 3.98 -1.78 7.18
N LYS A 33 4.41 -1.20 6.03
CA LYS A 33 5.07 0.13 6.02
C LYS A 33 4.08 1.22 6.44
N LEU A 34 2.92 1.30 5.77
CA LEU A 34 1.87 2.31 6.10
C LEU A 34 1.40 2.15 7.55
N LYS A 35 1.41 0.89 8.07
CA LYS A 35 1.10 0.62 9.48
C LYS A 35 2.15 1.26 10.42
N GLU A 36 3.44 1.10 10.12
CA GLU A 36 4.51 1.65 10.97
C GLU A 36 4.74 3.16 10.71
N GLN A 37 4.12 3.70 9.64
CA GLN A 37 4.25 5.13 9.25
C GLN A 37 3.15 6.03 9.86
N THR A 38 1.90 5.55 9.86
CA THR A 38 0.74 6.35 10.37
C THR A 38 -0.01 5.63 11.51
N GLY A 39 0.33 4.36 11.78
CA GLY A 39 -0.24 3.61 12.91
C GLY A 39 -1.62 3.03 12.65
N VAL A 40 -2.17 3.23 11.43
CA VAL A 40 -3.52 2.77 11.07
C VAL A 40 -3.45 1.25 10.73
N PRO A 41 -4.36 0.40 11.32
CA PRO A 41 -4.33 -1.08 11.12
C PRO A 41 -4.75 -1.47 9.68
N PRO A 42 -3.84 -2.13 8.88
CA PRO A 42 -4.10 -2.46 7.45
C PRO A 42 -5.21 -3.54 7.27
N GLU A 43 -5.57 -4.22 8.37
CA GLU A 43 -6.74 -5.16 8.41
C GLU A 43 -8.07 -4.41 8.08
N GLN A 44 -8.06 -3.11 8.38
CA GLN A 44 -9.21 -2.20 8.26
C GLN A 44 -9.05 -1.29 7.03
N LEU A 45 -7.99 -1.50 6.24
CA LEU A 45 -7.68 -0.70 5.03
C LEU A 45 -7.49 -1.59 3.79
N ARG A 46 -7.57 -0.94 2.62
CA ARG A 46 -7.35 -1.54 1.31
C ARG A 46 -6.28 -0.69 0.59
N VAL A 47 -5.17 -1.32 0.19
CA VAL A 47 -4.14 -0.64 -0.63
C VAL A 47 -4.65 -0.57 -2.07
N ILE A 48 -4.63 0.64 -2.67
CA ILE A 48 -5.20 0.90 -4.00
C ILE A 48 -4.13 1.53 -4.92
N TYR A 49 -3.93 0.97 -6.11
CA TYR A 49 -3.07 1.55 -7.17
C TYR A 49 -3.96 1.96 -8.35
N ASN A 50 -4.12 3.28 -8.54
CA ASN A 50 -4.81 3.88 -9.71
C ASN A 50 -6.30 3.45 -9.82
N GLY A 51 -6.89 3.05 -8.68
CA GLY A 51 -8.29 2.56 -8.62
C GLY A 51 -8.41 1.05 -8.48
N ARG A 52 -7.31 0.33 -8.72
CA ARG A 52 -7.24 -1.14 -8.62
C ARG A 52 -6.92 -1.54 -7.17
N GLU A 53 -7.61 -2.58 -6.64
CA GLU A 53 -7.37 -3.05 -5.27
C GLU A 53 -6.21 -4.05 -5.26
N LEU A 54 -5.29 -3.87 -4.31
CA LEU A 54 -4.04 -4.63 -4.24
C LEU A 54 -4.14 -5.66 -3.11
N GLU A 55 -4.05 -6.93 -3.50
CA GLU A 55 -4.16 -8.07 -2.61
C GLU A 55 -2.81 -8.30 -1.90
N PRO A 56 -2.79 -8.41 -0.52
CA PRO A 56 -1.52 -8.62 0.25
C PRO A 56 -0.77 -9.89 -0.23
N ARG A 57 -1.55 -10.88 -0.68
CA ARG A 57 -1.08 -12.18 -1.20
C ARG A 57 -0.51 -12.09 -2.65
N THR A 58 -0.17 -10.89 -3.11
CA THR A 58 0.38 -10.66 -4.46
C THR A 58 1.60 -9.72 -4.37
N THR A 59 2.54 -9.82 -5.34
CA THR A 59 3.74 -8.98 -5.39
C THR A 59 3.48 -7.61 -6.07
N LEU A 60 4.43 -6.68 -5.87
CA LEU A 60 4.37 -5.28 -6.35
C LEU A 60 4.48 -5.22 -7.89
N GLU A 61 5.41 -6.03 -8.41
CA GLU A 61 5.69 -6.16 -9.86
C GLU A 61 4.41 -6.50 -10.68
N GLU A 62 3.48 -7.23 -10.05
CA GLU A 62 2.20 -7.63 -10.68
C GLU A 62 1.26 -6.44 -10.88
N TYR A 63 1.27 -5.51 -9.93
CA TYR A 63 0.44 -4.28 -9.98
C TYR A 63 1.19 -3.10 -10.61
N ASN A 64 2.45 -3.36 -11.03
CA ASN A 64 3.36 -2.35 -11.60
C ASN A 64 3.54 -1.18 -10.62
N ILE A 65 3.81 -1.54 -9.35
CA ILE A 65 4.11 -0.59 -8.28
C ILE A 65 5.51 0.00 -8.56
N THR A 66 5.52 1.06 -9.37
CA THR A 66 6.73 1.73 -9.86
C THR A 66 6.93 3.07 -9.10
N PRO A 67 8.17 3.67 -9.10
CA PRO A 67 8.46 4.88 -8.30
C PRO A 67 7.65 6.11 -8.78
N GLY A 68 7.17 6.91 -7.82
CA GLY A 68 6.45 8.16 -8.11
C GLY A 68 4.93 8.01 -8.14
N VAL A 69 4.41 6.77 -8.01
CA VAL A 69 2.96 6.51 -8.00
C VAL A 69 2.36 6.81 -6.61
N THR A 70 1.05 7.07 -6.57
CA THR A 70 0.31 7.35 -5.33
C THR A 70 -0.72 6.23 -5.08
N LEU A 71 -0.36 5.32 -4.19
CA LEU A 71 -1.29 4.35 -3.58
C LEU A 71 -2.25 5.09 -2.65
N GLU A 72 -3.47 4.56 -2.51
CA GLU A 72 -4.49 5.13 -1.62
C GLU A 72 -4.99 4.06 -0.64
N LEU A 73 -5.39 4.49 0.54
CA LEU A 73 -6.04 3.63 1.53
C LEU A 73 -7.53 3.96 1.58
N LYS A 74 -8.35 2.99 1.20
CA LYS A 74 -9.81 3.03 1.35
C LYS A 74 -10.19 2.09 2.49
N THR A 75 -11.23 2.45 3.26
CA THR A 75 -11.66 1.66 4.42
C THR A 75 -12.18 0.27 3.98
N ARG A 76 -11.93 -0.73 4.82
CA ARG A 76 -12.24 -2.13 4.54
C ARG A 76 -13.24 -2.65 5.57
N SER A 77 -14.49 -2.81 5.14
CA SER A 77 -15.57 -3.40 5.96
C SER A 77 -15.35 -4.92 6.06
N SER A 78 -14.49 -5.33 7.00
CA SER A 78 -14.15 -6.73 7.27
C SER A 78 -14.08 -6.93 8.79
N GLY A 79 -12.93 -6.51 9.40
CA GLY A 79 -12.71 -6.64 10.84
C GLY A 79 -12.45 -8.09 11.28
N HIS A 80 -13.53 -8.91 11.22
CA HIS A 80 -13.53 -10.38 11.48
C HIS A 80 -13.45 -10.66 13.01
N GLY A 81 -13.34 -9.59 13.82
CA GLY A 81 -13.18 -9.70 15.27
C GLY A 81 -11.71 -9.85 15.70
N THR A 82 -10.88 -10.38 14.78
CA THR A 82 -9.44 -10.71 14.99
C THR A 82 -9.19 -11.44 16.35
N GLY A 1 14.83 -10.04 -7.58
CA GLY A 1 16.14 -9.35 -7.64
C GLY A 1 16.11 -7.99 -6.96
N PRO A 2 17.24 -7.20 -7.00
CA PRO A 2 17.37 -5.91 -6.28
C PRO A 2 16.75 -4.73 -7.06
N GLY A 3 17.10 -3.50 -6.66
CA GLY A 3 16.60 -2.29 -7.30
C GLY A 3 15.30 -1.80 -6.69
N SER A 4 15.38 -1.36 -5.43
CA SER A 4 14.24 -0.81 -4.70
C SER A 4 13.75 0.51 -5.33
N LEU A 5 12.44 0.75 -5.25
CA LEU A 5 11.77 1.93 -5.83
C LEU A 5 10.96 2.67 -4.75
N GLU A 6 11.10 4.00 -4.75
CA GLU A 6 10.48 4.88 -3.76
C GLU A 6 9.07 5.26 -4.20
N ILE A 7 8.06 4.66 -3.58
CA ILE A 7 6.64 4.90 -3.88
C ILE A 7 5.98 5.72 -2.75
N LYS A 8 4.66 5.96 -2.90
CA LYS A 8 3.86 6.69 -1.91
C LYS A 8 2.57 5.92 -1.58
N ILE A 9 2.07 6.06 -0.34
CA ILE A 9 0.77 5.50 0.09
C ILE A 9 -0.08 6.63 0.72
N ARG A 10 -1.13 7.04 0.00
CA ARG A 10 -2.11 8.04 0.47
C ARG A 10 -3.17 7.35 1.36
N THR A 11 -3.15 7.65 2.66
CA THR A 11 -4.06 7.05 3.65
C THR A 11 -5.52 7.59 3.52
N THR A 12 -6.46 6.97 4.27
CA THR A 12 -7.83 7.50 4.47
C THR A 12 -7.79 8.85 5.23
N GLU A 13 -6.72 9.04 6.01
CA GLU A 13 -6.44 10.29 6.76
C GLU A 13 -6.22 11.47 5.77
N GLY A 14 -5.81 11.11 4.53
CA GLY A 14 -5.55 12.08 3.47
C GLY A 14 -4.06 12.28 3.25
N ARG A 15 -3.28 12.10 4.34
CA ARG A 15 -1.80 12.25 4.33
C ARG A 15 -1.17 11.23 3.37
N THR A 16 -0.20 11.67 2.57
CA THR A 16 0.53 10.80 1.63
C THR A 16 1.92 10.49 2.19
N LEU A 17 2.13 9.22 2.52
CA LEU A 17 3.39 8.68 3.06
C LEU A 17 4.31 8.38 1.88
N THR A 18 5.61 8.28 2.12
CA THR A 18 6.59 7.99 1.05
C THR A 18 7.64 6.98 1.58
N VAL A 19 7.64 5.75 1.02
CA VAL A 19 8.56 4.67 1.44
C VAL A 19 9.26 4.03 0.22
N ASP A 20 10.52 3.60 0.40
CA ASP A 20 11.26 2.84 -0.64
C ASP A 20 11.14 1.33 -0.34
N VAL A 21 10.73 0.58 -1.37
CA VAL A 21 10.45 -0.88 -1.29
C VAL A 21 10.82 -1.55 -2.62
N LYS A 22 11.23 -2.81 -2.58
CA LYS A 22 11.54 -3.59 -3.80
C LYS A 22 10.24 -3.97 -4.54
N PRO A 23 10.26 -4.03 -5.91
CA PRO A 23 9.11 -4.56 -6.71
C PRO A 23 8.92 -6.09 -6.47
N ASP A 24 10.00 -6.70 -5.94
CA ASP A 24 10.06 -8.12 -5.53
C ASP A 24 9.20 -8.40 -4.28
N ARG A 25 8.86 -7.31 -3.53
CA ARG A 25 8.07 -7.40 -2.28
C ARG A 25 6.59 -7.72 -2.59
N THR A 26 5.84 -8.14 -1.57
CA THR A 26 4.38 -8.34 -1.64
C THR A 26 3.68 -7.09 -1.08
N ILE A 27 2.36 -6.94 -1.37
CA ILE A 27 1.58 -5.78 -0.90
C ILE A 27 1.48 -5.81 0.65
N GLU A 28 1.59 -7.03 1.23
CA GLU A 28 1.69 -7.25 2.70
C GLU A 28 2.78 -6.36 3.33
N GLU A 29 3.94 -6.28 2.65
CA GLU A 29 5.07 -5.41 3.03
C GLU A 29 4.61 -3.97 3.14
N LEU A 30 3.88 -3.49 2.12
CA LEU A 30 3.40 -2.10 2.06
C LEU A 30 2.43 -1.80 3.20
N MET A 31 1.56 -2.77 3.49
CA MET A 31 0.57 -2.69 4.57
C MET A 31 1.25 -2.56 5.95
N GLU A 32 2.42 -3.23 6.09
CA GLU A 32 3.27 -3.12 7.29
C GLU A 32 3.92 -1.74 7.39
N LYS A 33 4.38 -1.23 6.24
CA LYS A 33 5.11 0.05 6.17
C LYS A 33 4.18 1.23 6.51
N LEU A 34 3.00 1.31 5.86
CA LEU A 34 2.00 2.36 6.14
C LEU A 34 1.52 2.28 7.60
N LYS A 35 1.46 1.04 8.15
CA LYS A 35 1.15 0.80 9.57
C LYS A 35 2.19 1.46 10.51
N GLU A 36 3.49 1.29 10.24
CA GLU A 36 4.55 1.87 11.10
C GLU A 36 4.78 3.37 10.80
N GLN A 37 4.25 3.86 9.66
CA GLN A 37 4.36 5.29 9.26
C GLN A 37 3.28 6.16 9.94
N THR A 38 2.00 5.83 9.73
CA THR A 38 0.86 6.64 10.25
C THR A 38 0.22 6.00 11.50
N GLY A 39 0.47 4.69 11.73
CA GLY A 39 -0.03 4.00 12.94
C GLY A 39 -1.35 3.25 12.74
N VAL A 40 -1.93 3.35 11.54
CA VAL A 40 -3.26 2.79 11.24
C VAL A 40 -3.15 1.26 10.93
N PRO A 41 -4.02 0.38 11.57
CA PRO A 41 -3.98 -1.09 11.34
C PRO A 41 -4.36 -1.47 9.88
N PRO A 42 -3.51 -2.27 9.17
CA PRO A 42 -3.74 -2.63 7.74
C PRO A 42 -4.97 -3.54 7.52
N GLU A 43 -5.38 -4.25 8.59
CA GLU A 43 -6.60 -5.10 8.58
C GLU A 43 -7.88 -4.25 8.37
N GLN A 44 -7.78 -2.96 8.73
CA GLN A 44 -8.88 -1.98 8.64
C GLN A 44 -8.87 -1.26 7.27
N LEU A 45 -7.80 -1.46 6.46
CA LEU A 45 -7.61 -0.76 5.16
C LEU A 45 -7.40 -1.76 3.99
N ARG A 46 -7.45 -1.20 2.78
CA ARG A 46 -7.12 -1.88 1.52
C ARG A 46 -6.23 -0.94 0.69
N VAL A 47 -5.08 -1.44 0.21
CA VAL A 47 -4.18 -0.67 -0.67
C VAL A 47 -4.79 -0.62 -2.08
N ILE A 48 -4.92 0.59 -2.65
CA ILE A 48 -5.58 0.83 -3.95
C ILE A 48 -4.66 1.64 -4.88
N TYR A 49 -4.29 1.08 -6.03
CA TYR A 49 -3.47 1.78 -7.05
C TYR A 49 -4.40 2.37 -8.11
N ASN A 50 -4.70 3.68 -7.99
CA ASN A 50 -5.41 4.47 -9.02
C ASN A 50 -6.79 3.87 -9.39
N GLY A 51 -7.48 3.30 -8.40
CA GLY A 51 -8.82 2.70 -8.59
C GLY A 51 -8.80 1.18 -8.75
N ARG A 52 -7.62 0.57 -8.67
CA ARG A 52 -7.43 -0.90 -8.71
C ARG A 52 -7.14 -1.41 -7.30
N GLU A 53 -7.86 -2.46 -6.87
CA GLU A 53 -7.69 -3.03 -5.52
C GLU A 53 -6.50 -3.99 -5.49
N LEU A 54 -5.52 -3.72 -4.62
CA LEU A 54 -4.27 -4.50 -4.53
C LEU A 54 -4.39 -5.54 -3.42
N GLU A 55 -4.39 -6.81 -3.81
CA GLU A 55 -4.46 -7.94 -2.87
C GLU A 55 -3.12 -8.07 -2.14
N PRO A 56 -3.13 -8.19 -0.76
CA PRO A 56 -1.90 -8.19 0.06
C PRO A 56 -0.89 -9.28 -0.37
N ARG A 57 -1.42 -10.48 -0.65
CA ARG A 57 -0.62 -11.68 -1.00
C ARG A 57 0.25 -11.47 -2.27
N THR A 58 -0.24 -10.65 -3.20
CA THR A 58 0.35 -10.48 -4.54
C THR A 58 1.54 -9.50 -4.49
N THR A 59 2.50 -9.67 -5.41
CA THR A 59 3.72 -8.83 -5.49
C THR A 59 3.46 -7.46 -6.15
N LEU A 60 4.40 -6.54 -5.91
CA LEU A 60 4.35 -5.13 -6.39
C LEU A 60 4.47 -5.04 -7.91
N GLU A 61 5.40 -5.82 -8.45
CA GLU A 61 5.67 -5.91 -9.90
C GLU A 61 4.38 -6.16 -10.73
N GLU A 62 3.42 -6.90 -10.12
CA GLU A 62 2.11 -7.26 -10.74
C GLU A 62 1.20 -6.04 -10.92
N TYR A 63 1.26 -5.10 -9.95
CA TYR A 63 0.35 -3.92 -9.91
C TYR A 63 1.01 -2.65 -10.48
N ASN A 64 2.18 -2.81 -11.14
CA ASN A 64 2.97 -1.70 -11.74
C ASN A 64 3.36 -0.68 -10.65
N ILE A 65 3.76 -1.20 -9.48
CA ILE A 65 4.24 -0.38 -8.38
C ILE A 65 5.68 0.06 -8.69
N THR A 66 5.78 1.18 -9.42
CA THR A 66 7.04 1.76 -9.91
C THR A 66 7.36 3.08 -9.15
N PRO A 67 8.65 3.60 -9.19
CA PRO A 67 9.08 4.75 -8.34
C PRO A 67 8.27 6.04 -8.64
N GLY A 68 7.60 6.57 -7.59
CA GLY A 68 6.88 7.83 -7.66
C GLY A 68 5.38 7.67 -7.85
N VAL A 69 4.86 6.42 -7.83
CA VAL A 69 3.41 6.16 -7.93
C VAL A 69 2.72 6.40 -6.57
N THR A 70 1.48 6.91 -6.62
CA THR A 70 0.66 7.15 -5.43
C THR A 70 -0.38 6.02 -5.28
N LEU A 71 -0.21 5.22 -4.22
CA LEU A 71 -1.20 4.25 -3.74
C LEU A 71 -2.24 4.98 -2.89
N GLU A 72 -3.28 4.26 -2.50
CA GLU A 72 -4.42 4.80 -1.73
C GLU A 72 -4.79 3.80 -0.64
N LEU A 73 -5.58 4.24 0.35
CA LEU A 73 -6.18 3.35 1.36
C LEU A 73 -7.69 3.56 1.42
N LYS A 74 -8.44 2.46 1.22
CA LYS A 74 -9.90 2.41 1.36
C LYS A 74 -10.26 1.61 2.61
N THR A 75 -11.36 1.97 3.26
CA THR A 75 -11.81 1.31 4.50
C THR A 75 -12.30 -0.13 4.21
N ARG A 76 -11.57 -1.12 4.74
CA ARG A 76 -11.90 -2.55 4.68
C ARG A 76 -13.08 -2.81 5.64
N SER A 77 -14.28 -2.66 5.08
CA SER A 77 -15.55 -2.84 5.80
C SER A 77 -16.66 -2.98 4.77
N SER A 78 -16.74 -1.99 3.87
CA SER A 78 -17.73 -1.94 2.78
C SER A 78 -17.10 -1.30 1.52
N GLY A 79 -17.92 -1.16 0.46
CA GLY A 79 -17.51 -0.51 -0.78
C GLY A 79 -18.74 -0.02 -1.53
N HIS A 80 -19.03 -0.64 -2.68
CA HIS A 80 -20.27 -0.38 -3.45
C HIS A 80 -20.56 -1.60 -4.35
N GLY A 81 -21.15 -2.62 -3.72
CA GLY A 81 -21.66 -3.79 -4.44
C GLY A 81 -23.07 -3.56 -4.93
N THR A 82 -23.93 -3.11 -4.01
CA THR A 82 -25.31 -2.69 -4.31
C THR A 82 -25.42 -1.17 -4.02
N GLY A 1 22.53 -1.82 -5.67
CA GLY A 1 21.94 -1.91 -4.32
C GLY A 1 20.82 -2.95 -4.24
N PRO A 2 19.72 -2.69 -3.46
CA PRO A 2 18.58 -3.64 -3.31
C PRO A 2 17.67 -3.70 -4.55
N GLY A 3 17.70 -2.65 -5.38
CA GLY A 3 16.80 -2.54 -6.54
C GLY A 3 15.41 -2.08 -6.15
N SER A 4 15.34 -1.30 -5.05
CA SER A 4 14.09 -0.77 -4.51
C SER A 4 13.65 0.50 -5.23
N LEU A 5 12.35 0.64 -5.41
CA LEU A 5 11.69 1.84 -5.96
C LEU A 5 10.92 2.57 -4.84
N GLU A 6 10.96 3.90 -4.86
CA GLU A 6 10.37 4.75 -3.82
C GLU A 6 8.96 5.17 -4.23
N ILE A 7 7.96 4.71 -3.51
CA ILE A 7 6.55 5.04 -3.77
C ILE A 7 5.95 5.84 -2.60
N LYS A 8 4.66 6.20 -2.73
CA LYS A 8 3.90 6.97 -1.74
C LYS A 8 2.56 6.27 -1.47
N ILE A 9 2.06 6.34 -0.21
CA ILE A 9 0.76 5.76 0.18
C ILE A 9 -0.12 6.84 0.87
N ARG A 10 -1.08 7.37 0.12
CA ARG A 10 -2.17 8.21 0.63
C ARG A 10 -3.14 7.37 1.50
N THR A 11 -3.25 7.73 2.79
CA THR A 11 -4.13 7.05 3.76
C THR A 11 -5.59 7.55 3.70
N THR A 12 -6.48 6.83 4.42
CA THR A 12 -7.85 7.30 4.73
C THR A 12 -7.83 8.54 5.66
N GLU A 13 -6.70 8.71 6.38
CA GLU A 13 -6.48 9.84 7.30
C GLU A 13 -6.33 11.17 6.51
N GLY A 14 -6.06 11.04 5.19
CA GLY A 14 -5.99 12.20 4.28
C GLY A 14 -4.57 12.76 4.15
N ARG A 15 -3.59 11.95 4.57
CA ARG A 15 -2.15 12.28 4.49
C ARG A 15 -1.45 11.32 3.52
N THR A 16 -0.33 11.75 2.94
CA THR A 16 0.45 10.91 2.01
C THR A 16 1.79 10.53 2.65
N LEU A 17 2.15 9.24 2.59
CA LEU A 17 3.38 8.68 3.16
C LEU A 17 4.40 8.48 2.04
N THR A 18 5.67 8.25 2.38
CA THR A 18 6.70 7.91 1.38
C THR A 18 7.54 6.73 1.92
N VAL A 19 7.53 5.60 1.19
CA VAL A 19 8.26 4.37 1.58
C VAL A 19 9.15 3.90 0.40
N ASP A 20 10.33 3.34 0.73
CA ASP A 20 11.26 2.77 -0.27
C ASP A 20 11.21 1.23 -0.19
N VAL A 21 10.65 0.60 -1.24
CA VAL A 21 10.37 -0.85 -1.27
C VAL A 21 10.76 -1.45 -2.63
N LYS A 22 11.13 -2.74 -2.62
CA LYS A 22 11.47 -3.49 -3.84
C LYS A 22 10.17 -3.85 -4.61
N PRO A 23 10.20 -3.91 -5.97
CA PRO A 23 9.06 -4.42 -6.78
C PRO A 23 8.81 -5.93 -6.51
N ASP A 24 9.86 -6.59 -5.97
CA ASP A 24 9.85 -8.00 -5.57
C ASP A 24 8.91 -8.26 -4.38
N ARG A 25 8.68 -7.21 -3.57
CA ARG A 25 7.90 -7.29 -2.31
C ARG A 25 6.42 -7.61 -2.57
N THR A 26 5.72 -8.11 -1.53
CA THR A 26 4.27 -8.34 -1.55
C THR A 26 3.55 -7.07 -1.12
N ILE A 27 2.25 -6.98 -1.43
CA ILE A 27 1.40 -5.85 -1.00
C ILE A 27 1.26 -5.85 0.54
N GLU A 28 1.41 -7.06 1.15
CA GLU A 28 1.50 -7.23 2.63
C GLU A 28 2.60 -6.34 3.23
N GLU A 29 3.77 -6.31 2.55
CA GLU A 29 4.91 -5.46 2.93
C GLU A 29 4.49 -4.01 3.02
N LEU A 30 3.73 -3.54 2.01
CA LEU A 30 3.24 -2.15 1.94
C LEU A 30 2.32 -1.82 3.11
N MET A 31 1.44 -2.78 3.45
CA MET A 31 0.49 -2.67 4.58
C MET A 31 1.24 -2.50 5.91
N GLU A 32 2.41 -3.15 6.00
CA GLU A 32 3.32 -3.03 7.15
C GLU A 32 4.02 -1.66 7.17
N LYS A 33 4.47 -1.20 5.98
CA LYS A 33 5.21 0.08 5.84
C LYS A 33 4.31 1.26 6.25
N LEU A 34 3.08 1.29 5.72
CA LEU A 34 2.12 2.37 6.01
C LEU A 34 1.71 2.34 7.50
N LYS A 35 1.62 1.12 8.07
CA LYS A 35 1.32 0.92 9.50
C LYS A 35 2.37 1.63 10.40
N GLU A 36 3.66 1.39 10.15
CA GLU A 36 4.76 1.96 10.96
C GLU A 36 4.94 3.47 10.69
N GLN A 37 4.45 3.96 9.54
CA GLN A 37 4.49 5.39 9.17
C GLN A 37 3.39 6.19 9.91
N THR A 38 2.12 5.95 9.54
CA THR A 38 0.98 6.76 10.02
C THR A 38 0.36 6.19 11.32
N GLY A 39 0.53 4.88 11.56
CA GLY A 39 0.06 4.25 12.81
C GLY A 39 -1.27 3.54 12.70
N VAL A 40 -2.01 3.76 11.60
CA VAL A 40 -3.34 3.14 11.40
C VAL A 40 -3.19 1.62 11.07
N PRO A 41 -3.96 0.70 11.77
CA PRO A 41 -3.84 -0.76 11.57
C PRO A 41 -4.30 -1.20 10.14
N PRO A 42 -3.41 -1.93 9.36
CA PRO A 42 -3.66 -2.26 7.92
C PRO A 42 -4.89 -3.16 7.71
N GLU A 43 -5.33 -3.83 8.79
CA GLU A 43 -6.54 -4.68 8.80
C GLU A 43 -7.82 -3.88 8.44
N GLN A 44 -7.78 -2.56 8.72
CA GLN A 44 -8.90 -1.63 8.44
C GLN A 44 -8.70 -0.91 7.08
N LEU A 45 -7.68 -1.31 6.30
CA LEU A 45 -7.33 -0.64 5.03
C LEU A 45 -7.20 -1.63 3.86
N ARG A 46 -7.27 -1.07 2.63
CA ARG A 46 -7.08 -1.76 1.36
C ARG A 46 -6.09 -0.93 0.54
N VAL A 47 -5.01 -1.54 0.08
CA VAL A 47 -4.01 -0.87 -0.78
C VAL A 47 -4.58 -0.79 -2.21
N ILE A 48 -4.60 0.42 -2.79
CA ILE A 48 -5.22 0.71 -4.10
C ILE A 48 -4.20 1.39 -5.04
N TYR A 49 -4.05 0.87 -6.27
CA TYR A 49 -3.18 1.47 -7.30
C TYR A 49 -4.02 1.90 -8.52
N ASN A 50 -4.16 3.21 -8.67
CA ASN A 50 -4.73 3.87 -9.86
C ASN A 50 -6.27 3.58 -9.98
N GLY A 51 -6.88 3.26 -8.82
CA GLY A 51 -8.31 2.89 -8.75
C GLY A 51 -8.55 1.39 -8.79
N ARG A 52 -7.46 0.60 -8.81
CA ARG A 52 -7.50 -0.87 -8.78
C ARG A 52 -7.19 -1.40 -7.37
N GLU A 53 -7.93 -2.43 -6.91
CA GLU A 53 -7.71 -3.03 -5.58
C GLU A 53 -6.55 -4.03 -5.64
N LEU A 54 -5.59 -3.88 -4.72
CA LEU A 54 -4.38 -4.71 -4.69
C LEU A 54 -4.51 -5.78 -3.60
N GLU A 55 -4.39 -7.05 -4.01
CA GLU A 55 -4.43 -8.20 -3.11
C GLU A 55 -3.10 -8.30 -2.34
N PRO A 56 -3.14 -8.37 -0.96
CA PRO A 56 -1.94 -8.50 -0.08
C PRO A 56 -0.99 -9.64 -0.53
N ARG A 57 -1.61 -10.80 -0.80
CA ARG A 57 -0.94 -12.04 -1.23
C ARG A 57 -0.06 -11.83 -2.49
N THR A 58 -0.48 -10.90 -3.35
CA THR A 58 0.17 -10.64 -4.64
C THR A 58 1.33 -9.63 -4.48
N THR A 59 2.31 -9.68 -5.40
CA THR A 59 3.50 -8.81 -5.36
C THR A 59 3.29 -7.49 -6.14
N LEU A 60 4.22 -6.52 -5.90
CA LEU A 60 4.20 -5.16 -6.47
C LEU A 60 4.42 -5.19 -7.99
N GLU A 61 5.37 -6.05 -8.39
CA GLU A 61 5.77 -6.23 -9.79
C GLU A 61 4.59 -6.65 -10.71
N GLU A 62 3.61 -7.36 -10.13
CA GLU A 62 2.39 -7.79 -10.83
C GLU A 62 1.49 -6.60 -11.15
N TYR A 63 1.43 -5.62 -10.22
CA TYR A 63 0.59 -4.42 -10.36
C TYR A 63 1.36 -3.25 -11.00
N ASN A 64 2.67 -3.45 -11.25
CA ASN A 64 3.58 -2.41 -11.80
C ASN A 64 3.61 -1.18 -10.85
N ILE A 65 3.89 -1.47 -9.57
CA ILE A 65 4.09 -0.43 -8.55
C ILE A 65 5.48 0.19 -8.75
N THR A 66 5.54 1.21 -9.61
CA THR A 66 6.78 1.90 -10.03
C THR A 66 7.05 3.17 -9.18
N PRO A 67 8.33 3.70 -9.15
CA PRO A 67 8.71 4.82 -8.25
C PRO A 67 7.99 6.14 -8.60
N GLY A 68 7.39 6.78 -7.58
CA GLY A 68 6.72 8.06 -7.72
C GLY A 68 5.21 7.96 -7.62
N VAL A 69 4.66 6.74 -7.78
CA VAL A 69 3.20 6.51 -7.75
C VAL A 69 2.66 6.70 -6.31
N THR A 70 1.40 7.15 -6.21
CA THR A 70 0.75 7.41 -4.92
C THR A 70 -0.46 6.47 -4.74
N LEU A 71 -0.23 5.36 -4.02
CA LEU A 71 -1.28 4.40 -3.65
C LEU A 71 -2.31 5.06 -2.72
N GLU A 72 -3.50 4.47 -2.65
CA GLU A 72 -4.59 4.98 -1.81
C GLU A 72 -5.04 3.87 -0.85
N LEU A 73 -5.50 4.28 0.32
CA LEU A 73 -6.08 3.37 1.32
C LEU A 73 -7.57 3.60 1.41
N LYS A 74 -8.34 2.53 1.22
CA LYS A 74 -9.80 2.50 1.39
C LYS A 74 -10.12 1.61 2.60
N THR A 75 -11.21 1.91 3.31
CA THR A 75 -11.59 1.19 4.52
C THR A 75 -11.97 -0.28 4.20
N ARG A 76 -11.27 -1.23 4.84
CA ARG A 76 -11.60 -2.66 4.78
C ARG A 76 -12.68 -2.94 5.84
N SER A 77 -13.94 -2.79 5.43
CA SER A 77 -15.12 -3.03 6.27
C SER A 77 -16.23 -3.64 5.40
N SER A 78 -17.27 -4.16 6.06
CA SER A 78 -18.47 -4.69 5.41
C SER A 78 -19.59 -3.62 5.39
N GLY A 79 -19.36 -2.50 6.11
CA GLY A 79 -20.38 -1.47 6.30
C GLY A 79 -21.54 -2.01 7.11
N HIS A 80 -21.29 -2.20 8.43
CA HIS A 80 -22.18 -2.91 9.38
C HIS A 80 -22.27 -4.41 9.00
N GLY A 81 -21.65 -5.27 9.82
CA GLY A 81 -21.67 -6.73 9.61
C GLY A 81 -23.02 -7.33 10.00
N THR A 82 -24.06 -7.03 9.20
CA THR A 82 -25.44 -7.46 9.45
C THR A 82 -26.08 -7.94 8.12
N GLY A 1 18.27 0.80 -2.10
CA GLY A 1 19.43 0.48 -2.96
C GLY A 1 19.05 0.31 -4.43
N PRO A 2 19.96 -0.25 -5.28
CA PRO A 2 19.70 -0.47 -6.72
C PRO A 2 18.52 -1.45 -6.96
N GLY A 3 17.34 -0.87 -7.21
CA GLY A 3 16.14 -1.64 -7.53
C GLY A 3 14.92 -1.26 -6.68
N SER A 4 15.15 -0.79 -5.44
CA SER A 4 14.07 -0.37 -4.53
C SER A 4 13.49 0.98 -5.01
N LEU A 5 12.21 0.94 -5.41
CA LEU A 5 11.49 2.07 -6.01
C LEU A 5 10.69 2.87 -4.96
N GLU A 6 10.76 4.21 -5.05
CA GLU A 6 10.15 5.12 -4.08
C GLU A 6 8.70 5.42 -4.48
N ILE A 7 7.75 4.88 -3.72
CA ILE A 7 6.31 5.09 -3.92
C ILE A 7 5.72 5.97 -2.80
N LYS A 8 4.45 6.35 -2.96
CA LYS A 8 3.67 7.09 -1.95
C LYS A 8 2.44 6.27 -1.52
N ILE A 9 1.98 6.45 -0.26
CA ILE A 9 0.76 5.80 0.26
C ILE A 9 -0.13 6.85 0.94
N ARG A 10 -1.14 7.34 0.21
CA ARG A 10 -2.17 8.26 0.74
C ARG A 10 -3.18 7.47 1.60
N THR A 11 -3.20 7.75 2.90
CA THR A 11 -4.03 7.04 3.89
C THR A 11 -5.49 7.56 3.96
N THR A 12 -6.31 6.89 4.79
CA THR A 12 -7.66 7.37 5.17
C THR A 12 -7.59 8.60 6.11
N GLU A 13 -6.38 8.89 6.63
CA GLU A 13 -6.12 10.10 7.44
C GLU A 13 -6.03 11.34 6.52
N GLY A 14 -5.82 11.07 5.21
CA GLY A 14 -5.68 12.12 4.20
C GLY A 14 -4.22 12.38 3.85
N ARG A 15 -3.32 12.03 4.79
CA ARG A 15 -1.87 12.26 4.67
C ARG A 15 -1.27 11.34 3.59
N THR A 16 -0.32 11.87 2.82
CA THR A 16 0.45 11.12 1.83
C THR A 16 1.81 10.73 2.43
N LEU A 17 2.06 9.42 2.48
CA LEU A 17 3.33 8.85 2.98
C LEU A 17 4.29 8.69 1.80
N THR A 18 5.58 8.48 2.06
CA THR A 18 6.58 8.25 1.01
C THR A 18 7.65 7.27 1.51
N VAL A 19 7.68 6.04 0.95
CA VAL A 19 8.69 5.01 1.28
C VAL A 19 9.25 4.38 0.00
N ASP A 20 10.47 3.85 0.08
CA ASP A 20 11.07 3.06 -1.01
C ASP A 20 11.03 1.58 -0.61
N VAL A 21 10.60 0.73 -1.54
CA VAL A 21 10.42 -0.72 -1.36
C VAL A 21 10.84 -1.46 -2.62
N LYS A 22 11.15 -2.74 -2.49
CA LYS A 22 11.58 -3.59 -3.61
C LYS A 22 10.33 -4.14 -4.35
N PRO A 23 10.31 -4.12 -5.73
CA PRO A 23 9.15 -4.56 -6.54
C PRO A 23 8.82 -6.08 -6.38
N ASP A 24 9.76 -6.87 -5.85
CA ASP A 24 9.55 -8.32 -5.62
C ASP A 24 8.88 -8.60 -4.26
N ARG A 25 8.68 -7.55 -3.44
CA ARG A 25 7.99 -7.68 -2.13
C ARG A 25 6.49 -7.89 -2.34
N THR A 26 5.78 -8.26 -1.27
CA THR A 26 4.32 -8.45 -1.29
C THR A 26 3.62 -7.16 -0.88
N ILE A 27 2.31 -7.09 -1.17
CA ILE A 27 1.47 -5.94 -0.77
C ILE A 27 1.34 -5.94 0.77
N GLU A 28 1.44 -7.15 1.39
CA GLU A 28 1.57 -7.34 2.86
C GLU A 28 2.63 -6.41 3.45
N GLU A 29 3.79 -6.34 2.75
CA GLU A 29 4.93 -5.50 3.16
C GLU A 29 4.55 -4.02 3.14
N LEU A 30 3.81 -3.62 2.09
CA LEU A 30 3.32 -2.23 1.93
C LEU A 30 2.38 -1.86 3.08
N MET A 31 1.50 -2.82 3.43
CA MET A 31 0.52 -2.69 4.51
C MET A 31 1.23 -2.51 5.87
N GLU A 32 2.41 -3.11 5.99
CA GLU A 32 3.27 -2.97 7.18
C GLU A 32 4.04 -1.64 7.18
N LYS A 33 4.44 -1.18 5.99
CA LYS A 33 5.17 0.09 5.84
C LYS A 33 4.28 1.27 6.24
N LEU A 34 3.05 1.32 5.70
CA LEU A 34 2.06 2.37 6.05
C LEU A 34 1.66 2.24 7.54
N LYS A 35 1.62 0.99 8.07
CA LYS A 35 1.33 0.73 9.50
C LYS A 35 2.41 1.36 10.42
N GLU A 36 3.70 1.19 10.06
CA GLU A 36 4.82 1.73 10.89
C GLU A 36 4.96 3.25 10.71
N GLN A 37 4.49 3.78 9.56
CA GLN A 37 4.56 5.23 9.25
C GLN A 37 3.49 6.02 10.02
N THR A 38 2.21 5.80 9.69
CA THR A 38 1.07 6.57 10.24
C THR A 38 0.45 5.89 11.48
N GLY A 39 0.56 4.55 11.58
CA GLY A 39 0.02 3.80 12.72
C GLY A 39 -1.37 3.24 12.49
N VAL A 40 -1.90 3.38 11.26
CA VAL A 40 -3.25 2.91 10.90
C VAL A 40 -3.22 1.36 10.67
N PRO A 41 -4.11 0.57 11.35
CA PRO A 41 -4.11 -0.92 11.26
C PRO A 41 -4.60 -1.42 9.87
N PRO A 42 -3.69 -2.05 9.04
CA PRO A 42 -3.98 -2.38 7.61
C PRO A 42 -5.12 -3.40 7.42
N GLU A 43 -5.50 -4.07 8.52
CA GLU A 43 -6.65 -4.99 8.55
C GLU A 43 -7.98 -4.27 8.20
N GLN A 44 -8.01 -2.95 8.45
CA GLN A 44 -9.19 -2.09 8.20
C GLN A 44 -9.03 -1.29 6.89
N LEU A 45 -7.95 -1.57 6.11
CA LEU A 45 -7.66 -0.85 4.85
C LEU A 45 -7.50 -1.81 3.65
N ARG A 46 -7.61 -1.21 2.46
CA ARG A 46 -7.34 -1.84 1.17
C ARG A 46 -6.33 -0.94 0.43
N VAL A 47 -5.16 -1.48 0.06
CA VAL A 47 -4.15 -0.72 -0.70
C VAL A 47 -4.60 -0.64 -2.17
N ILE A 48 -4.57 0.58 -2.74
CA ILE A 48 -5.12 0.88 -4.07
C ILE A 48 -4.06 1.59 -4.94
N TYR A 49 -3.56 0.90 -5.97
CA TYR A 49 -2.65 1.52 -6.97
C TYR A 49 -3.45 2.17 -8.10
N ASN A 50 -3.46 3.52 -8.11
CA ASN A 50 -3.91 4.32 -9.28
C ASN A 50 -5.41 4.03 -9.64
N GLY A 51 -6.19 3.48 -8.68
CA GLY A 51 -7.59 3.10 -8.89
C GLY A 51 -7.82 1.60 -9.05
N ARG A 52 -6.82 0.80 -8.68
CA ARG A 52 -6.87 -0.68 -8.71
C ARG A 52 -6.67 -1.25 -7.30
N GLU A 53 -7.52 -2.22 -6.90
CA GLU A 53 -7.41 -2.88 -5.58
C GLU A 53 -6.27 -3.90 -5.61
N LEU A 54 -5.40 -3.83 -4.58
CA LEU A 54 -4.21 -4.69 -4.48
C LEU A 54 -4.43 -5.77 -3.42
N GLU A 55 -4.39 -7.03 -3.85
CA GLU A 55 -4.50 -8.19 -2.95
C GLU A 55 -3.20 -8.33 -2.14
N PRO A 56 -3.28 -8.34 -0.76
CA PRO A 56 -2.11 -8.43 0.15
C PRO A 56 -1.09 -9.51 -0.26
N ARG A 57 -1.62 -10.70 -0.59
CA ARG A 57 -0.84 -11.91 -0.95
C ARG A 57 0.06 -11.69 -2.19
N THR A 58 -0.41 -10.87 -3.13
CA THR A 58 0.26 -10.65 -4.43
C THR A 58 1.50 -9.73 -4.27
N THR A 59 2.45 -9.78 -5.23
CA THR A 59 3.64 -8.92 -5.23
C THR A 59 3.39 -7.59 -5.97
N LEU A 60 4.33 -6.66 -5.80
CA LEU A 60 4.26 -5.27 -6.30
C LEU A 60 4.36 -5.21 -7.84
N GLU A 61 5.32 -5.95 -8.36
CA GLU A 61 5.64 -6.02 -9.80
C GLU A 61 4.42 -6.43 -10.67
N GLU A 62 3.48 -7.17 -10.05
CA GLU A 62 2.25 -7.64 -10.71
C GLU A 62 1.26 -6.48 -10.94
N TYR A 63 1.27 -5.51 -10.02
CA TYR A 63 0.39 -4.33 -10.08
C TYR A 63 1.09 -3.13 -10.73
N ASN A 64 2.35 -3.33 -11.17
CA ASN A 64 3.18 -2.26 -11.77
C ASN A 64 3.39 -1.13 -10.74
N ILE A 65 3.66 -1.54 -9.48
CA ILE A 65 4.05 -0.62 -8.40
C ILE A 65 5.46 -0.10 -8.72
N THR A 66 5.49 0.99 -9.48
CA THR A 66 6.72 1.64 -9.97
C THR A 66 6.99 2.95 -9.18
N PRO A 67 8.22 3.57 -9.29
CA PRO A 67 8.54 4.80 -8.51
C PRO A 67 7.72 6.02 -8.98
N GLY A 68 7.39 6.89 -8.02
CA GLY A 68 6.67 8.14 -8.30
C GLY A 68 5.16 7.98 -8.38
N VAL A 69 4.63 6.81 -7.99
CA VAL A 69 3.17 6.54 -8.02
C VAL A 69 2.52 6.79 -6.64
N THR A 70 1.18 6.88 -6.63
CA THR A 70 0.38 7.10 -5.42
C THR A 70 -0.56 5.89 -5.18
N LEU A 71 -0.29 5.17 -4.10
CA LEU A 71 -1.21 4.18 -3.52
C LEU A 71 -2.21 4.91 -2.60
N GLU A 72 -3.36 4.28 -2.35
CA GLU A 72 -4.42 4.86 -1.50
C GLU A 72 -4.97 3.77 -0.57
N LEU A 73 -5.56 4.20 0.54
CA LEU A 73 -6.15 3.31 1.56
C LEU A 73 -7.66 3.57 1.65
N LYS A 74 -8.45 2.58 1.24
CA LYS A 74 -9.91 2.60 1.35
C LYS A 74 -10.35 1.61 2.45
N THR A 75 -11.35 2.00 3.25
CA THR A 75 -11.79 1.23 4.43
C THR A 75 -12.35 -0.16 4.06
N ARG A 76 -12.02 -1.16 4.89
CA ARG A 76 -12.39 -2.58 4.70
C ARG A 76 -13.18 -3.06 5.93
N SER A 77 -14.21 -3.88 5.70
CA SER A 77 -15.08 -4.44 6.75
C SER A 77 -14.33 -5.51 7.59
N SER A 78 -13.70 -5.05 8.69
CA SER A 78 -13.02 -5.91 9.67
C SER A 78 -13.85 -5.95 10.98
N GLY A 79 -14.01 -7.13 11.58
CA GLY A 79 -14.79 -7.28 12.82
C GLY A 79 -15.32 -8.70 13.03
N HIS A 80 -14.48 -9.58 13.62
CA HIS A 80 -14.90 -10.91 14.14
C HIS A 80 -15.06 -10.80 15.66
N GLY A 81 -16.28 -10.43 16.10
CA GLY A 81 -16.56 -10.16 17.52
C GLY A 81 -16.26 -8.71 17.88
N THR A 82 -14.98 -8.32 17.71
CA THR A 82 -14.50 -6.94 17.88
C THR A 82 -13.55 -6.58 16.69
N GLY A 1 22.02 0.05 -6.44
CA GLY A 1 21.47 0.88 -7.52
C GLY A 1 19.95 0.98 -7.46
N PRO A 2 19.24 1.20 -8.63
CA PRO A 2 17.77 1.34 -8.69
C PRO A 2 17.01 -0.03 -8.71
N GLY A 3 17.53 -1.03 -7.97
CA GLY A 3 16.85 -2.33 -7.82
C GLY A 3 15.56 -2.22 -7.04
N SER A 4 15.52 -1.26 -6.10
CA SER A 4 14.30 -0.84 -5.39
C SER A 4 13.66 0.36 -6.13
N LEU A 5 12.60 0.90 -5.53
CA LEU A 5 11.84 2.04 -6.05
C LEU A 5 11.14 2.77 -4.89
N GLU A 6 10.68 4.00 -5.14
CA GLU A 6 10.11 4.87 -4.09
C GLU A 6 8.68 5.30 -4.48
N ILE A 7 7.69 4.81 -3.74
CA ILE A 7 6.26 5.11 -3.97
C ILE A 7 5.68 5.87 -2.78
N LYS A 8 4.39 6.24 -2.89
CA LYS A 8 3.67 6.96 -1.83
C LYS A 8 2.34 6.24 -1.51
N ILE A 9 1.99 6.13 -0.22
CA ILE A 9 0.70 5.53 0.21
C ILE A 9 -0.12 6.60 0.95
N ARG A 10 -1.06 7.22 0.23
CA ARG A 10 -2.06 8.14 0.79
C ARG A 10 -3.03 7.36 1.72
N THR A 11 -3.14 7.80 2.97
CA THR A 11 -4.01 7.14 3.96
C THR A 11 -5.44 7.70 3.94
N THR A 12 -6.32 7.06 4.74
CA THR A 12 -7.67 7.59 5.07
C THR A 12 -7.56 8.85 5.95
N GLU A 13 -6.37 9.06 6.54
CA GLU A 13 -6.06 10.26 7.34
C GLU A 13 -5.75 11.46 6.40
N GLY A 14 -5.42 11.14 5.13
CA GLY A 14 -5.16 12.15 4.10
C GLY A 14 -3.68 12.31 3.81
N ARG A 15 -2.82 11.98 4.80
CA ARG A 15 -1.36 12.07 4.68
C ARG A 15 -0.82 11.02 3.68
N THR A 16 0.16 11.43 2.87
CA THR A 16 0.71 10.60 1.78
C THR A 16 2.15 10.16 2.16
N LEU A 17 2.30 8.84 2.40
CA LEU A 17 3.50 8.23 3.03
C LEU A 17 4.50 7.77 1.97
N THR A 18 5.50 8.62 1.70
CA THR A 18 6.55 8.34 0.71
C THR A 18 7.58 7.35 1.30
N VAL A 19 7.46 6.06 0.91
CA VAL A 19 8.35 4.98 1.40
C VAL A 19 9.09 4.31 0.22
N ASP A 20 10.31 3.81 0.49
CA ASP A 20 11.08 3.04 -0.49
C ASP A 20 10.85 1.53 -0.24
N VAL A 21 10.56 0.81 -1.32
CA VAL A 21 10.27 -0.64 -1.33
C VAL A 21 10.77 -1.24 -2.65
N LYS A 22 10.94 -2.56 -2.67
CA LYS A 22 11.44 -3.29 -3.85
C LYS A 22 10.24 -3.91 -4.59
N PRO A 23 10.26 -4.04 -5.96
CA PRO A 23 9.12 -4.63 -6.73
C PRO A 23 8.91 -6.13 -6.40
N ASP A 24 9.96 -6.75 -5.84
CA ASP A 24 9.96 -8.16 -5.41
C ASP A 24 9.22 -8.35 -4.07
N ARG A 25 8.93 -7.23 -3.37
CA ARG A 25 8.20 -7.24 -2.09
C ARG A 25 6.71 -7.52 -2.33
N THR A 26 6.01 -7.91 -1.27
CA THR A 26 4.55 -8.20 -1.33
C THR A 26 3.75 -6.94 -0.99
N ILE A 27 2.44 -6.97 -1.25
CA ILE A 27 1.54 -5.88 -0.88
C ILE A 27 1.42 -5.83 0.66
N GLU A 28 1.58 -7.02 1.32
CA GLU A 28 1.68 -7.14 2.79
C GLU A 28 2.82 -6.27 3.35
N GLU A 29 3.94 -6.17 2.59
CA GLU A 29 5.05 -5.26 2.91
C GLU A 29 4.57 -3.81 2.93
N LEU A 30 3.78 -3.40 1.91
CA LEU A 30 3.23 -2.03 1.83
C LEU A 30 2.33 -1.73 3.02
N MET A 31 1.49 -2.73 3.36
CA MET A 31 0.56 -2.68 4.50
C MET A 31 1.33 -2.54 5.82
N GLU A 32 2.51 -3.18 5.88
CA GLU A 32 3.44 -3.08 7.02
C GLU A 32 4.00 -1.67 7.17
N LYS A 33 4.46 -1.11 6.02
CA LYS A 33 5.12 0.21 5.97
C LYS A 33 4.14 1.31 6.46
N LEU A 34 2.94 1.35 5.85
CA LEU A 34 1.92 2.36 6.20
C LEU A 34 1.46 2.21 7.67
N LYS A 35 1.47 0.97 8.19
CA LYS A 35 1.15 0.69 9.61
C LYS A 35 2.18 1.33 10.56
N GLU A 36 3.48 1.14 10.28
CA GLU A 36 4.56 1.66 11.14
C GLU A 36 4.76 3.18 10.93
N GLN A 37 4.18 3.75 9.84
CA GLN A 37 4.24 5.20 9.55
C GLN A 37 3.14 5.96 10.30
N THR A 38 1.87 5.72 9.91
CA THR A 38 0.70 6.51 10.41
C THR A 38 -0.01 5.80 11.58
N GLY A 39 0.30 4.50 11.82
CA GLY A 39 -0.21 3.77 12.99
C GLY A 39 -1.52 3.02 12.76
N VAL A 40 -2.23 3.32 11.66
CA VAL A 40 -3.56 2.74 11.39
C VAL A 40 -3.45 1.24 10.99
N PRO A 41 -4.24 0.30 11.63
CA PRO A 41 -4.18 -1.15 11.33
C PRO A 41 -4.68 -1.47 9.88
N PRO A 42 -3.80 -2.13 9.05
CA PRO A 42 -4.05 -2.33 7.59
C PRO A 42 -5.23 -3.29 7.29
N GLU A 43 -5.64 -4.04 8.31
CA GLU A 43 -6.82 -4.92 8.25
C GLU A 43 -8.11 -4.12 7.93
N GLN A 44 -8.14 -2.85 8.36
CA GLN A 44 -9.26 -1.92 8.13
C GLN A 44 -9.07 -1.11 6.83
N LEU A 45 -7.99 -1.39 6.07
CA LEU A 45 -7.64 -0.64 4.85
C LEU A 45 -7.42 -1.55 3.64
N ARG A 46 -7.50 -0.94 2.45
CA ARG A 46 -7.17 -1.55 1.17
C ARG A 46 -6.06 -0.72 0.53
N VAL A 47 -4.96 -1.36 0.13
CA VAL A 47 -3.93 -0.71 -0.68
C VAL A 47 -4.46 -0.61 -2.12
N ILE A 48 -4.57 0.62 -2.62
CA ILE A 48 -5.23 0.93 -3.92
C ILE A 48 -4.24 1.65 -4.85
N TYR A 49 -3.82 0.97 -5.93
CA TYR A 49 -2.93 1.55 -6.96
C TYR A 49 -3.77 2.10 -8.10
N ASN A 50 -3.86 3.43 -8.18
CA ASN A 50 -4.43 4.15 -9.36
C ASN A 50 -5.92 3.79 -9.59
N GLY A 51 -6.60 3.34 -8.50
CA GLY A 51 -8.02 2.97 -8.52
C GLY A 51 -8.27 1.45 -8.45
N ARG A 52 -7.20 0.65 -8.57
CA ARG A 52 -7.27 -0.84 -8.52
C ARG A 52 -6.96 -1.34 -7.09
N GLU A 53 -7.72 -2.37 -6.64
CA GLU A 53 -7.52 -2.98 -5.31
C GLU A 53 -6.35 -3.99 -5.37
N LEU A 54 -5.41 -3.88 -4.44
CA LEU A 54 -4.20 -4.71 -4.41
C LEU A 54 -4.31 -5.75 -3.30
N GLU A 55 -4.35 -7.03 -3.69
CA GLU A 55 -4.40 -8.16 -2.76
C GLU A 55 -3.07 -8.30 -2.02
N PRO A 56 -3.10 -8.45 -0.65
CA PRO A 56 -1.87 -8.52 0.20
C PRO A 56 -0.95 -9.70 -0.19
N ARG A 57 -1.59 -10.81 -0.60
CA ARG A 57 -0.93 -12.06 -1.03
C ARG A 57 -0.07 -11.88 -2.31
N THR A 58 -0.40 -10.88 -3.13
CA THR A 58 0.30 -10.61 -4.41
C THR A 58 1.54 -9.70 -4.19
N THR A 59 2.47 -9.65 -5.17
CA THR A 59 3.66 -8.77 -5.12
C THR A 59 3.44 -7.47 -5.91
N LEU A 60 4.42 -6.55 -5.80
CA LEU A 60 4.38 -5.19 -6.39
C LEU A 60 4.52 -5.23 -7.91
N GLU A 61 5.48 -6.03 -8.38
CA GLU A 61 5.80 -6.20 -9.83
C GLU A 61 4.57 -6.66 -10.64
N GLU A 62 3.63 -7.36 -9.98
CA GLU A 62 2.39 -7.86 -10.59
C GLU A 62 1.39 -6.73 -10.86
N TYR A 63 1.42 -5.71 -10.00
CA TYR A 63 0.54 -4.52 -10.12
C TYR A 63 1.27 -3.33 -10.76
N ASN A 64 2.53 -3.55 -11.21
CA ASN A 64 3.36 -2.51 -11.85
C ASN A 64 3.56 -1.30 -10.90
N ILE A 65 3.82 -1.62 -9.62
CA ILE A 65 4.09 -0.62 -8.59
C ILE A 65 5.50 -0.04 -8.84
N THR A 66 5.53 1.01 -9.66
CA THR A 66 6.76 1.70 -10.09
C THR A 66 6.93 3.06 -9.35
N PRO A 67 8.18 3.64 -9.28
CA PRO A 67 8.45 4.84 -8.45
C PRO A 67 7.69 6.10 -8.93
N GLY A 68 7.19 6.90 -7.96
CA GLY A 68 6.50 8.15 -8.25
C GLY A 68 4.99 8.07 -8.24
N VAL A 69 4.44 6.84 -8.10
CA VAL A 69 2.97 6.63 -8.08
C VAL A 69 2.38 6.87 -6.68
N THR A 70 1.08 7.20 -6.64
CA THR A 70 0.33 7.40 -5.39
C THR A 70 -0.70 6.29 -5.20
N LEU A 71 -0.39 5.37 -4.27
CA LEU A 71 -1.36 4.41 -3.70
C LEU A 71 -2.31 5.16 -2.75
N GLU A 72 -3.45 4.54 -2.45
CA GLU A 72 -4.46 5.11 -1.55
C GLU A 72 -4.97 4.02 -0.60
N LEU A 73 -5.51 4.45 0.54
CA LEU A 73 -6.15 3.55 1.51
C LEU A 73 -7.64 3.83 1.58
N LYS A 74 -8.43 2.81 1.22
CA LYS A 74 -9.90 2.81 1.33
C LYS A 74 -10.30 1.86 2.47
N THR A 75 -11.45 2.09 3.11
CA THR A 75 -11.92 1.28 4.25
C THR A 75 -12.28 -0.16 3.79
N ARG A 76 -11.80 -1.17 4.55
CA ARG A 76 -12.03 -2.59 4.27
C ARG A 76 -12.75 -3.23 5.48
N SER A 77 -14.10 -3.19 5.46
CA SER A 77 -14.93 -3.84 6.50
C SER A 77 -15.14 -5.33 6.17
N SER A 78 -14.77 -5.72 4.93
CA SER A 78 -14.89 -7.09 4.39
C SER A 78 -16.36 -7.52 4.17
N GLY A 79 -16.55 -8.56 3.34
CA GLY A 79 -17.87 -9.15 3.10
C GLY A 79 -18.23 -10.24 4.10
N HIS A 80 -17.39 -10.37 5.17
CA HIS A 80 -17.58 -11.35 6.27
C HIS A 80 -17.49 -12.79 5.72
N GLY A 81 -16.24 -13.30 5.65
CA GLY A 81 -15.96 -14.64 5.12
C GLY A 81 -14.53 -14.75 4.64
N THR A 82 -14.05 -13.68 3.97
CA THR A 82 -12.66 -13.55 3.49
C THR A 82 -12.15 -12.10 3.79
N GLY A 1 20.73 -2.10 -9.87
CA GLY A 1 21.16 -1.38 -8.65
C GLY A 1 20.66 -2.04 -7.37
N PRO A 2 20.23 -1.25 -6.33
CA PRO A 2 19.63 -1.79 -5.07
C PRO A 2 18.37 -2.65 -5.32
N GLY A 3 17.65 -2.33 -6.41
CA GLY A 3 16.40 -3.00 -6.78
C GLY A 3 15.25 -2.59 -5.88
N SER A 4 15.23 -1.30 -5.50
CA SER A 4 14.21 -0.72 -4.62
C SER A 4 13.69 0.61 -5.23
N LEU A 5 12.38 0.68 -5.46
CA LEU A 5 11.67 1.85 -6.00
C LEU A 5 10.92 2.60 -4.89
N GLU A 6 10.84 3.94 -5.00
CA GLU A 6 10.16 4.78 -4.00
C GLU A 6 8.75 5.15 -4.48
N ILE A 7 7.74 4.84 -3.65
CA ILE A 7 6.32 5.12 -3.94
C ILE A 7 5.69 5.93 -2.79
N LYS A 8 4.44 6.37 -2.99
CA LYS A 8 3.64 7.05 -1.95
C LYS A 8 2.40 6.21 -1.62
N ILE A 9 1.94 6.29 -0.35
CA ILE A 9 0.67 5.67 0.09
C ILE A 9 -0.14 6.75 0.84
N ARG A 10 -1.16 7.31 0.19
CA ARG A 10 -2.09 8.25 0.82
C ARG A 10 -3.08 7.47 1.73
N THR A 11 -3.23 7.94 2.98
CA THR A 11 -4.07 7.27 3.99
C THR A 11 -5.53 7.79 3.97
N THR A 12 -6.39 7.19 4.82
CA THR A 12 -7.74 7.71 5.12
C THR A 12 -7.69 9.04 5.88
N GLU A 13 -6.55 9.29 6.55
CA GLU A 13 -6.29 10.53 7.29
C GLU A 13 -6.17 11.72 6.31
N GLY A 14 -5.86 11.41 5.03
CA GLY A 14 -5.71 12.41 3.98
C GLY A 14 -4.25 12.71 3.68
N ARG A 15 -3.36 12.37 4.64
CA ARG A 15 -1.91 12.60 4.52
C ARG A 15 -1.31 11.61 3.51
N THR A 16 -0.11 11.92 2.99
CA THR A 16 0.60 11.07 2.04
C THR A 16 1.95 10.62 2.63
N LEU A 17 2.16 9.30 2.66
CA LEU A 17 3.38 8.65 3.15
C LEU A 17 4.32 8.46 1.97
N THR A 18 5.64 8.42 2.20
CA THR A 18 6.62 8.22 1.12
C THR A 18 7.65 7.16 1.57
N VAL A 19 7.51 5.92 1.06
CA VAL A 19 8.39 4.79 1.45
C VAL A 19 9.16 4.26 0.23
N ASP A 20 10.37 3.74 0.46
CA ASP A 20 11.14 3.01 -0.56
C ASP A 20 11.05 1.51 -0.27
N VAL A 21 10.69 0.72 -1.29
CA VAL A 21 10.42 -0.73 -1.20
C VAL A 21 10.86 -1.41 -2.50
N LYS A 22 10.99 -2.74 -2.47
CA LYS A 22 11.46 -3.52 -3.63
C LYS A 22 10.23 -4.04 -4.44
N PRO A 23 10.31 -4.10 -5.81
CA PRO A 23 9.18 -4.58 -6.68
C PRO A 23 8.86 -6.08 -6.43
N ASP A 24 9.87 -6.84 -6.01
CA ASP A 24 9.75 -8.28 -5.70
C ASP A 24 9.01 -8.56 -4.38
N ARG A 25 8.80 -7.48 -3.57
CA ARG A 25 8.07 -7.57 -2.29
C ARG A 25 6.59 -7.83 -2.51
N THR A 26 5.90 -8.25 -1.44
CA THR A 26 4.46 -8.51 -1.46
C THR A 26 3.70 -7.25 -1.00
N ILE A 27 2.40 -7.19 -1.31
CA ILE A 27 1.56 -6.05 -0.91
C ILE A 27 1.44 -5.99 0.64
N GLU A 28 1.60 -7.16 1.30
CA GLU A 28 1.68 -7.28 2.77
C GLU A 28 2.83 -6.43 3.36
N GLU A 29 3.98 -6.41 2.66
CA GLU A 29 5.15 -5.60 3.03
C GLU A 29 4.76 -4.10 3.07
N LEU A 30 3.97 -3.68 2.05
CA LEU A 30 3.46 -2.29 1.96
C LEU A 30 2.54 -1.97 3.13
N MET A 31 1.67 -2.94 3.48
CA MET A 31 0.69 -2.82 4.57
C MET A 31 1.40 -2.59 5.93
N GLU A 32 2.61 -3.14 6.07
CA GLU A 32 3.45 -2.97 7.26
C GLU A 32 4.12 -1.58 7.27
N LYS A 33 4.57 -1.15 6.08
CA LYS A 33 5.20 0.18 5.87
C LYS A 33 4.23 1.33 6.23
N LEU A 34 3.00 1.29 5.70
CA LEU A 34 1.99 2.33 5.97
C LEU A 34 1.53 2.26 7.44
N LYS A 35 1.51 1.04 8.02
CA LYS A 35 1.19 0.81 9.44
C LYS A 35 2.22 1.51 10.37
N GLU A 36 3.51 1.30 10.11
CA GLU A 36 4.60 1.85 10.96
C GLU A 36 4.71 3.37 10.79
N GLN A 37 4.21 3.89 9.65
CA GLN A 37 4.19 5.34 9.36
C GLN A 37 3.06 6.06 10.13
N THR A 38 1.80 5.81 9.74
CA THR A 38 0.63 6.57 10.24
C THR A 38 0.01 5.92 11.51
N GLY A 39 0.16 4.60 11.66
CA GLY A 39 -0.30 3.89 12.87
C GLY A 39 -1.66 3.22 12.74
N VAL A 40 -2.35 3.45 11.62
CA VAL A 40 -3.69 2.85 11.36
C VAL A 40 -3.51 1.35 10.97
N PRO A 41 -4.31 0.40 11.56
CA PRO A 41 -4.18 -1.05 11.29
C PRO A 41 -4.53 -1.39 9.81
N PRO A 42 -3.59 -2.03 9.03
CA PRO A 42 -3.79 -2.31 7.59
C PRO A 42 -4.96 -3.28 7.31
N GLU A 43 -5.32 -4.09 8.32
CA GLU A 43 -6.50 -5.00 8.27
C GLU A 43 -7.81 -4.20 8.07
N GLN A 44 -7.81 -2.95 8.53
CA GLN A 44 -8.96 -2.04 8.43
C GLN A 44 -8.94 -1.26 7.10
N LEU A 45 -7.86 -1.43 6.30
CA LEU A 45 -7.63 -0.71 5.03
C LEU A 45 -7.42 -1.68 3.85
N ARG A 46 -7.52 -1.11 2.64
CA ARG A 46 -7.18 -1.78 1.38
C ARG A 46 -6.14 -0.92 0.67
N VAL A 47 -5.02 -1.53 0.24
CA VAL A 47 -4.00 -0.86 -0.58
C VAL A 47 -4.53 -0.76 -2.03
N ILE A 48 -4.64 0.48 -2.53
CA ILE A 48 -5.29 0.79 -3.82
C ILE A 48 -4.32 1.55 -4.74
N TYR A 49 -3.81 0.89 -5.77
CA TYR A 49 -2.95 1.51 -6.79
C TYR A 49 -3.82 2.14 -7.89
N ASN A 50 -3.90 3.49 -7.88
CA ASN A 50 -4.42 4.29 -9.01
C ASN A 50 -5.92 3.98 -9.32
N GLY A 51 -6.65 3.44 -8.31
CA GLY A 51 -8.07 3.07 -8.46
C GLY A 51 -8.29 1.57 -8.66
N ARG A 52 -7.25 0.76 -8.37
CA ARG A 52 -7.30 -0.73 -8.45
C ARG A 52 -6.87 -1.33 -7.11
N GLU A 53 -7.66 -2.30 -6.61
CA GLU A 53 -7.38 -2.99 -5.33
C GLU A 53 -6.22 -3.98 -5.51
N LEU A 54 -5.31 -3.98 -4.52
CA LEU A 54 -4.12 -4.84 -4.54
C LEU A 54 -4.28 -6.00 -3.52
N GLU A 55 -4.22 -7.23 -4.03
CA GLU A 55 -4.28 -8.45 -3.22
C GLU A 55 -2.99 -8.61 -2.39
N PRO A 56 -3.09 -8.82 -1.05
CA PRO A 56 -1.90 -8.95 -0.15
C PRO A 56 -1.01 -10.17 -0.51
N ARG A 57 -1.67 -11.21 -1.06
CA ARG A 57 -1.02 -12.47 -1.50
C ARG A 57 -0.07 -12.25 -2.70
N THR A 58 -0.28 -11.15 -3.44
CA THR A 58 0.43 -10.85 -4.69
C THR A 58 1.58 -9.83 -4.46
N THR A 59 2.55 -9.79 -5.41
CA THR A 59 3.72 -8.90 -5.34
C THR A 59 3.45 -7.53 -6.05
N LEU A 60 4.40 -6.59 -5.86
CA LEU A 60 4.34 -5.20 -6.38
C LEU A 60 4.52 -5.16 -7.90
N GLU A 61 5.47 -5.96 -8.39
CA GLU A 61 5.84 -6.02 -9.83
C GLU A 61 4.65 -6.44 -10.71
N GLU A 62 3.75 -7.25 -10.13
CA GLU A 62 2.51 -7.71 -10.78
C GLU A 62 1.51 -6.55 -10.94
N TYR A 63 1.53 -5.61 -9.99
CA TYR A 63 0.60 -4.45 -9.98
C TYR A 63 1.21 -3.18 -10.57
N ASN A 64 2.41 -3.30 -11.21
CA ASN A 64 3.09 -2.17 -11.89
C ASN A 64 3.38 -1.03 -10.88
N ILE A 65 3.68 -1.43 -9.63
CA ILE A 65 4.03 -0.50 -8.55
C ILE A 65 5.44 0.06 -8.83
N THR A 66 5.49 1.11 -9.65
CA THR A 66 6.74 1.75 -10.11
C THR A 66 6.97 3.09 -9.36
N PRO A 67 8.24 3.65 -9.36
CA PRO A 67 8.56 4.87 -8.59
C PRO A 67 7.81 6.12 -9.12
N GLY A 68 7.20 6.89 -8.20
CA GLY A 68 6.49 8.12 -8.55
C GLY A 68 4.98 7.94 -8.65
N VAL A 69 4.46 6.79 -8.22
CA VAL A 69 3.00 6.52 -8.18
C VAL A 69 2.44 6.76 -6.77
N THR A 70 1.11 6.93 -6.68
CA THR A 70 0.40 7.10 -5.40
C THR A 70 -0.62 5.97 -5.20
N LEU A 71 -0.32 5.12 -4.21
CA LEU A 71 -1.26 4.15 -3.63
C LEU A 71 -2.21 4.90 -2.68
N GLU A 72 -3.31 4.25 -2.33
CA GLU A 72 -4.37 4.84 -1.49
C GLU A 72 -4.83 3.82 -0.44
N LEU A 73 -5.38 4.31 0.66
CA LEU A 73 -5.99 3.48 1.70
C LEU A 73 -7.48 3.78 1.78
N LYS A 74 -8.29 2.82 1.32
CA LYS A 74 -9.75 2.85 1.42
C LYS A 74 -10.19 1.99 2.60
N THR A 75 -11.22 2.44 3.34
CA THR A 75 -11.75 1.73 4.50
C THR A 75 -12.31 0.35 4.09
N ARG A 76 -11.62 -0.71 4.53
CA ARG A 76 -11.99 -2.09 4.31
C ARG A 76 -13.16 -2.48 5.21
N SER A 77 -14.37 -2.15 4.76
CA SER A 77 -15.62 -2.58 5.39
C SER A 77 -15.89 -4.04 4.99
N SER A 78 -15.33 -4.96 5.79
CA SER A 78 -15.51 -6.41 5.63
C SER A 78 -16.45 -6.94 6.71
N GLY A 79 -16.58 -6.17 7.83
CA GLY A 79 -17.39 -6.57 8.98
C GLY A 79 -16.71 -7.68 9.76
N HIS A 80 -17.16 -8.94 9.53
CA HIS A 80 -16.56 -10.15 10.12
C HIS A 80 -16.02 -11.04 8.99
N GLY A 81 -14.82 -11.59 9.18
CA GLY A 81 -14.14 -12.40 8.16
C GLY A 81 -12.68 -12.63 8.51
N THR A 82 -12.43 -13.64 9.37
CA THR A 82 -11.07 -14.05 9.79
C THR A 82 -10.72 -15.41 9.13
N GLY A 1 15.83 4.15 -5.07
CA GLY A 1 17.24 3.87 -5.41
C GLY A 1 17.39 2.74 -6.40
N PRO A 2 18.57 2.02 -6.43
CA PRO A 2 18.85 0.93 -7.40
C PRO A 2 17.94 -0.28 -7.17
N GLY A 3 16.90 -0.41 -8.01
CA GLY A 3 15.92 -1.50 -7.91
C GLY A 3 14.78 -1.17 -6.95
N SER A 4 15.15 -0.85 -5.69
CA SER A 4 14.19 -0.49 -4.64
C SER A 4 13.52 0.87 -4.99
N LEU A 5 12.30 0.79 -5.48
CA LEU A 5 11.54 1.92 -6.04
C LEU A 5 10.75 2.66 -4.95
N GLU A 6 10.76 4.00 -5.01
CA GLU A 6 10.16 4.87 -3.99
C GLU A 6 8.73 5.25 -4.38
N ILE A 7 7.77 4.77 -3.59
CA ILE A 7 6.33 4.99 -3.82
C ILE A 7 5.70 5.78 -2.65
N LYS A 8 4.49 6.28 -2.90
CA LYS A 8 3.70 7.02 -1.90
C LYS A 8 2.44 6.22 -1.55
N ILE A 9 1.99 6.33 -0.28
CA ILE A 9 0.76 5.67 0.21
C ILE A 9 -0.10 6.71 0.95
N ARG A 10 -1.04 7.32 0.21
CA ARG A 10 -2.08 8.20 0.79
C ARG A 10 -3.05 7.36 1.65
N THR A 11 -3.30 7.77 2.90
CA THR A 11 -4.18 7.03 3.83
C THR A 11 -5.66 7.45 3.67
N THR A 12 -6.55 6.81 4.47
CA THR A 12 -7.96 7.23 4.61
C THR A 12 -8.07 8.66 5.18
N GLU A 13 -7.04 9.06 5.94
CA GLU A 13 -6.95 10.40 6.56
C GLU A 13 -6.55 11.46 5.51
N GLY A 14 -6.05 10.99 4.35
CA GLY A 14 -5.65 11.87 3.26
C GLY A 14 -4.18 12.24 3.30
N ARG A 15 -3.49 11.93 4.44
CA ARG A 15 -2.06 12.18 4.59
C ARG A 15 -1.26 11.23 3.69
N THR A 16 -0.36 11.79 2.89
CA THR A 16 0.48 11.04 1.96
C THR A 16 1.75 10.56 2.69
N LEU A 17 2.00 9.25 2.63
CA LEU A 17 3.21 8.61 3.17
C LEU A 17 4.18 8.36 2.02
N THR A 18 5.45 8.08 2.32
CA THR A 18 6.47 7.78 1.30
C THR A 18 7.51 6.78 1.86
N VAL A 19 7.67 5.64 1.19
CA VAL A 19 8.73 4.64 1.48
C VAL A 19 9.25 4.05 0.16
N ASP A 20 10.51 3.59 0.18
CA ASP A 20 11.11 2.84 -0.94
C ASP A 20 11.06 1.35 -0.61
N VAL A 21 10.72 0.54 -1.62
CA VAL A 21 10.50 -0.91 -1.50
C VAL A 21 10.92 -1.60 -2.81
N LYS A 22 11.28 -2.88 -2.72
CA LYS A 22 11.70 -3.67 -3.89
C LYS A 22 10.45 -4.18 -4.66
N PRO A 23 10.48 -4.18 -6.02
CA PRO A 23 9.31 -4.58 -6.88
C PRO A 23 8.89 -6.06 -6.72
N ASP A 24 9.79 -6.88 -6.16
CA ASP A 24 9.55 -8.33 -5.93
C ASP A 24 8.84 -8.59 -4.58
N ARG A 25 8.67 -7.54 -3.74
CA ARG A 25 8.01 -7.65 -2.43
C ARG A 25 6.49 -7.85 -2.62
N THR A 26 5.79 -8.26 -1.55
CA THR A 26 4.33 -8.41 -1.58
C THR A 26 3.67 -7.12 -1.07
N ILE A 27 2.37 -6.99 -1.35
CA ILE A 27 1.57 -5.82 -0.93
C ILE A 27 1.46 -5.80 0.62
N GLU A 28 1.61 -6.98 1.27
CA GLU A 28 1.73 -7.12 2.74
C GLU A 28 2.81 -6.20 3.31
N GLU A 29 3.97 -6.16 2.63
CA GLU A 29 5.13 -5.34 3.02
C GLU A 29 4.73 -3.86 3.10
N LEU A 30 3.96 -3.43 2.11
CA LEU A 30 3.46 -2.05 2.02
C LEU A 30 2.52 -1.75 3.19
N MET A 31 1.63 -2.72 3.48
CA MET A 31 0.65 -2.66 4.60
C MET A 31 1.37 -2.50 5.96
N GLU A 32 2.57 -3.11 6.07
CA GLU A 32 3.41 -3.01 7.26
C GLU A 32 4.05 -1.61 7.38
N LYS A 33 4.54 -1.08 6.23
CA LYS A 33 5.19 0.24 6.19
C LYS A 33 4.21 1.34 6.63
N LEU A 34 3.07 1.45 5.93
CA LEU A 34 2.03 2.45 6.24
C LEU A 34 1.53 2.32 7.69
N LYS A 35 1.48 1.08 8.22
CA LYS A 35 1.14 0.82 9.63
C LYS A 35 2.15 1.50 10.60
N GLU A 36 3.45 1.33 10.36
CA GLU A 36 4.48 1.89 11.27
C GLU A 36 4.60 3.43 11.09
N GLN A 37 4.12 3.96 9.94
CA GLN A 37 4.16 5.40 9.62
C GLN A 37 3.01 6.17 10.31
N THR A 38 1.76 5.92 9.87
CA THR A 38 0.57 6.67 10.34
C THR A 38 -0.10 5.99 11.56
N GLY A 39 0.21 4.70 11.80
CA GLY A 39 -0.26 4.00 13.00
C GLY A 39 -1.51 3.17 12.80
N VAL A 40 -2.24 3.40 11.70
CA VAL A 40 -3.53 2.72 11.45
C VAL A 40 -3.30 1.21 11.10
N PRO A 41 -3.99 0.25 11.82
CA PRO A 41 -3.88 -1.20 11.54
C PRO A 41 -4.37 -1.55 10.12
N PRO A 42 -3.50 -2.20 9.25
CA PRO A 42 -3.80 -2.42 7.80
C PRO A 42 -4.99 -3.36 7.54
N GLU A 43 -5.49 -4.04 8.59
CA GLU A 43 -6.71 -4.87 8.52
C GLU A 43 -7.94 -4.01 8.15
N GLN A 44 -7.89 -2.72 8.53
CA GLN A 44 -8.95 -1.74 8.27
C GLN A 44 -8.74 -1.03 6.92
N LEU A 45 -7.69 -1.40 6.16
CA LEU A 45 -7.31 -0.72 4.91
C LEU A 45 -7.21 -1.68 3.72
N ARG A 46 -7.37 -1.09 2.54
CA ARG A 46 -7.14 -1.71 1.24
C ARG A 46 -6.10 -0.84 0.54
N VAL A 47 -4.98 -1.43 0.11
CA VAL A 47 -3.96 -0.70 -0.66
C VAL A 47 -4.48 -0.55 -2.11
N ILE A 48 -4.52 0.69 -2.62
CA ILE A 48 -5.20 1.02 -3.89
C ILE A 48 -4.24 1.75 -4.86
N TYR A 49 -3.67 1.02 -5.82
CA TYR A 49 -2.79 1.60 -6.85
C TYR A 49 -3.63 2.26 -7.94
N ASN A 50 -3.60 3.61 -7.98
CA ASN A 50 -4.12 4.42 -9.10
C ASN A 50 -5.64 4.17 -9.37
N GLY A 51 -6.35 3.61 -8.36
CA GLY A 51 -7.77 3.26 -8.47
C GLY A 51 -8.04 1.76 -8.61
N ARG A 52 -7.08 0.92 -8.20
CA ARG A 52 -7.20 -0.57 -8.25
C ARG A 52 -6.90 -1.19 -6.88
N GLU A 53 -7.76 -2.14 -6.45
CA GLU A 53 -7.58 -2.86 -5.17
C GLU A 53 -6.46 -3.89 -5.30
N LEU A 54 -5.48 -3.80 -4.39
CA LEU A 54 -4.28 -4.65 -4.39
C LEU A 54 -4.41 -5.71 -3.29
N GLU A 55 -4.40 -6.98 -3.71
CA GLU A 55 -4.45 -8.13 -2.79
C GLU A 55 -3.09 -8.27 -2.08
N PRO A 56 -3.08 -8.38 -0.70
CA PRO A 56 -1.83 -8.34 0.10
C PRO A 56 -0.84 -9.46 -0.28
N ARG A 57 -1.40 -10.63 -0.64
CA ARG A 57 -0.64 -11.83 -1.02
C ARG A 57 0.21 -11.63 -2.29
N THR A 58 -0.31 -10.80 -3.21
CA THR A 58 0.27 -10.59 -4.55
C THR A 58 1.48 -9.64 -4.47
N THR A 59 2.42 -9.75 -5.44
CA THR A 59 3.63 -8.91 -5.48
C THR A 59 3.38 -7.58 -6.22
N LEU A 60 4.34 -6.64 -6.03
CA LEU A 60 4.27 -5.25 -6.52
C LEU A 60 4.32 -5.19 -8.07
N GLU A 61 5.27 -5.95 -8.63
CA GLU A 61 5.51 -6.03 -10.10
C GLU A 61 4.23 -6.39 -10.91
N GLU A 62 3.36 -7.21 -10.29
CA GLU A 62 2.09 -7.67 -10.89
C GLU A 62 1.10 -6.51 -11.07
N TYR A 63 1.16 -5.54 -10.14
CA TYR A 63 0.28 -4.35 -10.13
C TYR A 63 0.98 -3.12 -10.73
N ASN A 64 2.23 -3.29 -11.24
CA ASN A 64 3.02 -2.21 -11.86
C ASN A 64 3.29 -1.08 -10.81
N ILE A 65 3.63 -1.51 -9.58
CA ILE A 65 4.03 -0.58 -8.52
C ILE A 65 5.45 -0.08 -8.82
N THR A 66 5.52 0.99 -9.61
CA THR A 66 6.77 1.62 -10.06
C THR A 66 7.08 2.90 -9.25
N PRO A 67 8.35 3.46 -9.29
CA PRO A 67 8.70 4.65 -8.48
C PRO A 67 7.96 5.92 -8.94
N GLY A 68 7.38 6.65 -7.96
CA GLY A 68 6.70 7.92 -8.22
C GLY A 68 5.19 7.79 -8.29
N VAL A 69 4.64 6.60 -7.97
CA VAL A 69 3.17 6.35 -8.01
C VAL A 69 2.56 6.53 -6.62
N THR A 70 1.26 6.90 -6.58
CA THR A 70 0.51 7.10 -5.33
C THR A 70 -0.52 5.98 -5.14
N LEU A 71 -0.21 5.08 -4.20
CA LEU A 71 -1.17 4.13 -3.62
C LEU A 71 -2.08 4.88 -2.66
N GLU A 72 -3.28 4.35 -2.44
CA GLU A 72 -4.28 4.95 -1.56
C GLU A 72 -4.77 3.89 -0.57
N LEU A 73 -5.40 4.33 0.51
CA LEU A 73 -5.99 3.44 1.51
C LEU A 73 -7.49 3.72 1.64
N LYS A 74 -8.29 2.71 1.29
CA LYS A 74 -9.75 2.71 1.44
C LYS A 74 -10.10 1.77 2.59
N THR A 75 -11.20 2.07 3.32
CA THR A 75 -11.59 1.26 4.49
C THR A 75 -12.01 -0.17 4.06
N ARG A 76 -11.25 -1.18 4.52
CA ARG A 76 -11.55 -2.59 4.31
C ARG A 76 -12.68 -2.99 5.26
N SER A 77 -13.89 -2.58 4.89
CA SER A 77 -15.12 -2.81 5.65
C SER A 77 -15.74 -4.15 5.24
N SER A 78 -16.07 -4.98 6.23
CA SER A 78 -16.79 -6.25 6.01
C SER A 78 -18.31 -6.02 5.89
N GLY A 79 -18.74 -4.79 6.23
CA GLY A 79 -20.14 -4.37 6.13
C GLY A 79 -20.34 -3.05 6.87
N HIS A 80 -21.33 -3.01 7.78
CA HIS A 80 -21.62 -1.83 8.62
C HIS A 80 -22.56 -2.26 9.76
N GLY A 81 -23.55 -3.11 9.41
CA GLY A 81 -24.50 -3.68 10.38
C GLY A 81 -25.45 -4.67 9.74
N THR A 82 -24.95 -5.42 8.74
CA THR A 82 -25.72 -6.47 8.05
C THR A 82 -25.89 -7.72 8.95
N GLY A 1 14.52 3.63 -8.24
CA GLY A 1 15.84 3.71 -8.90
C GLY A 1 16.38 2.32 -9.21
N PRO A 2 17.74 2.13 -9.30
CA PRO A 2 18.36 0.82 -9.56
C PRO A 2 18.12 -0.15 -8.38
N GLY A 3 17.21 -1.12 -8.58
CA GLY A 3 16.81 -2.07 -7.54
C GLY A 3 15.46 -1.71 -6.95
N SER A 4 15.48 -0.99 -5.83
CA SER A 4 14.26 -0.52 -5.15
C SER A 4 13.66 0.71 -5.87
N LEU A 5 12.43 1.07 -5.47
CA LEU A 5 11.66 2.17 -6.06
C LEU A 5 10.89 2.92 -4.96
N GLU A 6 10.85 4.26 -5.07
CA GLU A 6 10.25 5.14 -4.06
C GLU A 6 8.81 5.50 -4.44
N ILE A 7 7.85 4.83 -3.79
CA ILE A 7 6.41 5.07 -3.98
C ILE A 7 5.84 5.88 -2.80
N LYS A 8 4.52 6.16 -2.84
CA LYS A 8 3.80 6.86 -1.75
C LYS A 8 2.48 6.12 -1.45
N ILE A 9 2.01 6.21 -0.19
CA ILE A 9 0.69 5.66 0.23
C ILE A 9 -0.13 6.77 0.92
N ARG A 10 -1.01 7.41 0.16
CA ARG A 10 -2.03 8.33 0.67
C ARG A 10 -3.05 7.55 1.55
N THR A 11 -3.03 7.82 2.85
CA THR A 11 -3.96 7.20 3.81
C THR A 11 -5.41 7.74 3.70
N THR A 12 -6.32 7.10 4.47
CA THR A 12 -7.66 7.65 4.77
C THR A 12 -7.54 8.98 5.54
N GLU A 13 -6.44 9.10 6.32
CA GLU A 13 -6.09 10.31 7.10
C GLU A 13 -5.77 11.49 6.15
N GLY A 14 -5.36 11.16 4.92
CA GLY A 14 -5.08 12.14 3.87
C GLY A 14 -3.60 12.39 3.65
N ARG A 15 -2.76 11.99 4.64
CA ARG A 15 -1.29 12.15 4.56
C ARG A 15 -0.70 11.19 3.51
N THR A 16 0.36 11.63 2.82
CA THR A 16 1.01 10.87 1.75
C THR A 16 2.33 10.27 2.27
N LEU A 17 2.35 8.94 2.45
CA LEU A 17 3.44 8.20 3.10
C LEU A 17 4.48 7.72 2.07
N THR A 18 5.52 8.52 1.88
CA THR A 18 6.58 8.25 0.89
C THR A 18 7.60 7.22 1.44
N VAL A 19 7.56 6.00 0.88
CA VAL A 19 8.51 4.91 1.25
C VAL A 19 9.24 4.39 0.01
N ASP A 20 10.31 3.61 0.24
CA ASP A 20 11.07 2.94 -0.83
C ASP A 20 11.13 1.43 -0.55
N VAL A 21 10.69 0.64 -1.55
CA VAL A 21 10.59 -0.84 -1.46
C VAL A 21 10.98 -1.46 -2.82
N LYS A 22 11.34 -2.74 -2.81
CA LYS A 22 11.67 -3.49 -4.04
C LYS A 22 10.37 -3.99 -4.70
N PRO A 23 10.29 -4.06 -6.07
CA PRO A 23 9.09 -4.57 -6.80
C PRO A 23 8.88 -6.09 -6.57
N ASP A 24 9.90 -6.73 -5.98
CA ASP A 24 9.88 -8.17 -5.64
C ASP A 24 9.06 -8.45 -4.37
N ARG A 25 8.78 -7.38 -3.59
CA ARG A 25 8.09 -7.48 -2.29
C ARG A 25 6.56 -7.69 -2.49
N THR A 26 5.87 -8.20 -1.46
CA THR A 26 4.40 -8.36 -1.49
C THR A 26 3.71 -7.09 -1.00
N ILE A 27 2.40 -6.97 -1.29
CA ILE A 27 1.58 -5.82 -0.84
C ILE A 27 1.49 -5.82 0.71
N GLU A 28 1.62 -7.04 1.32
CA GLU A 28 1.76 -7.22 2.80
C GLU A 28 2.82 -6.29 3.40
N GLU A 29 3.94 -6.16 2.67
CA GLU A 29 5.09 -5.36 3.10
C GLU A 29 4.79 -3.86 2.99
N LEU A 30 3.92 -3.47 2.05
CA LEU A 30 3.43 -2.07 1.95
C LEU A 30 2.50 -1.75 3.12
N MET A 31 1.60 -2.71 3.41
CA MET A 31 0.63 -2.65 4.52
C MET A 31 1.36 -2.56 5.87
N GLU A 32 2.57 -3.19 5.91
CA GLU A 32 3.49 -3.10 7.05
C GLU A 32 3.96 -1.65 7.26
N LYS A 33 4.47 -1.05 6.16
CA LYS A 33 5.06 0.29 6.18
C LYS A 33 4.05 1.33 6.70
N LEU A 34 2.90 1.46 6.00
CA LEU A 34 1.85 2.44 6.34
C LEU A 34 1.33 2.25 7.78
N LYS A 35 1.30 1.00 8.26
CA LYS A 35 0.96 0.68 9.67
C LYS A 35 1.94 1.36 10.66
N GLU A 36 3.25 1.18 10.46
CA GLU A 36 4.27 1.70 11.39
C GLU A 36 4.51 3.22 11.19
N GLN A 37 4.03 3.78 10.05
CA GLN A 37 4.13 5.23 9.77
C GLN A 37 3.04 6.02 10.49
N THR A 38 1.77 5.80 10.10
CA THR A 38 0.63 6.59 10.60
C THR A 38 -0.08 5.90 11.80
N GLY A 39 0.16 4.58 11.99
CA GLY A 39 -0.38 3.85 13.14
C GLY A 39 -1.64 3.03 12.83
N VAL A 40 -2.30 3.37 11.71
CA VAL A 40 -3.59 2.77 11.32
C VAL A 40 -3.41 1.26 10.98
N PRO A 41 -4.34 0.34 11.47
CA PRO A 41 -4.21 -1.12 11.23
C PRO A 41 -4.50 -1.49 9.75
N PRO A 42 -3.56 -2.23 9.06
CA PRO A 42 -3.67 -2.51 7.60
C PRO A 42 -4.87 -3.40 7.25
N GLU A 43 -5.27 -4.28 8.19
CA GLU A 43 -6.41 -5.21 8.01
C GLU A 43 -7.74 -4.44 7.87
N GLN A 44 -7.75 -3.19 8.37
CA GLN A 44 -8.92 -2.29 8.33
C GLN A 44 -8.92 -1.44 7.02
N LEU A 45 -7.84 -1.57 6.21
CA LEU A 45 -7.66 -0.79 4.96
C LEU A 45 -7.43 -1.72 3.74
N ARG A 46 -7.48 -1.08 2.55
CA ARG A 46 -7.20 -1.69 1.24
C ARG A 46 -6.18 -0.79 0.53
N VAL A 47 -5.03 -1.33 0.11
CA VAL A 47 -4.06 -0.58 -0.69
C VAL A 47 -4.56 -0.51 -2.15
N ILE A 48 -4.52 0.70 -2.75
CA ILE A 48 -5.11 0.97 -4.09
C ILE A 48 -4.06 1.62 -5.02
N TYR A 49 -3.80 0.99 -6.18
CA TYR A 49 -2.91 1.55 -7.23
C TYR A 49 -3.74 1.91 -8.48
N ASN A 50 -3.86 3.23 -8.74
CA ASN A 50 -4.45 3.77 -9.99
C ASN A 50 -5.97 3.43 -10.09
N GLY A 51 -6.61 3.15 -8.94
CA GLY A 51 -8.03 2.76 -8.87
C GLY A 51 -8.24 1.25 -8.77
N ARG A 52 -7.15 0.48 -8.81
CA ARG A 52 -7.18 -0.99 -8.69
C ARG A 52 -6.92 -1.42 -7.24
N GLU A 53 -7.71 -2.38 -6.73
CA GLU A 53 -7.55 -2.93 -5.38
C GLU A 53 -6.39 -3.94 -5.36
N LEU A 54 -5.49 -3.79 -4.38
CA LEU A 54 -4.27 -4.61 -4.27
C LEU A 54 -4.41 -5.59 -3.11
N GLU A 55 -4.50 -6.90 -3.43
CA GLU A 55 -4.54 -7.97 -2.42
C GLU A 55 -3.15 -8.11 -1.75
N PRO A 56 -3.09 -8.22 -0.38
CA PRO A 56 -1.81 -8.28 0.37
C PRO A 56 -0.88 -9.42 -0.10
N ARG A 57 -1.48 -10.59 -0.38
CA ARG A 57 -0.76 -11.80 -0.82
C ARG A 57 0.00 -11.58 -2.16
N THR A 58 -0.56 -10.72 -3.03
CA THR A 58 -0.03 -10.48 -4.38
C THR A 58 1.24 -9.59 -4.33
N THR A 59 2.11 -9.73 -5.34
CA THR A 59 3.40 -9.02 -5.40
C THR A 59 3.22 -7.62 -6.06
N LEU A 60 4.22 -6.74 -5.85
CA LEU A 60 4.25 -5.37 -6.39
C LEU A 60 4.37 -5.37 -7.93
N GLU A 61 5.27 -6.24 -8.43
CA GLU A 61 5.56 -6.39 -9.87
C GLU A 61 4.29 -6.78 -10.67
N GLU A 62 3.36 -7.49 -10.00
CA GLU A 62 2.09 -7.95 -10.58
C GLU A 62 1.14 -6.77 -10.89
N TYR A 63 1.28 -5.70 -10.09
CA TYR A 63 0.48 -4.46 -10.23
C TYR A 63 1.27 -3.34 -10.94
N ASN A 64 2.58 -3.58 -11.16
CA ASN A 64 3.51 -2.58 -11.71
C ASN A 64 3.62 -1.35 -10.78
N ILE A 65 3.81 -1.63 -9.48
CA ILE A 65 4.04 -0.60 -8.45
C ILE A 65 5.41 0.07 -8.73
N THR A 66 5.38 1.17 -9.47
CA THR A 66 6.56 1.91 -9.96
C THR A 66 6.77 3.22 -9.15
N PRO A 67 8.01 3.82 -9.12
CA PRO A 67 8.31 4.99 -8.26
C PRO A 67 7.54 6.27 -8.68
N GLY A 68 7.10 7.04 -7.67
CA GLY A 68 6.42 8.32 -7.88
C GLY A 68 4.90 8.21 -7.83
N VAL A 69 4.36 6.97 -7.87
CA VAL A 69 2.91 6.74 -7.85
C VAL A 69 2.32 6.94 -6.44
N THR A 70 1.02 7.26 -6.38
CA THR A 70 0.32 7.54 -5.13
C THR A 70 -0.73 6.45 -4.85
N LEU A 71 -0.35 5.45 -4.05
CA LEU A 71 -1.28 4.43 -3.53
C LEU A 71 -2.28 5.08 -2.58
N GLU A 72 -3.46 4.47 -2.41
CA GLU A 72 -4.52 5.03 -1.54
C GLU A 72 -5.05 3.94 -0.60
N LEU A 73 -5.46 4.37 0.60
CA LEU A 73 -6.08 3.48 1.58
C LEU A 73 -7.60 3.72 1.60
N LYS A 74 -8.36 2.70 1.21
CA LYS A 74 -9.84 2.69 1.29
C LYS A 74 -10.25 1.71 2.40
N THR A 75 -11.30 2.06 3.18
CA THR A 75 -11.71 1.26 4.36
C THR A 75 -12.23 -0.13 3.95
N ARG A 76 -11.55 -1.18 4.46
CA ARG A 76 -11.94 -2.59 4.28
C ARG A 76 -13.19 -2.90 5.15
N SER A 77 -14.36 -2.81 4.50
CA SER A 77 -15.66 -3.09 5.14
C SER A 77 -15.87 -4.62 5.23
N SER A 78 -15.42 -5.22 6.34
CA SER A 78 -15.68 -6.65 6.67
C SER A 78 -15.82 -6.82 8.20
N GLY A 79 -16.20 -5.71 8.89
CA GLY A 79 -16.36 -5.72 10.35
C GLY A 79 -17.77 -6.10 10.76
N HIS A 80 -18.18 -7.34 10.38
CA HIS A 80 -19.51 -7.90 10.72
C HIS A 80 -19.38 -8.82 11.95
N GLY A 81 -20.13 -8.48 13.02
CA GLY A 81 -20.00 -9.14 14.31
C GLY A 81 -18.73 -8.72 15.04
N THR A 82 -18.37 -7.43 14.91
CA THR A 82 -17.15 -6.85 15.51
C THR A 82 -17.34 -6.64 17.04
N GLY A 1 23.01 -3.01 -4.67
CA GLY A 1 22.45 -2.50 -3.39
C GLY A 1 20.94 -2.72 -3.30
N PRO A 2 20.23 -1.98 -2.39
CA PRO A 2 18.75 -2.04 -2.28
C PRO A 2 18.05 -1.68 -3.61
N GLY A 3 17.56 -2.72 -4.30
CA GLY A 3 16.81 -2.56 -5.56
C GLY A 3 15.37 -2.15 -5.29
N SER A 4 15.20 -0.95 -4.73
CA SER A 4 13.91 -0.42 -4.31
C SER A 4 13.53 0.83 -5.11
N LEU A 5 12.24 1.12 -5.12
CA LEU A 5 11.63 2.24 -5.86
C LEU A 5 10.71 3.03 -4.92
N GLU A 6 10.75 4.35 -5.05
CA GLU A 6 10.08 5.27 -4.13
C GLU A 6 8.62 5.50 -4.54
N ILE A 7 7.69 5.05 -3.71
CA ILE A 7 6.24 5.23 -3.91
C ILE A 7 5.62 5.99 -2.73
N LYS A 8 4.40 6.50 -2.94
CA LYS A 8 3.60 7.17 -1.91
C LYS A 8 2.44 6.26 -1.48
N ILE A 9 2.03 6.37 -0.19
CA ILE A 9 0.85 5.65 0.34
C ILE A 9 -0.01 6.68 1.11
N ARG A 10 -0.96 7.31 0.42
CA ARG A 10 -1.93 8.21 1.05
C ARG A 10 -2.98 7.41 1.85
N THR A 11 -3.17 7.77 3.13
CA THR A 11 -4.11 7.07 4.03
C THR A 11 -5.55 7.60 3.86
N THR A 12 -6.51 6.93 4.55
CA THR A 12 -7.92 7.39 4.66
C THR A 12 -8.02 8.77 5.33
N GLU A 13 -7.03 9.06 6.19
CA GLU A 13 -6.91 10.33 6.93
C GLU A 13 -6.65 11.50 5.98
N GLY A 14 -6.00 11.18 4.82
CA GLY A 14 -5.70 12.18 3.77
C GLY A 14 -4.23 12.50 3.69
N ARG A 15 -3.45 12.07 4.71
CA ARG A 15 -1.98 12.29 4.77
C ARG A 15 -1.31 11.41 3.69
N THR A 16 -0.25 11.92 3.04
CA THR A 16 0.45 11.16 1.98
C THR A 16 1.83 10.72 2.49
N LEU A 17 1.97 9.41 2.73
CA LEU A 17 3.21 8.80 3.22
C LEU A 17 4.13 8.56 2.02
N THR A 18 5.43 8.34 2.26
CA THR A 18 6.38 8.04 1.18
C THR A 18 7.51 7.10 1.70
N VAL A 19 7.66 5.93 1.07
CA VAL A 19 8.76 4.97 1.33
C VAL A 19 9.32 4.44 0.01
N ASP A 20 10.52 3.87 0.06
CA ASP A 20 11.13 3.13 -1.07
C ASP A 20 11.10 1.64 -0.72
N VAL A 21 10.51 0.84 -1.61
CA VAL A 21 10.30 -0.62 -1.41
C VAL A 21 10.65 -1.37 -2.70
N LYS A 22 11.12 -2.62 -2.54
CA LYS A 22 11.46 -3.47 -3.69
C LYS A 22 10.19 -3.92 -4.42
N PRO A 23 10.19 -3.96 -5.78
CA PRO A 23 9.04 -4.47 -6.59
C PRO A 23 8.84 -5.99 -6.39
N ASP A 24 9.85 -6.65 -5.81
CA ASP A 24 9.86 -8.10 -5.49
C ASP A 24 8.95 -8.41 -4.29
N ARG A 25 8.68 -7.37 -3.45
CA ARG A 25 7.93 -7.51 -2.18
C ARG A 25 6.44 -7.78 -2.43
N THR A 26 5.74 -8.24 -1.38
CA THR A 26 4.28 -8.46 -1.40
C THR A 26 3.54 -7.19 -1.00
N ILE A 27 2.22 -7.17 -1.23
CA ILE A 27 1.35 -6.06 -0.82
C ILE A 27 1.27 -6.02 0.72
N GLU A 28 1.45 -7.20 1.37
CA GLU A 28 1.57 -7.35 2.84
C GLU A 28 2.69 -6.45 3.40
N GLU A 29 3.83 -6.42 2.69
CA GLU A 29 5.00 -5.57 3.01
C GLU A 29 4.58 -4.09 3.04
N LEU A 30 3.79 -3.68 2.04
CA LEU A 30 3.27 -2.29 1.94
C LEU A 30 2.39 -1.97 3.16
N MET A 31 1.53 -2.94 3.53
CA MET A 31 0.62 -2.83 4.68
C MET A 31 1.41 -2.63 5.99
N GLU A 32 2.62 -3.22 6.04
CA GLU A 32 3.57 -3.05 7.17
C GLU A 32 4.22 -1.66 7.15
N LYS A 33 4.55 -1.15 5.94
CA LYS A 33 5.21 0.17 5.78
C LYS A 33 4.30 1.26 6.33
N LEU A 34 3.09 1.37 5.76
CA LEU A 34 2.08 2.36 6.18
C LEU A 34 1.71 2.18 7.68
N LYS A 35 1.70 0.92 8.14
CA LYS A 35 1.44 0.60 9.56
C LYS A 35 2.55 1.19 10.48
N GLU A 36 3.83 1.15 10.04
CA GLU A 36 4.95 1.68 10.87
C GLU A 36 5.07 3.22 10.71
N GLN A 37 4.58 3.76 9.57
CA GLN A 37 4.62 5.20 9.27
C GLN A 37 3.57 5.96 10.09
N THR A 38 2.28 5.70 9.79
CA THR A 38 1.16 6.44 10.39
C THR A 38 0.59 5.70 11.63
N GLY A 39 0.74 4.37 11.70
CA GLY A 39 0.23 3.59 12.84
C GLY A 39 -1.18 3.06 12.68
N VAL A 40 -1.86 3.41 11.56
CA VAL A 40 -3.23 2.95 11.26
C VAL A 40 -3.20 1.43 10.91
N PRO A 41 -4.08 0.58 11.56
CA PRO A 41 -4.06 -0.89 11.36
C PRO A 41 -4.58 -1.29 9.95
N PRO A 42 -3.73 -1.98 9.11
CA PRO A 42 -4.09 -2.30 7.70
C PRO A 42 -5.26 -3.30 7.55
N GLU A 43 -5.68 -3.89 8.68
CA GLU A 43 -6.88 -4.75 8.75
C GLU A 43 -8.16 -3.96 8.39
N GLN A 44 -8.14 -2.64 8.67
CA GLN A 44 -9.24 -1.72 8.40
C GLN A 44 -9.02 -0.94 7.08
N LEU A 45 -7.92 -1.26 6.36
CA LEU A 45 -7.52 -0.56 5.11
C LEU A 45 -7.35 -1.55 3.95
N ARG A 46 -7.33 -0.98 2.73
CA ARG A 46 -7.04 -1.68 1.48
C ARG A 46 -5.99 -0.86 0.75
N VAL A 47 -4.87 -1.49 0.36
CA VAL A 47 -3.86 -0.85 -0.49
C VAL A 47 -4.39 -0.78 -1.93
N ILE A 48 -4.45 0.43 -2.47
CA ILE A 48 -4.95 0.72 -3.83
C ILE A 48 -3.80 1.31 -4.66
N TYR A 49 -3.76 0.99 -5.96
CA TYR A 49 -2.82 1.59 -6.92
C TYR A 49 -3.60 2.00 -8.16
N ASN A 50 -3.64 3.31 -8.42
CA ASN A 50 -4.18 3.89 -9.68
C ASN A 50 -5.67 3.47 -9.88
N GLY A 51 -6.39 3.31 -8.75
CA GLY A 51 -7.81 2.95 -8.74
C GLY A 51 -8.06 1.44 -8.84
N ARG A 52 -7.04 0.64 -8.51
CA ARG A 52 -7.13 -0.83 -8.50
C ARG A 52 -6.85 -1.37 -7.10
N GLU A 53 -7.68 -2.32 -6.65
CA GLU A 53 -7.54 -2.93 -5.32
C GLU A 53 -6.44 -3.99 -5.34
N LEU A 54 -5.42 -3.83 -4.48
CA LEU A 54 -4.26 -4.71 -4.44
C LEU A 54 -4.45 -5.81 -3.39
N GLU A 55 -4.53 -7.06 -3.88
CA GLU A 55 -4.64 -8.26 -3.06
C GLU A 55 -3.35 -8.49 -2.27
N PRO A 56 -3.42 -8.72 -0.91
CA PRO A 56 -2.22 -8.93 -0.05
C PRO A 56 -1.41 -10.19 -0.44
N ARG A 57 -2.12 -11.16 -1.08
CA ARG A 57 -1.52 -12.42 -1.58
C ARG A 57 -0.52 -12.16 -2.73
N THR A 58 -0.67 -11.02 -3.41
CA THR A 58 0.06 -10.69 -4.64
C THR A 58 1.28 -9.78 -4.35
N THR A 59 2.21 -9.68 -5.32
CA THR A 59 3.42 -8.82 -5.22
C THR A 59 3.24 -7.50 -6.00
N LEU A 60 4.24 -6.62 -5.86
CA LEU A 60 4.25 -5.25 -6.41
C LEU A 60 4.44 -5.25 -7.94
N GLU A 61 5.39 -6.08 -8.38
CA GLU A 61 5.74 -6.29 -9.80
C GLU A 61 4.51 -6.65 -10.67
N GLU A 62 3.55 -7.37 -10.06
CA GLU A 62 2.32 -7.82 -10.73
C GLU A 62 1.38 -6.65 -11.05
N TYR A 63 1.43 -5.61 -10.22
CA TYR A 63 0.60 -4.39 -10.40
C TYR A 63 1.38 -3.27 -11.10
N ASN A 64 2.72 -3.46 -11.25
CA ASN A 64 3.65 -2.43 -11.75
C ASN A 64 3.67 -1.24 -10.76
N ILE A 65 3.95 -1.57 -9.50
CA ILE A 65 4.23 -0.58 -8.46
C ILE A 65 5.64 -0.01 -8.73
N THR A 66 5.66 1.07 -9.53
CA THR A 66 6.90 1.73 -9.98
C THR A 66 7.05 3.11 -9.30
N PRO A 67 8.28 3.74 -9.31
CA PRO A 67 8.53 5.00 -8.55
C PRO A 67 7.76 6.21 -9.13
N GLY A 68 7.13 7.00 -8.23
CA GLY A 68 6.37 8.19 -8.62
C GLY A 68 4.85 8.00 -8.54
N VAL A 69 4.39 6.80 -8.14
CA VAL A 69 2.95 6.46 -8.10
C VAL A 69 2.40 6.65 -6.66
N THR A 70 1.14 7.07 -6.57
CA THR A 70 0.46 7.33 -5.29
C THR A 70 -0.55 6.21 -5.01
N LEU A 71 -0.15 5.29 -4.13
CA LEU A 71 -1.05 4.31 -3.50
C LEU A 71 -1.99 5.04 -2.55
N GLU A 72 -3.22 4.55 -2.41
CA GLU A 72 -4.22 5.13 -1.49
C GLU A 72 -4.79 4.00 -0.60
N LEU A 73 -5.23 4.38 0.60
CA LEU A 73 -5.83 3.45 1.56
C LEU A 73 -7.31 3.73 1.68
N LYS A 74 -8.12 2.76 1.25
CA LYS A 74 -9.59 2.79 1.36
C LYS A 74 -10.02 1.86 2.49
N THR A 75 -11.22 2.07 3.07
CA THR A 75 -11.72 1.27 4.20
C THR A 75 -12.04 -0.18 3.75
N ARG A 76 -11.58 -1.15 4.56
CA ARG A 76 -11.75 -2.60 4.29
C ARG A 76 -13.10 -3.06 4.84
N SER A 77 -13.67 -4.13 4.23
CA SER A 77 -14.95 -4.75 4.64
C SER A 77 -14.93 -5.17 6.13
N SER A 78 -15.37 -4.25 7.00
CA SER A 78 -15.47 -4.47 8.46
C SER A 78 -16.90 -4.11 8.93
N GLY A 79 -17.82 -3.98 7.94
CA GLY A 79 -19.22 -3.62 8.18
C GLY A 79 -20.04 -4.81 8.64
N HIS A 80 -19.80 -5.25 9.88
CA HIS A 80 -20.54 -6.32 10.57
C HIS A 80 -20.95 -5.81 11.94
N GLY A 81 -22.27 -5.58 12.11
CA GLY A 81 -22.81 -4.87 13.27
C GLY A 81 -23.17 -3.43 12.91
N THR A 82 -22.70 -2.98 11.73
CA THR A 82 -23.00 -1.66 11.17
C THR A 82 -23.68 -1.84 9.79
N GLY A 1 15.76 3.36 -2.78
CA GLY A 1 17.08 2.71 -2.92
C GLY A 1 17.35 2.22 -4.34
N PRO A 2 18.63 1.84 -4.67
CA PRO A 2 18.98 1.27 -6.00
C PRO A 2 18.16 -0.01 -6.31
N GLY A 3 17.19 0.14 -7.22
CA GLY A 3 16.25 -0.93 -7.58
C GLY A 3 14.97 -0.88 -6.75
N SER A 4 15.12 -0.62 -5.44
CA SER A 4 13.99 -0.47 -4.52
C SER A 4 13.25 0.85 -4.82
N LEU A 5 12.15 0.71 -5.56
CA LEU A 5 11.38 1.83 -6.13
C LEU A 5 10.65 2.64 -5.03
N GLU A 6 10.71 3.98 -5.15
CA GLU A 6 10.17 4.90 -4.15
C GLU A 6 8.77 5.40 -4.55
N ILE A 7 7.76 4.82 -3.92
CA ILE A 7 6.35 5.16 -4.13
C ILE A 7 5.81 5.96 -2.92
N LYS A 8 4.51 6.29 -2.95
CA LYS A 8 3.82 7.03 -1.87
C LYS A 8 2.49 6.31 -1.53
N ILE A 9 2.08 6.34 -0.24
CA ILE A 9 0.80 5.75 0.22
C ILE A 9 -0.02 6.83 0.95
N ARG A 10 -0.99 7.41 0.24
CA ARG A 10 -2.02 8.29 0.82
C ARG A 10 -3.00 7.46 1.67
N THR A 11 -3.15 7.81 2.95
CA THR A 11 -4.02 7.09 3.90
C THR A 11 -5.44 7.68 3.95
N THR A 12 -6.33 7.06 4.75
CA THR A 12 -7.73 7.54 4.97
C THR A 12 -7.76 8.92 5.67
N GLU A 13 -6.75 9.19 6.52
CA GLU A 13 -6.61 10.48 7.22
C GLU A 13 -6.01 11.56 6.28
N GLY A 14 -5.63 11.16 5.06
CA GLY A 14 -5.29 12.09 3.98
C GLY A 14 -3.81 12.45 3.90
N ARG A 15 -2.98 11.83 4.77
CA ARG A 15 -1.52 12.05 4.77
C ARG A 15 -0.87 11.09 3.76
N THR A 16 0.17 11.57 3.06
CA THR A 16 0.89 10.76 2.07
C THR A 16 2.21 10.25 2.67
N LEU A 17 2.49 8.95 2.46
CA LEU A 17 3.62 8.25 3.09
C LEU A 17 4.61 7.74 2.01
N THR A 18 5.64 8.52 1.73
CA THR A 18 6.65 8.18 0.70
C THR A 18 7.69 7.19 1.25
N VAL A 19 7.68 5.95 0.75
CA VAL A 19 8.64 4.89 1.12
C VAL A 19 9.20 4.20 -0.14
N ASP A 20 10.37 3.55 0.01
CA ASP A 20 11.00 2.80 -1.09
C ASP A 20 11.11 1.32 -0.69
N VAL A 21 10.70 0.45 -1.61
CA VAL A 21 10.68 -1.02 -1.43
C VAL A 21 10.98 -1.70 -2.76
N LYS A 22 11.50 -2.94 -2.68
CA LYS A 22 11.83 -3.75 -3.87
C LYS A 22 10.52 -4.16 -4.59
N PRO A 23 10.49 -4.20 -5.96
CA PRO A 23 9.31 -4.69 -6.72
C PRO A 23 9.06 -6.20 -6.49
N ASP A 24 10.08 -6.87 -5.93
CA ASP A 24 10.05 -8.30 -5.56
C ASP A 24 9.22 -8.54 -4.28
N ARG A 25 8.94 -7.44 -3.54
CA ARG A 25 8.17 -7.47 -2.28
C ARG A 25 6.67 -7.60 -2.57
N THR A 26 5.91 -8.07 -1.58
CA THR A 26 4.45 -8.19 -1.67
C THR A 26 3.78 -6.95 -1.10
N ILE A 27 2.46 -6.81 -1.34
CA ILE A 27 1.68 -5.66 -0.85
C ILE A 27 1.64 -5.69 0.70
N GLU A 28 1.84 -6.90 1.29
CA GLU A 28 2.05 -7.10 2.76
C GLU A 28 3.11 -6.14 3.33
N GLU A 29 4.22 -5.99 2.56
CA GLU A 29 5.31 -5.06 2.89
C GLU A 29 4.84 -3.61 2.92
N LEU A 30 3.98 -3.24 1.96
CA LEU A 30 3.43 -1.88 1.89
C LEU A 30 2.52 -1.61 3.10
N MET A 31 1.70 -2.61 3.42
CA MET A 31 0.75 -2.59 4.56
C MET A 31 1.51 -2.54 5.90
N GLU A 32 2.72 -3.15 5.92
CA GLU A 32 3.63 -3.18 7.08
C GLU A 32 4.21 -1.77 7.31
N LYS A 33 4.72 -1.18 6.20
CA LYS A 33 5.32 0.16 6.18
C LYS A 33 4.31 1.21 6.68
N LEU A 34 3.17 1.36 5.96
CA LEU A 34 2.14 2.38 6.28
C LEU A 34 1.62 2.23 7.72
N LYS A 35 1.55 0.97 8.22
CA LYS A 35 1.12 0.69 9.61
C LYS A 35 2.07 1.35 10.64
N GLU A 36 3.39 1.18 10.45
CA GLU A 36 4.38 1.74 11.41
C GLU A 36 4.60 3.26 11.18
N GLN A 37 4.12 3.79 10.03
CA GLN A 37 4.21 5.23 9.71
C GLN A 37 3.07 6.01 10.38
N THR A 38 1.83 5.77 9.94
CA THR A 38 0.65 6.54 10.40
C THR A 38 -0.01 5.89 11.63
N GLY A 39 0.13 4.55 11.77
CA GLY A 39 -0.43 3.83 12.92
C GLY A 39 -1.71 3.06 12.60
N VAL A 40 -2.38 3.40 11.49
CA VAL A 40 -3.68 2.82 11.11
C VAL A 40 -3.52 1.29 10.78
N PRO A 41 -4.37 0.37 11.37
CA PRO A 41 -4.27 -1.09 11.14
C PRO A 41 -4.62 -1.48 9.68
N PRO A 42 -3.68 -2.11 8.91
CA PRO A 42 -3.85 -2.36 7.46
C PRO A 42 -4.99 -3.35 7.14
N GLU A 43 -5.32 -4.22 8.10
CA GLU A 43 -6.44 -5.19 7.97
C GLU A 43 -7.79 -4.46 7.81
N GLN A 44 -7.88 -3.26 8.41
CA GLN A 44 -9.06 -2.39 8.39
C GLN A 44 -9.15 -1.60 7.07
N LEU A 45 -8.06 -1.61 6.27
CA LEU A 45 -7.93 -0.83 5.02
C LEU A 45 -7.68 -1.75 3.81
N ARG A 46 -7.67 -1.11 2.63
CA ARG A 46 -7.40 -1.72 1.32
C ARG A 46 -6.44 -0.80 0.56
N VAL A 47 -5.29 -1.33 0.12
CA VAL A 47 -4.32 -0.55 -0.69
C VAL A 47 -4.84 -0.47 -2.13
N ILE A 48 -4.84 0.75 -2.70
CA ILE A 48 -5.39 1.04 -4.04
C ILE A 48 -4.30 1.73 -4.90
N TYR A 49 -3.89 1.09 -6.00
CA TYR A 49 -2.93 1.65 -6.98
C TYR A 49 -3.69 2.22 -8.19
N ASN A 50 -3.75 3.56 -8.26
CA ASN A 50 -4.26 4.31 -9.44
C ASN A 50 -5.74 3.91 -9.78
N GLY A 51 -6.50 3.49 -8.74
CA GLY A 51 -7.90 3.08 -8.91
C GLY A 51 -8.12 1.57 -8.85
N ARG A 52 -7.02 0.80 -8.90
CA ARG A 52 -7.06 -0.68 -8.84
C ARG A 52 -6.86 -1.15 -7.39
N GLU A 53 -7.67 -2.12 -6.94
CA GLU A 53 -7.54 -2.69 -5.60
C GLU A 53 -6.38 -3.69 -5.56
N LEU A 54 -5.60 -3.68 -4.46
CA LEU A 54 -4.41 -4.54 -4.30
C LEU A 54 -4.61 -5.54 -3.15
N GLU A 55 -4.40 -6.82 -3.45
CA GLU A 55 -4.40 -7.90 -2.47
C GLU A 55 -3.03 -7.99 -1.78
N PRO A 56 -2.97 -8.08 -0.40
CA PRO A 56 -1.69 -8.12 0.36
C PRO A 56 -0.76 -9.25 -0.11
N ARG A 57 -1.36 -10.43 -0.36
CA ARG A 57 -0.65 -11.68 -0.75
C ARG A 57 0.15 -11.50 -2.06
N THR A 58 -0.30 -10.60 -2.92
CA THR A 58 0.23 -10.43 -4.29
C THR A 58 1.48 -9.52 -4.29
N THR A 59 2.39 -9.73 -5.26
CA THR A 59 3.65 -8.98 -5.39
C THR A 59 3.39 -7.60 -6.06
N LEU A 60 4.38 -6.69 -5.90
CA LEU A 60 4.36 -5.33 -6.46
C LEU A 60 4.48 -5.37 -8.00
N GLU A 61 5.45 -6.17 -8.48
CA GLU A 61 5.72 -6.36 -9.92
C GLU A 61 4.50 -6.91 -10.69
N GLU A 62 3.57 -7.54 -9.97
CA GLU A 62 2.32 -8.08 -10.53
C GLU A 62 1.35 -6.94 -10.90
N TYR A 63 1.33 -5.91 -10.04
CA TYR A 63 0.48 -4.71 -10.25
C TYR A 63 1.24 -3.59 -10.98
N ASN A 64 2.56 -3.81 -11.18
CA ASN A 64 3.49 -2.83 -11.76
C ASN A 64 3.51 -1.55 -10.90
N ILE A 65 3.71 -1.75 -9.58
CA ILE A 65 3.88 -0.67 -8.60
C ILE A 65 5.25 0.01 -8.85
N THR A 66 5.26 0.98 -9.76
CA THR A 66 6.47 1.71 -10.19
C THR A 66 6.69 2.99 -9.35
N PRO A 67 7.95 3.56 -9.28
CA PRO A 67 8.27 4.71 -8.40
C PRO A 67 7.58 6.02 -8.83
N GLY A 68 7.09 6.78 -7.82
CA GLY A 68 6.47 8.07 -8.04
C GLY A 68 4.95 8.02 -8.07
N VAL A 69 4.37 6.81 -8.04
CA VAL A 69 2.90 6.63 -7.99
C VAL A 69 2.38 6.84 -6.55
N THR A 70 1.07 7.10 -6.43
CA THR A 70 0.41 7.31 -5.14
C THR A 70 -0.69 6.27 -4.94
N LEU A 71 -0.42 5.33 -4.03
CA LEU A 71 -1.41 4.37 -3.52
C LEU A 71 -2.37 5.09 -2.55
N GLU A 72 -3.56 4.53 -2.35
CA GLU A 72 -4.60 5.12 -1.50
C GLU A 72 -5.22 4.04 -0.61
N LEU A 73 -5.49 4.38 0.66
CA LEU A 73 -6.14 3.47 1.63
C LEU A 73 -7.64 3.76 1.70
N LYS A 74 -8.44 2.76 1.34
CA LYS A 74 -9.90 2.77 1.45
C LYS A 74 -10.31 1.77 2.54
N THR A 75 -11.41 2.06 3.25
CA THR A 75 -11.90 1.19 4.35
C THR A 75 -12.29 -0.22 3.84
N ARG A 76 -12.12 -1.22 4.72
CA ARG A 76 -12.45 -2.63 4.42
C ARG A 76 -13.66 -3.01 5.28
N SER A 77 -14.86 -2.67 4.76
CA SER A 77 -16.16 -2.96 5.40
C SER A 77 -16.31 -2.29 6.78
N SER A 78 -15.44 -1.31 7.03
CA SER A 78 -15.29 -0.63 8.32
C SER A 78 -15.74 0.83 8.22
N GLY A 79 -16.00 1.44 9.39
CA GLY A 79 -16.39 2.85 9.46
C GLY A 79 -15.18 3.75 9.45
N HIS A 80 -14.39 3.65 10.54
CA HIS A 80 -13.21 4.48 10.81
C HIS A 80 -13.58 5.98 10.70
N GLY A 81 -14.34 6.46 11.69
CA GLY A 81 -14.75 7.87 11.78
C GLY A 81 -13.57 8.77 12.12
N THR A 82 -12.71 8.27 13.01
CA THR A 82 -11.46 8.91 13.42
C THR A 82 -10.49 7.83 13.97
N GLY A 1 16.49 5.52 -5.77
CA GLY A 1 17.67 4.69 -6.10
C GLY A 1 17.33 3.49 -6.96
N PRO A 2 18.35 2.76 -7.51
CA PRO A 2 18.15 1.46 -8.19
C PRO A 2 17.78 0.34 -7.18
N GLY A 3 17.15 -0.72 -7.68
CA GLY A 3 16.67 -1.82 -6.83
C GLY A 3 15.30 -1.50 -6.24
N SER A 4 15.29 -0.77 -5.10
CA SER A 4 14.05 -0.28 -4.48
C SER A 4 13.48 0.90 -5.30
N LEU A 5 12.15 0.92 -5.43
CA LEU A 5 11.40 2.01 -6.09
C LEU A 5 10.56 2.79 -5.06
N GLU A 6 10.54 4.12 -5.20
CA GLU A 6 9.93 5.02 -4.23
C GLU A 6 8.47 5.31 -4.62
N ILE A 7 7.53 4.86 -3.79
CA ILE A 7 6.08 5.06 -3.98
C ILE A 7 5.49 5.92 -2.85
N LYS A 8 4.25 6.39 -3.04
CA LYS A 8 3.47 7.11 -2.01
C LYS A 8 2.24 6.29 -1.62
N ILE A 9 1.80 6.41 -0.35
CA ILE A 9 0.57 5.75 0.14
C ILE A 9 -0.30 6.78 0.89
N ARG A 10 -1.29 7.35 0.20
CA ARG A 10 -2.30 8.25 0.77
C ARG A 10 -3.24 7.48 1.71
N THR A 11 -3.14 7.76 3.02
CA THR A 11 -3.97 7.10 4.04
C THR A 11 -5.42 7.63 4.06
N THR A 12 -6.27 6.94 4.86
CA THR A 12 -7.61 7.42 5.24
C THR A 12 -7.52 8.62 6.20
N GLU A 13 -6.33 8.86 6.78
CA GLU A 13 -6.07 9.97 7.71
C GLU A 13 -5.95 11.30 6.95
N GLY A 14 -5.83 11.22 5.60
CA GLY A 14 -5.69 12.40 4.74
C GLY A 14 -4.25 12.66 4.36
N ARG A 15 -3.31 12.22 5.22
CA ARG A 15 -1.86 12.36 4.99
C ARG A 15 -1.39 11.38 3.91
N THR A 16 -0.43 11.80 3.09
CA THR A 16 0.20 10.94 2.09
C THR A 16 1.62 10.58 2.55
N LEU A 17 1.88 9.27 2.65
CA LEU A 17 3.15 8.70 3.08
C LEU A 17 4.04 8.54 1.85
N THR A 18 5.35 8.41 2.04
CA THR A 18 6.28 8.15 0.92
C THR A 18 7.44 7.25 1.42
N VAL A 19 7.56 6.04 0.84
CA VAL A 19 8.66 5.09 1.17
C VAL A 19 9.24 4.47 -0.12
N ASP A 20 10.48 3.98 -0.03
CA ASP A 20 11.12 3.20 -1.11
C ASP A 20 11.12 1.73 -0.69
N VAL A 21 10.55 0.89 -1.55
CA VAL A 21 10.36 -0.57 -1.32
C VAL A 21 10.80 -1.35 -2.55
N LYS A 22 11.20 -2.60 -2.32
CA LYS A 22 11.68 -3.50 -3.38
C LYS A 22 10.47 -4.08 -4.17
N PRO A 23 10.52 -4.13 -5.54
CA PRO A 23 9.40 -4.66 -6.36
C PRO A 23 9.20 -6.18 -6.21
N ASP A 24 10.18 -6.85 -5.54
CA ASP A 24 10.12 -8.29 -5.19
C ASP A 24 9.08 -8.55 -4.07
N ARG A 25 8.75 -7.47 -3.33
CA ARG A 25 7.92 -7.53 -2.11
C ARG A 25 6.44 -7.82 -2.44
N THR A 26 5.71 -8.28 -1.41
CA THR A 26 4.25 -8.41 -1.47
C THR A 26 3.59 -7.11 -1.02
N ILE A 27 2.28 -6.97 -1.31
CA ILE A 27 1.50 -5.81 -0.90
C ILE A 27 1.39 -5.80 0.65
N GLU A 28 1.43 -7.02 1.27
CA GLU A 28 1.60 -7.21 2.74
C GLU A 28 2.73 -6.32 3.31
N GLU A 29 3.88 -6.32 2.62
CA GLU A 29 5.09 -5.58 3.03
C GLU A 29 4.80 -4.06 3.04
N LEU A 30 4.01 -3.61 2.04
CA LEU A 30 3.57 -2.20 1.94
C LEU A 30 2.67 -1.84 3.12
N MET A 31 1.76 -2.78 3.44
CA MET A 31 0.78 -2.65 4.51
C MET A 31 1.49 -2.59 5.89
N GLU A 32 2.69 -3.19 5.96
CA GLU A 32 3.57 -3.11 7.14
C GLU A 32 4.20 -1.72 7.26
N LYS A 33 4.67 -1.17 6.11
CA LYS A 33 5.31 0.16 6.05
C LYS A 33 4.34 1.24 6.52
N LEU A 34 3.17 1.35 5.83
CA LEU A 34 2.13 2.34 6.16
C LEU A 34 1.60 2.17 7.59
N LYS A 35 1.61 0.93 8.11
CA LYS A 35 1.25 0.64 9.52
C LYS A 35 2.19 1.36 10.50
N GLU A 36 3.52 1.19 10.32
CA GLU A 36 4.51 1.79 11.24
C GLU A 36 4.63 3.31 11.04
N GLN A 37 4.30 3.80 9.82
CA GLN A 37 4.37 5.23 9.47
C GLN A 37 3.30 6.07 10.19
N THR A 38 2.02 5.70 10.00
CA THR A 38 0.87 6.50 10.49
C THR A 38 0.18 5.84 11.70
N GLY A 39 0.35 4.51 11.85
CA GLY A 39 -0.18 3.78 13.02
C GLY A 39 -1.50 3.04 12.75
N VAL A 40 -2.09 3.26 11.57
CA VAL A 40 -3.40 2.70 11.22
C VAL A 40 -3.27 1.18 10.89
N PRO A 41 -4.13 0.28 11.51
CA PRO A 41 -4.06 -1.19 11.28
C PRO A 41 -4.45 -1.55 9.83
N PRO A 42 -3.55 -2.22 9.03
CA PRO A 42 -3.78 -2.49 7.58
C PRO A 42 -4.95 -3.47 7.32
N GLU A 43 -5.41 -4.21 8.35
CA GLU A 43 -6.60 -5.09 8.25
C GLU A 43 -7.87 -4.25 7.97
N GLN A 44 -7.84 -2.99 8.42
CA GLN A 44 -8.92 -2.01 8.28
C GLN A 44 -8.86 -1.29 6.91
N LEU A 45 -7.78 -1.55 6.12
CA LEU A 45 -7.51 -0.83 4.85
C LEU A 45 -7.37 -1.79 3.66
N ARG A 46 -7.34 -1.16 2.47
CA ARG A 46 -7.10 -1.78 1.16
C ARG A 46 -6.18 -0.83 0.38
N VAL A 47 -5.01 -1.32 -0.05
CA VAL A 47 -4.07 -0.51 -0.84
C VAL A 47 -4.58 -0.39 -2.28
N ILE A 48 -4.49 0.82 -2.87
CA ILE A 48 -5.11 1.14 -4.18
C ILE A 48 -4.09 1.82 -5.12
N TYR A 49 -3.62 1.09 -6.15
CA TYR A 49 -2.68 1.61 -7.16
C TYR A 49 -3.46 2.19 -8.33
N ASN A 50 -3.49 3.52 -8.42
CA ASN A 50 -4.02 4.26 -9.58
C ASN A 50 -5.52 3.91 -9.86
N GLY A 51 -6.24 3.53 -8.79
CA GLY A 51 -7.67 3.16 -8.86
C GLY A 51 -7.94 1.65 -8.72
N ARG A 52 -6.88 0.83 -8.86
CA ARG A 52 -6.98 -0.64 -8.81
C ARG A 52 -6.74 -1.13 -7.38
N GLU A 53 -7.57 -2.11 -6.93
CA GLU A 53 -7.43 -2.67 -5.58
C GLU A 53 -6.31 -3.73 -5.56
N LEU A 54 -5.45 -3.65 -4.55
CA LEU A 54 -4.27 -4.50 -4.42
C LEU A 54 -4.49 -5.53 -3.31
N GLU A 55 -4.64 -6.80 -3.71
CA GLU A 55 -4.70 -7.93 -2.79
C GLU A 55 -3.35 -8.07 -2.06
N PRO A 56 -3.34 -8.12 -0.68
CA PRO A 56 -2.10 -8.16 0.13
C PRO A 56 -1.24 -9.41 -0.16
N ARG A 57 -1.90 -10.48 -0.61
CA ARG A 57 -1.28 -11.78 -0.94
C ARG A 57 -0.32 -11.69 -2.15
N THR A 58 -0.60 -10.71 -3.03
CA THR A 58 0.07 -10.55 -4.33
C THR A 58 1.34 -9.68 -4.20
N THR A 59 2.28 -9.79 -5.18
CA THR A 59 3.51 -8.98 -5.20
C THR A 59 3.32 -7.65 -5.98
N LEU A 60 4.30 -6.75 -5.83
CA LEU A 60 4.31 -5.39 -6.39
C LEU A 60 4.44 -5.43 -7.92
N GLU A 61 5.39 -6.26 -8.38
CA GLU A 61 5.69 -6.49 -9.81
C GLU A 61 4.41 -6.91 -10.60
N GLU A 62 3.48 -7.62 -9.93
CA GLU A 62 2.22 -8.10 -10.53
C GLU A 62 1.20 -6.96 -10.73
N TYR A 63 1.32 -5.90 -9.93
CA TYR A 63 0.42 -4.72 -10.00
C TYR A 63 1.11 -3.50 -10.63
N ASN A 64 2.33 -3.69 -11.18
CA ASN A 64 3.11 -2.60 -11.83
C ASN A 64 3.38 -1.44 -10.85
N ILE A 65 3.65 -1.79 -9.58
CA ILE A 65 3.99 -0.81 -8.53
C ILE A 65 5.40 -0.26 -8.83
N THR A 66 5.43 0.82 -9.63
CA THR A 66 6.65 1.49 -10.07
C THR A 66 6.88 2.81 -9.29
N PRO A 67 8.09 3.47 -9.38
CA PRO A 67 8.35 4.72 -8.61
C PRO A 67 7.55 5.93 -9.15
N GLY A 68 7.24 6.89 -8.25
CA GLY A 68 6.55 8.12 -8.61
C GLY A 68 5.02 7.99 -8.64
N VAL A 69 4.49 6.82 -8.29
CA VAL A 69 3.03 6.56 -8.29
C VAL A 69 2.43 6.83 -6.89
N THR A 70 1.10 7.00 -6.85
CA THR A 70 0.37 7.27 -5.62
C THR A 70 -0.63 6.13 -5.34
N LEU A 71 -0.25 5.24 -4.41
CA LEU A 71 -1.16 4.27 -3.78
C LEU A 71 -2.08 5.01 -2.80
N GLU A 72 -3.24 4.42 -2.50
CA GLU A 72 -4.21 4.97 -1.55
C GLU A 72 -4.62 3.89 -0.54
N LEU A 73 -5.32 4.32 0.50
CA LEU A 73 -5.91 3.43 1.51
C LEU A 73 -7.42 3.68 1.57
N LYS A 74 -8.18 2.73 1.07
CA LYS A 74 -9.65 2.68 1.19
C LYS A 74 -10.00 1.70 2.31
N THR A 75 -10.98 2.05 3.14
CA THR A 75 -11.37 1.22 4.28
C THR A 75 -11.94 -0.15 3.81
N ARG A 76 -11.32 -1.24 4.30
CA ARG A 76 -11.82 -2.61 4.18
C ARG A 76 -13.15 -2.68 4.98
N SER A 77 -14.24 -2.31 4.29
CA SER A 77 -15.57 -2.16 4.89
C SER A 77 -16.60 -2.87 4.02
N SER A 78 -16.77 -2.38 2.77
CA SER A 78 -17.65 -3.01 1.78
C SER A 78 -16.91 -4.17 1.08
N GLY A 79 -17.67 -5.10 0.49
CA GLY A 79 -17.11 -6.20 -0.27
C GLY A 79 -18.06 -7.39 -0.35
N HIS A 80 -17.48 -8.59 -0.49
CA HIS A 80 -18.22 -9.86 -0.61
C HIS A 80 -17.30 -11.04 -0.20
N GLY A 81 -16.05 -11.00 -0.66
CA GLY A 81 -15.11 -12.11 -0.51
C GLY A 81 -15.44 -13.23 -1.49
N THR A 82 -16.16 -14.26 -1.02
CA THR A 82 -16.59 -15.44 -1.82
C THR A 82 -17.95 -15.95 -1.28
N GLY A 1 20.52 5.23 -7.86
CA GLY A 1 19.40 4.53 -7.19
C GLY A 1 19.48 3.00 -7.35
N PRO A 2 18.99 2.19 -6.36
CA PRO A 2 19.01 0.72 -6.43
C PRO A 2 17.72 0.13 -7.06
N GLY A 3 17.51 -1.19 -6.85
CA GLY A 3 16.29 -1.87 -7.31
C GLY A 3 15.04 -1.45 -6.53
N SER A 4 15.23 -0.96 -5.28
CA SER A 4 14.14 -0.45 -4.45
C SER A 4 13.62 0.88 -5.02
N LEU A 5 12.34 0.87 -5.38
CA LEU A 5 11.63 2.00 -5.99
C LEU A 5 10.83 2.78 -4.93
N GLU A 6 10.88 4.13 -5.03
CA GLU A 6 10.26 5.01 -4.04
C GLU A 6 8.84 5.40 -4.47
N ILE A 7 7.85 4.84 -3.76
CA ILE A 7 6.43 5.10 -4.01
C ILE A 7 5.81 5.94 -2.88
N LYS A 8 4.49 6.17 -2.96
CA LYS A 8 3.71 6.92 -1.95
C LYS A 8 2.46 6.14 -1.55
N ILE A 9 2.01 6.28 -0.27
CA ILE A 9 0.74 5.66 0.21
C ILE A 9 -0.13 6.74 0.89
N ARG A 10 -1.12 7.23 0.13
CA ARG A 10 -2.17 8.13 0.63
C ARG A 10 -3.11 7.38 1.60
N THR A 11 -3.08 7.75 2.88
CA THR A 11 -3.92 7.14 3.92
C THR A 11 -5.38 7.69 3.91
N THR A 12 -6.30 7.00 4.61
CA THR A 12 -7.67 7.52 4.90
C THR A 12 -7.62 8.67 5.94
N GLU A 13 -6.45 8.81 6.60
CA GLU A 13 -6.24 9.81 7.68
C GLU A 13 -6.12 11.24 7.11
N GLY A 14 -5.94 11.36 5.78
CA GLY A 14 -5.86 12.66 5.10
C GLY A 14 -4.46 12.97 4.59
N ARG A 15 -3.46 12.25 5.12
CA ARG A 15 -2.04 12.44 4.74
C ARG A 15 -1.63 11.46 3.62
N THR A 16 -0.47 11.73 2.99
CA THR A 16 0.18 10.82 2.04
C THR A 16 1.64 10.60 2.49
N LEU A 17 2.02 9.33 2.60
CA LEU A 17 3.38 8.92 3.02
C LEU A 17 4.22 8.72 1.75
N THR A 18 5.55 8.69 1.89
CA THR A 18 6.46 8.40 0.78
C THR A 18 7.57 7.46 1.27
N VAL A 19 7.52 6.18 0.86
CA VAL A 19 8.51 5.15 1.29
C VAL A 19 9.08 4.42 0.07
N ASP A 20 10.32 3.95 0.18
CA ASP A 20 10.98 3.13 -0.86
C ASP A 20 10.92 1.66 -0.46
N VAL A 21 10.59 0.79 -1.43
CA VAL A 21 10.40 -0.67 -1.26
C VAL A 21 10.84 -1.40 -2.53
N LYS A 22 11.14 -2.70 -2.40
CA LYS A 22 11.54 -3.56 -3.53
C LYS A 22 10.28 -4.07 -4.28
N PRO A 23 10.32 -4.13 -5.65
CA PRO A 23 9.18 -4.65 -6.47
C PRO A 23 8.94 -6.17 -6.26
N ASP A 24 9.96 -6.86 -5.70
CA ASP A 24 9.89 -8.29 -5.31
C ASP A 24 9.00 -8.49 -4.06
N ARG A 25 8.77 -7.40 -3.29
CA ARG A 25 7.96 -7.44 -2.06
C ARG A 25 6.47 -7.62 -2.39
N THR A 26 5.71 -8.21 -1.45
CA THR A 26 4.25 -8.38 -1.59
C THR A 26 3.52 -7.13 -1.09
N ILE A 27 2.22 -7.03 -1.39
CA ILE A 27 1.39 -5.89 -0.99
C ILE A 27 1.29 -5.83 0.56
N GLU A 28 1.40 -7.01 1.23
CA GLU A 28 1.46 -7.12 2.71
C GLU A 28 2.60 -6.28 3.31
N GLU A 29 3.75 -6.26 2.60
CA GLU A 29 4.94 -5.48 2.99
C GLU A 29 4.63 -3.98 2.97
N LEU A 30 3.80 -3.54 2.00
CA LEU A 30 3.33 -2.14 1.92
C LEU A 30 2.43 -1.82 3.11
N MET A 31 1.49 -2.76 3.39
CA MET A 31 0.54 -2.67 4.50
C MET A 31 1.29 -2.56 5.84
N GLU A 32 2.48 -3.19 5.90
CA GLU A 32 3.38 -3.16 7.05
C GLU A 32 3.98 -1.75 7.22
N LYS A 33 4.47 -1.19 6.08
CA LYS A 33 5.19 0.09 6.08
C LYS A 33 4.25 1.24 6.48
N LEU A 34 3.07 1.34 5.83
CA LEU A 34 2.08 2.40 6.13
C LEU A 34 1.59 2.31 7.60
N LYS A 35 1.53 1.07 8.13
CA LYS A 35 1.19 0.81 9.55
C LYS A 35 2.26 1.39 10.50
N GLU A 36 3.54 1.16 10.21
CA GLU A 36 4.65 1.61 11.08
C GLU A 36 5.00 3.11 10.83
N GLN A 37 4.42 3.71 9.77
CA GLN A 37 4.58 5.15 9.46
C GLN A 37 3.52 5.99 10.19
N THR A 38 2.24 5.84 9.80
CA THR A 38 1.13 6.68 10.32
C THR A 38 0.40 6.00 11.49
N GLY A 39 0.62 4.68 11.68
CA GLY A 39 -0.03 3.94 12.79
C GLY A 39 -1.41 3.39 12.45
N VAL A 40 -1.81 3.52 11.16
CA VAL A 40 -3.15 3.11 10.71
C VAL A 40 -3.20 1.57 10.51
N PRO A 41 -4.22 0.86 11.10
CA PRO A 41 -4.31 -0.61 11.03
C PRO A 41 -4.62 -1.12 9.59
N PRO A 42 -3.73 -1.94 8.96
CA PRO A 42 -3.95 -2.48 7.60
C PRO A 42 -5.09 -3.52 7.55
N GLU A 43 -5.45 -4.05 8.73
CA GLU A 43 -6.62 -4.94 8.91
C GLU A 43 -7.94 -4.17 8.65
N GLN A 44 -7.86 -2.83 8.72
CA GLN A 44 -9.01 -1.92 8.53
C GLN A 44 -8.88 -1.16 7.18
N LEU A 45 -7.76 -1.38 6.43
CA LEU A 45 -7.48 -0.64 5.16
C LEU A 45 -7.12 -1.60 3.99
N ARG A 46 -7.14 -1.03 2.78
CA ARG A 46 -6.80 -1.72 1.51
C ARG A 46 -5.81 -0.85 0.73
N VAL A 47 -4.70 -1.43 0.27
CA VAL A 47 -3.75 -0.73 -0.61
C VAL A 47 -4.36 -0.69 -2.04
N ILE A 48 -4.34 0.51 -2.67
CA ILE A 48 -4.99 0.78 -3.95
C ILE A 48 -3.98 1.44 -4.93
N TYR A 49 -3.87 0.92 -6.15
CA TYR A 49 -2.99 1.50 -7.21
C TYR A 49 -3.82 1.94 -8.40
N ASN A 50 -3.81 3.27 -8.68
CA ASN A 50 -4.39 3.87 -9.90
C ASN A 50 -5.91 3.54 -10.00
N GLY A 51 -6.55 3.36 -8.83
CA GLY A 51 -7.98 3.03 -8.73
C GLY A 51 -8.26 1.53 -8.85
N ARG A 52 -7.31 0.69 -8.39
CA ARG A 52 -7.44 -0.79 -8.40
C ARG A 52 -7.13 -1.35 -7.00
N GLU A 53 -7.98 -2.28 -6.52
CA GLU A 53 -7.81 -2.92 -5.21
C GLU A 53 -6.68 -3.96 -5.28
N LEU A 54 -5.63 -3.74 -4.49
CA LEU A 54 -4.43 -4.60 -4.49
C LEU A 54 -4.55 -5.70 -3.44
N GLU A 55 -4.56 -6.95 -3.91
CA GLU A 55 -4.58 -8.14 -3.07
C GLU A 55 -3.25 -8.29 -2.31
N PRO A 56 -3.29 -8.50 -0.94
CA PRO A 56 -2.07 -8.60 -0.09
C PRO A 56 -1.19 -9.81 -0.48
N ARG A 57 -1.87 -10.90 -0.85
CA ARG A 57 -1.29 -12.14 -1.42
C ARG A 57 -0.40 -11.87 -2.66
N THR A 58 -0.80 -10.88 -3.47
CA THR A 58 -0.13 -10.57 -4.75
C THR A 58 1.09 -9.64 -4.55
N THR A 59 2.04 -9.67 -5.50
CA THR A 59 3.32 -8.93 -5.43
C THR A 59 3.18 -7.52 -6.08
N LEU A 60 4.17 -6.65 -5.81
CA LEU A 60 4.24 -5.27 -6.34
C LEU A 60 4.44 -5.26 -7.86
N GLU A 61 5.43 -6.05 -8.30
CA GLU A 61 5.80 -6.19 -9.73
C GLU A 61 4.59 -6.55 -10.62
N GLU A 62 3.65 -7.33 -10.04
CA GLU A 62 2.41 -7.77 -10.71
C GLU A 62 1.50 -6.58 -11.01
N TYR A 63 1.39 -5.66 -10.03
CA TYR A 63 0.55 -4.45 -10.14
C TYR A 63 1.31 -3.27 -10.75
N ASN A 64 2.59 -3.48 -11.17
CA ASN A 64 3.46 -2.44 -11.77
C ASN A 64 3.59 -1.25 -10.80
N ILE A 65 3.89 -1.58 -9.52
CA ILE A 65 4.16 -0.59 -8.49
C ILE A 65 5.57 -0.01 -8.73
N THR A 66 5.61 1.02 -9.57
CA THR A 66 6.85 1.69 -10.02
C THR A 66 7.11 3.01 -9.24
N PRO A 67 8.36 3.59 -9.24
CA PRO A 67 8.70 4.77 -8.40
C PRO A 67 7.91 6.04 -8.79
N GLY A 68 7.28 6.67 -7.78
CA GLY A 68 6.58 7.94 -7.94
C GLY A 68 5.07 7.80 -7.88
N VAL A 69 4.57 6.56 -8.05
CA VAL A 69 3.13 6.28 -8.08
C VAL A 69 2.50 6.49 -6.68
N THR A 70 1.25 6.98 -6.69
CA THR A 70 0.52 7.31 -5.45
C THR A 70 -0.51 6.21 -5.18
N LEU A 71 -0.17 5.30 -4.27
CA LEU A 71 -1.13 4.34 -3.69
C LEU A 71 -2.12 5.08 -2.79
N GLU A 72 -3.26 4.44 -2.51
CA GLU A 72 -4.30 4.99 -1.63
C GLU A 72 -4.77 3.89 -0.68
N LEU A 73 -5.41 4.32 0.41
CA LEU A 73 -6.03 3.41 1.40
C LEU A 73 -7.53 3.61 1.40
N LYS A 74 -8.27 2.53 1.09
CA LYS A 74 -9.74 2.48 1.17
C LYS A 74 -10.13 1.52 2.31
N THR A 75 -11.29 1.76 2.92
CA THR A 75 -11.74 1.04 4.13
C THR A 75 -12.00 -0.45 3.81
N ARG A 76 -11.25 -1.34 4.49
CA ARG A 76 -11.32 -2.80 4.27
C ARG A 76 -12.65 -3.36 4.78
N SER A 77 -13.23 -4.26 3.97
CA SER A 77 -14.62 -4.73 4.12
C SER A 77 -15.60 -3.56 3.82
N SER A 78 -16.37 -3.69 2.72
CA SER A 78 -17.17 -2.59 2.14
C SER A 78 -18.56 -2.44 2.84
N GLY A 79 -18.58 -2.56 4.18
CA GLY A 79 -19.82 -2.47 4.96
C GLY A 79 -20.74 -3.67 4.75
N HIS A 80 -20.12 -4.83 4.44
CA HIS A 80 -20.83 -6.09 4.18
C HIS A 80 -21.32 -6.69 5.50
N GLY A 81 -22.57 -6.36 5.86
CA GLY A 81 -23.20 -6.83 7.10
C GLY A 81 -24.40 -5.98 7.51
N THR A 82 -24.87 -5.10 6.61
CA THR A 82 -26.03 -4.22 6.83
C THR A 82 -27.33 -4.93 6.36
N GLY A 1 16.97 2.35 -11.21
CA GLY A 1 16.71 2.63 -9.78
C GLY A 1 17.72 1.95 -8.87
N PRO A 2 17.66 2.18 -7.52
CA PRO A 2 18.63 1.59 -6.55
C PRO A 2 18.26 0.16 -6.10
N GLY A 3 17.50 -0.57 -6.92
CA GLY A 3 16.95 -1.89 -6.56
C GLY A 3 15.55 -1.75 -5.98
N SER A 4 15.44 -1.01 -4.87
CA SER A 4 14.15 -0.58 -4.31
C SER A 4 13.56 0.60 -5.13
N LEU A 5 12.37 1.09 -4.72
CA LEU A 5 11.67 2.16 -5.46
C LEU A 5 10.77 3.01 -4.54
N GLU A 6 10.87 4.34 -4.72
CA GLU A 6 10.24 5.35 -3.86
C GLU A 6 8.79 5.60 -4.30
N ILE A 7 7.84 4.90 -3.68
CA ILE A 7 6.40 5.06 -3.94
C ILE A 7 5.76 5.92 -2.83
N LYS A 8 4.44 6.16 -2.95
CA LYS A 8 3.65 6.99 -1.99
C LYS A 8 2.34 6.27 -1.64
N ILE A 9 1.92 6.31 -0.34
CA ILE A 9 0.63 5.72 0.10
C ILE A 9 -0.22 6.81 0.81
N ARG A 10 -1.21 7.36 0.10
CA ARG A 10 -2.23 8.24 0.68
C ARG A 10 -3.11 7.45 1.68
N THR A 11 -3.18 7.92 2.93
CA THR A 11 -4.01 7.29 3.97
C THR A 11 -5.45 7.87 4.00
N THR A 12 -6.30 7.26 4.85
CA THR A 12 -7.61 7.83 5.22
C THR A 12 -7.45 9.08 6.11
N GLU A 13 -6.24 9.25 6.68
CA GLU A 13 -5.88 10.45 7.46
C GLU A 13 -5.68 11.64 6.50
N GLY A 14 -5.27 11.32 5.26
CA GLY A 14 -5.02 12.30 4.20
C GLY A 14 -3.54 12.41 3.85
N ARG A 15 -2.66 12.14 4.84
CA ARG A 15 -1.19 12.21 4.68
C ARG A 15 -0.67 11.18 3.63
N THR A 16 0.36 11.58 2.87
CA THR A 16 0.95 10.76 1.80
C THR A 16 2.33 10.21 2.24
N LEU A 17 2.41 8.87 2.36
CA LEU A 17 3.56 8.16 2.95
C LEU A 17 4.57 7.77 1.84
N THR A 18 5.56 8.64 1.61
CA THR A 18 6.58 8.43 0.57
C THR A 18 7.67 7.48 1.11
N VAL A 19 7.57 6.18 0.76
CA VAL A 19 8.47 5.11 1.25
C VAL A 19 9.17 4.41 0.08
N ASP A 20 10.39 3.90 0.31
CA ASP A 20 11.14 3.12 -0.70
C ASP A 20 11.11 1.62 -0.32
N VAL A 21 10.61 0.79 -1.25
CA VAL A 21 10.41 -0.67 -1.06
C VAL A 21 10.82 -1.43 -2.34
N LYS A 22 11.11 -2.71 -2.20
CA LYS A 22 11.54 -3.56 -3.33
C LYS A 22 10.32 -4.05 -4.13
N PRO A 23 10.36 -4.06 -5.51
CA PRO A 23 9.23 -4.57 -6.34
C PRO A 23 9.02 -6.10 -6.19
N ASP A 24 10.02 -6.75 -5.59
CA ASP A 24 10.01 -8.20 -5.28
C ASP A 24 9.02 -8.51 -4.13
N ARG A 25 8.73 -7.47 -3.32
CA ARG A 25 7.92 -7.60 -2.09
C ARG A 25 6.44 -7.82 -2.44
N THR A 26 5.65 -8.20 -1.41
CA THR A 26 4.21 -8.39 -1.54
C THR A 26 3.48 -7.11 -1.10
N ILE A 27 2.18 -7.04 -1.39
CA ILE A 27 1.35 -5.90 -0.97
C ILE A 27 1.20 -5.89 0.56
N GLU A 28 1.36 -7.08 1.21
CA GLU A 28 1.46 -7.23 2.69
C GLU A 28 2.55 -6.29 3.27
N GLU A 29 3.69 -6.24 2.58
CA GLU A 29 4.82 -5.36 2.92
C GLU A 29 4.43 -3.88 2.80
N LEU A 30 3.58 -3.53 1.84
CA LEU A 30 3.07 -2.14 1.72
C LEU A 30 2.16 -1.80 2.89
N MET A 31 1.31 -2.79 3.25
CA MET A 31 0.39 -2.70 4.40
C MET A 31 1.18 -2.53 5.73
N GLU A 32 2.38 -3.13 5.77
CA GLU A 32 3.33 -3.02 6.88
C GLU A 32 3.91 -1.61 6.96
N LYS A 33 4.40 -1.14 5.80
CA LYS A 33 5.09 0.16 5.67
C LYS A 33 4.16 1.32 6.06
N LEU A 34 2.90 1.28 5.61
CA LEU A 34 1.91 2.33 5.95
C LEU A 34 1.51 2.23 7.44
N LYS A 35 1.47 1.00 7.98
CA LYS A 35 1.18 0.76 9.41
C LYS A 35 2.23 1.43 10.32
N GLU A 36 3.51 1.17 10.05
CA GLU A 36 4.63 1.70 10.87
C GLU A 36 4.79 3.23 10.68
N GLN A 37 4.35 3.75 9.51
CA GLN A 37 4.39 5.20 9.18
C GLN A 37 3.34 6.00 9.98
N THR A 38 2.05 5.77 9.69
CA THR A 38 0.94 6.60 10.22
C THR A 38 0.34 6.01 11.52
N GLY A 39 0.40 4.66 11.66
CA GLY A 39 -0.09 3.97 12.87
C GLY A 39 -1.40 3.23 12.68
N VAL A 40 -2.06 3.46 11.53
CA VAL A 40 -3.38 2.88 11.23
C VAL A 40 -3.25 1.35 10.94
N PRO A 41 -4.12 0.48 11.54
CA PRO A 41 -4.08 -0.99 11.33
C PRO A 41 -4.32 -1.36 9.84
N PRO A 42 -3.40 -2.16 9.21
CA PRO A 42 -3.45 -2.43 7.76
C PRO A 42 -4.71 -3.19 7.33
N GLU A 43 -5.15 -4.16 8.17
CA GLU A 43 -6.35 -4.99 7.92
C GLU A 43 -7.65 -4.16 7.81
N GLN A 44 -7.66 -2.99 8.46
CA GLN A 44 -8.81 -2.06 8.48
C GLN A 44 -8.93 -1.33 7.12
N LEU A 45 -7.84 -1.32 6.34
CA LEU A 45 -7.75 -0.63 5.05
C LEU A 45 -7.50 -1.62 3.89
N ARG A 46 -7.48 -1.05 2.67
CA ARG A 46 -7.12 -1.72 1.42
C ARG A 46 -6.10 -0.85 0.69
N VAL A 47 -4.99 -1.46 0.26
CA VAL A 47 -4.02 -0.80 -0.62
C VAL A 47 -4.61 -0.76 -2.04
N ILE A 48 -4.76 0.45 -2.58
CA ILE A 48 -5.41 0.71 -3.87
C ILE A 48 -4.40 1.38 -4.83
N TYR A 49 -4.47 1.04 -6.12
CA TYR A 49 -3.57 1.57 -7.17
C TYR A 49 -4.39 1.95 -8.38
N ASN A 50 -4.54 3.27 -8.61
CA ASN A 50 -5.25 3.84 -9.77
C ASN A 50 -6.75 3.42 -9.78
N GLY A 51 -7.27 3.04 -8.59
CA GLY A 51 -8.67 2.60 -8.42
C GLY A 51 -8.81 1.09 -8.23
N ARG A 52 -7.73 0.34 -8.48
CA ARG A 52 -7.72 -1.14 -8.38
C ARG A 52 -7.42 -1.59 -6.95
N GLU A 53 -8.20 -2.55 -6.43
CA GLU A 53 -7.93 -3.18 -5.13
C GLU A 53 -6.75 -4.16 -5.27
N LEU A 54 -5.71 -3.96 -4.46
CA LEU A 54 -4.49 -4.76 -4.52
C LEU A 54 -4.55 -5.88 -3.47
N GLU A 55 -4.41 -7.12 -3.95
CA GLU A 55 -4.44 -8.31 -3.10
C GLU A 55 -3.12 -8.41 -2.31
N PRO A 56 -3.19 -8.61 -0.94
CA PRO A 56 -1.99 -8.59 -0.06
C PRO A 56 -0.93 -9.63 -0.51
N ARG A 57 -1.43 -10.82 -0.88
CA ARG A 57 -0.60 -11.98 -1.31
C ARG A 57 0.28 -11.65 -2.54
N THR A 58 -0.26 -10.81 -3.44
CA THR A 58 0.33 -10.53 -4.75
C THR A 58 1.52 -9.55 -4.61
N THR A 59 2.52 -9.70 -5.50
CA THR A 59 3.73 -8.89 -5.48
C THR A 59 3.55 -7.55 -6.22
N LEU A 60 4.46 -6.59 -5.93
CA LEU A 60 4.42 -5.20 -6.43
C LEU A 60 4.60 -5.15 -7.95
N GLU A 61 5.57 -5.96 -8.42
CA GLU A 61 5.90 -6.13 -9.85
C GLU A 61 4.66 -6.44 -10.73
N GLU A 62 3.67 -7.15 -10.15
CA GLU A 62 2.44 -7.53 -10.85
C GLU A 62 1.54 -6.30 -11.11
N TYR A 63 1.48 -5.39 -10.11
CA TYR A 63 0.67 -4.15 -10.22
C TYR A 63 1.51 -2.98 -10.76
N ASN A 64 2.79 -3.26 -11.11
CA ASN A 64 3.76 -2.27 -11.64
C ASN A 64 3.91 -1.09 -10.66
N ILE A 65 4.06 -1.44 -9.37
CA ILE A 65 4.30 -0.47 -8.29
C ILE A 65 5.73 0.09 -8.44
N THR A 66 5.83 1.20 -9.18
CA THR A 66 7.11 1.80 -9.62
C THR A 66 7.33 3.17 -8.93
N PRO A 67 8.60 3.73 -8.92
CA PRO A 67 8.93 4.94 -8.12
C PRO A 67 8.10 6.19 -8.55
N GLY A 68 7.21 6.62 -7.66
CA GLY A 68 6.40 7.83 -7.85
C GLY A 68 4.92 7.57 -8.04
N VAL A 69 4.49 6.29 -7.94
CA VAL A 69 3.06 5.93 -8.01
C VAL A 69 2.38 6.26 -6.67
N THR A 70 1.12 6.71 -6.73
CA THR A 70 0.30 7.03 -5.54
C THR A 70 -0.73 5.92 -5.29
N LEU A 71 -0.48 5.17 -4.24
CA LEU A 71 -1.44 4.23 -3.64
C LEU A 71 -2.41 5.01 -2.73
N GLU A 72 -3.60 4.45 -2.50
CA GLU A 72 -4.60 5.04 -1.59
C GLU A 72 -5.10 3.98 -0.62
N LEU A 73 -5.57 4.43 0.56
CA LEU A 73 -6.18 3.55 1.57
C LEU A 73 -7.69 3.78 1.65
N LYS A 74 -8.43 2.75 1.21
CA LYS A 74 -9.89 2.69 1.31
C LYS A 74 -10.24 1.78 2.50
N THR A 75 -11.24 2.17 3.31
CA THR A 75 -11.69 1.37 4.46
C THR A 75 -12.24 0.00 3.99
N ARG A 76 -11.55 -1.08 4.42
CA ARG A 76 -11.88 -2.47 4.04
C ARG A 76 -13.30 -2.85 4.52
N SER A 77 -14.26 -2.75 3.58
CA SER A 77 -15.66 -3.09 3.80
C SER A 77 -15.82 -4.62 3.94
N SER A 78 -15.70 -5.33 2.79
CA SER A 78 -15.77 -6.81 2.67
C SER A 78 -17.14 -7.40 3.06
N GLY A 79 -17.45 -8.58 2.47
CA GLY A 79 -18.76 -9.22 2.63
C GLY A 79 -19.88 -8.35 2.07
N HIS A 80 -19.71 -7.94 0.78
CA HIS A 80 -20.58 -6.99 0.05
C HIS A 80 -20.43 -5.56 0.65
N GLY A 81 -21.01 -5.35 1.84
CA GLY A 81 -20.91 -4.08 2.57
C GLY A 81 -21.87 -3.03 2.03
N THR A 82 -21.50 -2.40 0.91
CA THR A 82 -22.32 -1.38 0.23
C THR A 82 -23.26 -2.06 -0.80
N GLY A 1 16.42 3.73 -4.41
CA GLY A 1 17.85 3.56 -4.72
C GLY A 1 18.08 2.88 -6.06
N PRO A 2 19.25 2.20 -6.26
CA PRO A 2 19.62 1.53 -7.54
C PRO A 2 18.96 0.15 -7.75
N GLY A 3 17.76 -0.04 -7.17
CA GLY A 3 17.00 -1.28 -7.32
C GLY A 3 15.62 -1.15 -6.69
N SER A 4 15.61 -0.73 -5.42
CA SER A 4 14.38 -0.44 -4.67
C SER A 4 13.77 0.89 -5.15
N LEU A 5 12.46 0.87 -5.40
CA LEU A 5 11.69 2.02 -5.91
C LEU A 5 10.93 2.73 -4.77
N GLU A 6 10.86 4.06 -4.81
CA GLU A 6 10.26 4.87 -3.74
C GLU A 6 8.86 5.36 -4.15
N ILE A 7 7.84 4.74 -3.54
CA ILE A 7 6.42 5.02 -3.81
C ILE A 7 5.81 5.87 -2.69
N LYS A 8 4.50 6.14 -2.79
CA LYS A 8 3.72 6.87 -1.78
C LYS A 8 2.41 6.13 -1.48
N ILE A 9 1.94 6.15 -0.21
CA ILE A 9 0.66 5.55 0.21
C ILE A 9 -0.21 6.64 0.89
N ARG A 10 -1.08 7.29 0.10
CA ARG A 10 -2.09 8.23 0.60
C ARG A 10 -3.15 7.50 1.46
N THR A 11 -3.19 7.80 2.75
CA THR A 11 -4.11 7.15 3.69
C THR A 11 -5.56 7.67 3.55
N THR A 12 -6.49 7.02 4.29
CA THR A 12 -7.86 7.52 4.54
C THR A 12 -7.82 8.82 5.38
N GLU A 13 -6.69 9.04 6.07
CA GLU A 13 -6.45 10.22 6.92
C GLU A 13 -6.03 11.44 6.07
N GLY A 14 -5.58 11.18 4.82
CA GLY A 14 -5.22 12.24 3.87
C GLY A 14 -3.73 12.28 3.58
N ARG A 15 -2.90 12.03 4.62
CA ARG A 15 -1.42 12.09 4.55
C ARG A 15 -0.87 11.04 3.56
N THR A 16 0.15 11.45 2.78
CA THR A 16 0.71 10.61 1.70
C THR A 16 2.12 10.13 2.10
N LEU A 17 2.23 8.80 2.34
CA LEU A 17 3.39 8.16 3.02
C LEU A 17 4.43 7.70 1.98
N THR A 18 5.40 8.57 1.70
CA THR A 18 6.49 8.27 0.75
C THR A 18 7.51 7.31 1.40
N VAL A 19 7.55 6.05 0.94
CA VAL A 19 8.46 4.99 1.46
C VAL A 19 9.16 4.26 0.30
N ASP A 20 10.42 3.81 0.54
CA ASP A 20 11.19 3.03 -0.45
C ASP A 20 11.01 1.52 -0.18
N VAL A 21 10.56 0.80 -1.21
CA VAL A 21 10.32 -0.66 -1.19
C VAL A 21 10.86 -1.30 -2.47
N LYS A 22 10.91 -2.63 -2.54
CA LYS A 22 11.40 -3.37 -3.72
C LYS A 22 10.22 -3.91 -4.54
N PRO A 23 10.32 -3.95 -5.92
CA PRO A 23 9.23 -4.51 -6.79
C PRO A 23 9.02 -6.03 -6.58
N ASP A 24 10.00 -6.65 -5.91
CA ASP A 24 10.03 -8.09 -5.60
C ASP A 24 9.12 -8.42 -4.40
N ARG A 25 8.76 -7.38 -3.63
CA ARG A 25 7.99 -7.52 -2.36
C ARG A 25 6.50 -7.72 -2.65
N THR A 26 5.76 -8.23 -1.66
CA THR A 26 4.29 -8.37 -1.72
C THR A 26 3.61 -7.11 -1.14
N ILE A 27 2.30 -6.97 -1.38
CA ILE A 27 1.52 -5.83 -0.88
C ILE A 27 1.48 -5.83 0.66
N GLU A 28 1.62 -7.04 1.26
CA GLU A 28 1.78 -7.26 2.72
C GLU A 28 2.88 -6.35 3.32
N GLU A 29 3.97 -6.23 2.57
CA GLU A 29 5.13 -5.40 2.95
C GLU A 29 4.74 -3.91 2.95
N LEU A 30 3.92 -3.50 1.97
CA LEU A 30 3.41 -2.11 1.88
C LEU A 30 2.48 -1.79 3.05
N MET A 31 1.64 -2.80 3.39
CA MET A 31 0.68 -2.73 4.50
C MET A 31 1.42 -2.57 5.84
N GLU A 32 2.61 -3.19 5.93
CA GLU A 32 3.53 -3.03 7.07
C GLU A 32 4.03 -1.58 7.14
N LYS A 33 4.43 -1.06 5.97
CA LYS A 33 5.07 0.27 5.87
C LYS A 33 4.11 1.41 6.23
N LEU A 34 2.89 1.37 5.69
CA LEU A 34 1.86 2.38 6.00
C LEU A 34 1.45 2.30 7.48
N LYS A 35 1.48 1.07 8.05
CA LYS A 35 1.20 0.85 9.48
C LYS A 35 2.25 1.55 10.38
N GLU A 36 3.55 1.34 10.10
CA GLU A 36 4.66 1.91 10.92
C GLU A 36 4.82 3.44 10.69
N GLN A 37 4.19 3.95 9.60
CA GLN A 37 4.20 5.40 9.28
C GLN A 37 3.09 6.16 10.07
N THR A 38 1.82 5.87 9.74
CA THR A 38 0.66 6.63 10.27
C THR A 38 0.05 5.97 11.52
N GLY A 39 0.30 4.66 11.70
CA GLY A 39 -0.17 3.93 12.89
C GLY A 39 -1.54 3.28 12.75
N VAL A 40 -2.11 3.34 11.53
CA VAL A 40 -3.44 2.77 11.25
C VAL A 40 -3.30 1.26 10.91
N PRO A 41 -4.14 0.34 11.51
CA PRO A 41 -4.06 -1.11 11.27
C PRO A 41 -4.40 -1.47 9.81
N PRO A 42 -3.46 -2.15 9.05
CA PRO A 42 -3.67 -2.47 7.62
C PRO A 42 -4.83 -3.44 7.37
N GLU A 43 -5.20 -4.22 8.40
CA GLU A 43 -6.36 -5.15 8.35
C GLU A 43 -7.70 -4.39 8.17
N GLN A 44 -7.70 -3.11 8.56
CA GLN A 44 -8.85 -2.20 8.49
C GLN A 44 -8.86 -1.43 7.13
N LEU A 45 -7.80 -1.59 6.31
CA LEU A 45 -7.61 -0.84 5.05
C LEU A 45 -7.38 -1.78 3.84
N ARG A 46 -7.48 -1.18 2.64
CA ARG A 46 -7.17 -1.81 1.35
C ARG A 46 -6.15 -0.88 0.66
N VAL A 47 -5.03 -1.43 0.18
CA VAL A 47 -4.07 -0.67 -0.63
C VAL A 47 -4.62 -0.59 -2.07
N ILE A 48 -4.60 0.62 -2.66
CA ILE A 48 -5.23 0.90 -3.98
C ILE A 48 -4.22 1.61 -4.92
N TYR A 49 -3.79 0.92 -6.00
CA TYR A 49 -2.89 1.49 -7.02
C TYR A 49 -3.70 2.07 -8.18
N ASN A 50 -3.66 3.41 -8.34
CA ASN A 50 -4.12 4.12 -9.55
C ASN A 50 -5.63 3.86 -9.83
N GLY A 51 -6.38 3.49 -8.76
CA GLY A 51 -7.80 3.16 -8.87
C GLY A 51 -8.08 1.66 -9.02
N ARG A 52 -7.17 0.81 -8.47
CA ARG A 52 -7.33 -0.66 -8.47
C ARG A 52 -7.06 -1.23 -7.06
N GLU A 53 -7.89 -2.20 -6.59
CA GLU A 53 -7.69 -2.86 -5.28
C GLU A 53 -6.51 -3.84 -5.38
N LEU A 54 -5.63 -3.77 -4.37
CA LEU A 54 -4.42 -4.61 -4.31
C LEU A 54 -4.56 -5.62 -3.16
N GLU A 55 -4.56 -6.92 -3.52
CA GLU A 55 -4.55 -8.00 -2.56
C GLU A 55 -3.17 -8.11 -1.88
N PRO A 56 -3.11 -8.12 -0.50
CA PRO A 56 -1.86 -8.30 0.30
C PRO A 56 -0.93 -9.41 -0.26
N ARG A 57 -1.53 -10.58 -0.52
CA ARG A 57 -0.85 -11.81 -0.98
C ARG A 57 -0.04 -11.57 -2.27
N THR A 58 -0.54 -10.69 -3.15
CA THR A 58 0.00 -10.49 -4.49
C THR A 58 1.23 -9.55 -4.48
N THR A 59 2.15 -9.76 -5.45
CA THR A 59 3.42 -9.04 -5.53
C THR A 59 3.24 -7.64 -6.21
N LEU A 60 4.24 -6.76 -6.00
CA LEU A 60 4.27 -5.38 -6.53
C LEU A 60 4.42 -5.36 -8.07
N GLU A 61 5.29 -6.25 -8.57
CA GLU A 61 5.54 -6.46 -10.02
C GLU A 61 4.24 -6.72 -10.83
N GLU A 62 3.24 -7.33 -10.15
CA GLU A 62 1.94 -7.66 -10.75
C GLU A 62 1.07 -6.41 -10.88
N TYR A 63 1.16 -5.51 -9.90
CA TYR A 63 0.33 -4.29 -9.85
C TYR A 63 1.07 -3.06 -10.40
N ASN A 64 2.26 -3.27 -11.01
CA ASN A 64 3.05 -2.21 -11.67
C ASN A 64 3.41 -1.09 -10.67
N ILE A 65 3.69 -1.49 -9.41
CA ILE A 65 4.06 -0.56 -8.34
C ILE A 65 5.47 0.01 -8.65
N THR A 66 5.48 1.11 -9.40
CA THR A 66 6.69 1.80 -9.88
C THR A 66 7.02 3.05 -9.01
N PRO A 67 8.29 3.58 -9.06
CA PRO A 67 8.70 4.72 -8.19
C PRO A 67 7.89 6.00 -8.51
N GLY A 68 7.32 6.61 -7.46
CA GLY A 68 6.63 7.90 -7.58
C GLY A 68 5.12 7.78 -7.72
N VAL A 69 4.57 6.55 -7.72
CA VAL A 69 3.11 6.32 -7.81
C VAL A 69 2.44 6.60 -6.45
N THR A 70 1.16 7.00 -6.51
CA THR A 70 0.35 7.32 -5.34
C THR A 70 -0.71 6.20 -5.11
N LEU A 71 -0.38 5.29 -4.19
CA LEU A 71 -1.34 4.33 -3.63
C LEU A 71 -2.32 5.07 -2.72
N GLU A 72 -3.47 4.46 -2.46
CA GLU A 72 -4.51 5.04 -1.60
C GLU A 72 -5.06 3.95 -0.69
N LEU A 73 -5.49 4.36 0.50
CA LEU A 73 -6.12 3.47 1.47
C LEU A 73 -7.62 3.73 1.47
N LYS A 74 -8.39 2.68 1.17
CA LYS A 74 -9.86 2.67 1.30
C LYS A 74 -10.22 1.64 2.38
N THR A 75 -11.21 1.95 3.22
CA THR A 75 -11.55 1.11 4.39
C THR A 75 -12.06 -0.30 3.99
N ARG A 76 -11.71 -1.29 4.81
CA ARG A 76 -11.96 -2.72 4.54
C ARG A 76 -12.79 -3.29 5.69
N SER A 77 -13.98 -3.80 5.36
CA SER A 77 -14.83 -4.50 6.33
C SER A 77 -14.35 -5.97 6.46
N SER A 78 -13.93 -6.35 7.68
CA SER A 78 -13.57 -7.74 7.99
C SER A 78 -14.85 -8.62 8.01
N GLY A 79 -15.15 -9.26 6.86
CA GLY A 79 -16.38 -10.02 6.65
C GLY A 79 -16.58 -11.15 7.66
N HIS A 80 -17.73 -11.13 8.35
CA HIS A 80 -18.06 -12.09 9.41
C HIS A 80 -18.39 -13.49 8.83
N GLY A 81 -17.33 -14.29 8.63
CA GLY A 81 -17.45 -15.67 8.16
C GLY A 81 -17.49 -16.65 9.32
N THR A 82 -16.29 -16.94 9.89
CA THR A 82 -16.06 -17.86 11.03
C THR A 82 -16.78 -19.24 10.83
N GLY A 1 21.33 0.11 -10.52
CA GLY A 1 21.11 1.35 -9.73
C GLY A 1 20.38 1.05 -8.41
N PRO A 2 19.33 1.85 -8.04
CA PRO A 2 18.53 1.58 -6.81
C PRO A 2 17.71 0.28 -6.94
N GLY A 3 18.01 -0.72 -6.08
CA GLY A 3 17.26 -1.97 -6.04
C GLY A 3 15.81 -1.76 -5.59
N SER A 4 15.63 -0.83 -4.65
CA SER A 4 14.32 -0.37 -4.19
C SER A 4 13.80 0.79 -5.06
N LEU A 5 12.52 1.15 -4.87
CA LEU A 5 11.83 2.19 -5.62
C LEU A 5 10.92 3.01 -4.68
N GLU A 6 10.91 4.33 -4.88
CA GLU A 6 10.22 5.27 -3.98
C GLU A 6 8.79 5.56 -4.49
N ILE A 7 7.80 5.01 -3.77
CA ILE A 7 6.36 5.22 -4.08
C ILE A 7 5.70 6.05 -2.96
N LYS A 8 4.37 6.22 -3.05
CA LYS A 8 3.54 6.90 -2.05
C LYS A 8 2.38 5.97 -1.59
N ILE A 9 1.88 6.23 -0.35
CA ILE A 9 0.65 5.58 0.18
C ILE A 9 -0.21 6.64 0.91
N ARG A 10 -1.20 7.18 0.21
CA ARG A 10 -2.21 8.11 0.78
C ARG A 10 -3.18 7.32 1.68
N THR A 11 -3.30 7.72 2.96
CA THR A 11 -4.16 7.05 3.96
C THR A 11 -5.56 7.71 4.03
N THR A 12 -6.45 7.11 4.85
CA THR A 12 -7.79 7.69 5.15
C THR A 12 -7.69 8.94 6.08
N GLU A 13 -6.48 9.19 6.64
CA GLU A 13 -6.18 10.41 7.42
C GLU A 13 -5.90 11.61 6.47
N GLY A 14 -5.75 11.31 5.16
CA GLY A 14 -5.53 12.34 4.15
C GLY A 14 -4.07 12.76 4.02
N ARG A 15 -3.16 11.91 4.54
CA ARG A 15 -1.70 12.13 4.48
C ARG A 15 -1.09 11.12 3.49
N THR A 16 0.03 11.48 2.84
CA THR A 16 0.64 10.63 1.81
C THR A 16 2.06 10.20 2.24
N LEU A 17 2.24 8.88 2.39
CA LEU A 17 3.45 8.26 2.96
C LEU A 17 4.44 7.89 1.85
N THR A 18 5.45 8.74 1.64
CA THR A 18 6.47 8.52 0.59
C THR A 18 7.55 7.56 1.13
N VAL A 19 7.44 6.26 0.77
CA VAL A 19 8.36 5.19 1.23
C VAL A 19 9.14 4.63 0.04
N ASP A 20 10.22 3.91 0.33
CA ASP A 20 11.00 3.16 -0.69
C ASP A 20 11.00 1.67 -0.32
N VAL A 21 10.54 0.85 -1.26
CA VAL A 21 10.37 -0.62 -1.11
C VAL A 21 10.85 -1.32 -2.40
N LYS A 22 11.21 -2.60 -2.28
CA LYS A 22 11.72 -3.40 -3.42
C LYS A 22 10.51 -3.91 -4.27
N PRO A 23 10.63 -3.95 -5.65
CA PRO A 23 9.52 -4.36 -6.57
C PRO A 23 9.06 -5.83 -6.38
N ASP A 24 9.97 -6.63 -5.82
CA ASP A 24 9.76 -8.08 -5.61
C ASP A 24 9.00 -8.39 -4.31
N ARG A 25 8.71 -7.34 -3.49
CA ARG A 25 7.97 -7.50 -2.22
C ARG A 25 6.47 -7.73 -2.49
N THR A 26 5.74 -8.22 -1.47
CA THR A 26 4.27 -8.39 -1.57
C THR A 26 3.56 -7.12 -1.10
N ILE A 27 2.26 -7.02 -1.43
CA ILE A 27 1.41 -5.90 -0.98
C ILE A 27 1.27 -5.92 0.56
N GLU A 28 1.41 -7.14 1.15
CA GLU A 28 1.50 -7.36 2.62
C GLU A 28 2.58 -6.48 3.27
N GLU A 29 3.75 -6.41 2.60
CA GLU A 29 4.91 -5.60 3.05
C GLU A 29 4.52 -4.12 3.10
N LEU A 30 3.79 -3.66 2.06
CA LEU A 30 3.28 -2.27 1.97
C LEU A 30 2.34 -1.95 3.14
N MET A 31 1.45 -2.92 3.45
CA MET A 31 0.46 -2.81 4.54
C MET A 31 1.16 -2.62 5.91
N GLU A 32 2.33 -3.23 6.05
CA GLU A 32 3.18 -3.09 7.25
C GLU A 32 3.90 -1.73 7.26
N LYS A 33 4.35 -1.29 6.08
CA LYS A 33 5.09 -0.03 5.96
C LYS A 33 4.20 1.16 6.31
N LEU A 34 2.99 1.22 5.73
CA LEU A 34 2.01 2.28 6.04
C LEU A 34 1.61 2.23 7.52
N LYS A 35 1.52 1.01 8.09
CA LYS A 35 1.25 0.80 9.53
C LYS A 35 2.32 1.47 10.42
N GLU A 36 3.61 1.28 10.08
CA GLU A 36 4.74 1.84 10.88
C GLU A 36 5.00 3.33 10.56
N GLN A 37 4.38 3.84 9.47
CA GLN A 37 4.51 5.25 9.03
C GLN A 37 3.45 6.17 9.67
N THR A 38 2.19 5.72 9.74
CA THR A 38 1.05 6.57 10.22
C THR A 38 0.40 5.97 11.49
N GLY A 39 0.52 4.65 11.70
CA GLY A 39 0.05 3.99 12.93
C GLY A 39 -1.24 3.20 12.78
N VAL A 40 -2.03 3.49 11.73
CA VAL A 40 -3.34 2.86 11.51
C VAL A 40 -3.18 1.35 11.11
N PRO A 41 -3.89 0.39 11.81
CA PRO A 41 -3.82 -1.07 11.51
C PRO A 41 -4.30 -1.39 10.07
N PRO A 42 -3.46 -2.14 9.27
CA PRO A 42 -3.74 -2.39 7.83
C PRO A 42 -5.01 -3.26 7.59
N GLU A 43 -5.45 -3.97 8.64
CA GLU A 43 -6.67 -4.83 8.60
C GLU A 43 -7.95 -4.01 8.31
N GLN A 44 -7.91 -2.73 8.70
CA GLN A 44 -9.04 -1.78 8.53
C GLN A 44 -8.90 -0.99 7.21
N LEU A 45 -7.89 -1.33 6.39
CA LEU A 45 -7.62 -0.66 5.09
C LEU A 45 -7.53 -1.67 3.95
N ARG A 46 -7.59 -1.13 2.72
CA ARG A 46 -7.36 -1.84 1.46
C ARG A 46 -6.42 -0.96 0.62
N VAL A 47 -5.29 -1.54 0.19
CA VAL A 47 -4.29 -0.83 -0.64
C VAL A 47 -4.81 -0.74 -2.09
N ILE A 48 -4.82 0.48 -2.64
CA ILE A 48 -5.38 0.79 -3.98
C ILE A 48 -4.31 1.47 -4.85
N TYR A 49 -4.03 0.91 -6.03
CA TYR A 49 -3.11 1.50 -7.02
C TYR A 49 -3.91 1.98 -8.23
N ASN A 50 -4.02 3.31 -8.38
CA ASN A 50 -4.57 3.97 -9.57
C ASN A 50 -6.03 3.49 -9.86
N GLY A 51 -6.78 3.24 -8.77
CA GLY A 51 -8.20 2.83 -8.83
C GLY A 51 -8.40 1.32 -8.76
N ARG A 52 -7.31 0.55 -8.78
CA ARG A 52 -7.33 -0.93 -8.70
C ARG A 52 -7.08 -1.39 -7.26
N GLU A 53 -7.87 -2.37 -6.78
CA GLU A 53 -7.64 -2.97 -5.46
C GLU A 53 -6.47 -3.96 -5.55
N LEU A 54 -5.55 -3.90 -4.58
CA LEU A 54 -4.34 -4.71 -4.55
C LEU A 54 -4.49 -5.83 -3.52
N GLU A 55 -4.52 -7.06 -4.02
CA GLU A 55 -4.54 -8.27 -3.19
C GLU A 55 -3.21 -8.41 -2.44
N PRO A 56 -3.22 -8.65 -1.09
CA PRO A 56 -1.99 -8.80 -0.27
C PRO A 56 -1.15 -10.02 -0.72
N ARG A 57 -1.86 -11.02 -1.28
CA ARG A 57 -1.30 -12.29 -1.79
C ARG A 57 -0.30 -12.06 -2.94
N THR A 58 -0.53 -10.97 -3.69
CA THR A 58 0.20 -10.65 -4.93
C THR A 58 1.39 -9.68 -4.64
N THR A 59 2.42 -9.67 -5.52
CA THR A 59 3.60 -8.80 -5.39
C THR A 59 3.42 -7.46 -6.14
N LEU A 60 4.37 -6.54 -5.89
CA LEU A 60 4.36 -5.15 -6.41
C LEU A 60 4.54 -5.12 -7.93
N GLU A 61 5.54 -5.87 -8.40
CA GLU A 61 5.92 -5.97 -9.83
C GLU A 61 4.75 -6.43 -10.73
N GLU A 62 3.84 -7.24 -10.14
CA GLU A 62 2.64 -7.74 -10.83
C GLU A 62 1.65 -6.61 -11.12
N TYR A 63 1.51 -5.68 -10.15
CA TYR A 63 0.64 -4.49 -10.28
C TYR A 63 1.38 -3.31 -10.92
N ASN A 64 2.71 -3.45 -11.10
CA ASN A 64 3.61 -2.39 -11.58
C ASN A 64 3.61 -1.22 -10.57
N ILE A 65 4.01 -1.53 -9.34
CA ILE A 65 4.21 -0.51 -8.28
C ILE A 65 5.63 0.05 -8.45
N THR A 66 5.79 0.88 -9.47
CA THR A 66 7.06 1.49 -9.88
C THR A 66 7.22 2.90 -9.25
N PRO A 67 8.48 3.47 -9.14
CA PRO A 67 8.74 4.68 -8.33
C PRO A 67 8.02 5.94 -8.87
N GLY A 68 7.30 6.63 -7.99
CA GLY A 68 6.62 7.88 -8.32
C GLY A 68 5.10 7.78 -8.27
N VAL A 69 4.57 6.55 -8.13
CA VAL A 69 3.11 6.31 -8.13
C VAL A 69 2.52 6.52 -6.73
N THR A 70 1.22 6.87 -6.67
CA THR A 70 0.50 7.14 -5.41
C THR A 70 -0.59 6.10 -5.17
N LEU A 71 -0.35 5.25 -4.16
CA LEU A 71 -1.34 4.32 -3.63
C LEU A 71 -2.34 5.09 -2.75
N GLU A 72 -3.48 4.46 -2.43
CA GLU A 72 -4.53 5.04 -1.59
C GLU A 72 -5.11 3.95 -0.69
N LEU A 73 -5.54 4.34 0.51
CA LEU A 73 -6.09 3.41 1.51
C LEU A 73 -7.59 3.69 1.70
N LYS A 74 -8.40 2.70 1.35
CA LYS A 74 -9.85 2.74 1.56
C LYS A 74 -10.18 1.85 2.75
N THR A 75 -11.12 2.30 3.60
CA THR A 75 -11.54 1.54 4.78
C THR A 75 -12.13 0.17 4.35
N ARG A 76 -11.52 -0.92 4.87
CA ARG A 76 -12.06 -2.27 4.76
C ARG A 76 -13.38 -2.31 5.55
N SER A 77 -14.45 -1.95 4.85
CA SER A 77 -15.80 -1.81 5.38
C SER A 77 -16.70 -2.86 4.71
N SER A 78 -16.75 -4.05 5.33
CA SER A 78 -17.57 -5.20 4.87
C SER A 78 -18.93 -5.23 5.61
N GLY A 79 -19.17 -4.22 6.48
CA GLY A 79 -20.41 -4.13 7.27
C GLY A 79 -21.66 -3.93 6.41
N HIS A 80 -21.47 -3.38 5.19
CA HIS A 80 -22.50 -3.36 4.14
C HIS A 80 -22.02 -4.30 3.00
N GLY A 81 -22.51 -5.54 3.00
CA GLY A 81 -22.09 -6.56 2.03
C GLY A 81 -23.18 -7.60 1.80
N THR A 82 -23.85 -8.00 2.89
CA THR A 82 -25.03 -8.88 2.84
C THR A 82 -26.29 -8.04 2.50
N GLY A 1 18.44 3.24 -3.37
CA GLY A 1 19.05 3.07 -4.71
C GLY A 1 18.41 1.95 -5.51
N PRO A 2 19.12 1.40 -6.56
CA PRO A 2 18.64 0.25 -7.37
C PRO A 2 18.28 -0.99 -6.51
N GLY A 3 17.26 -1.73 -6.96
CA GLY A 3 16.70 -2.86 -6.21
C GLY A 3 15.42 -2.47 -5.47
N SER A 4 15.32 -1.18 -5.11
CA SER A 4 14.14 -0.58 -4.49
C SER A 4 13.63 0.59 -5.36
N LEU A 5 12.44 1.09 -5.02
CA LEU A 5 11.76 2.19 -5.73
C LEU A 5 10.83 2.95 -4.77
N GLU A 6 10.80 4.30 -4.88
CA GLU A 6 10.10 5.16 -3.91
C GLU A 6 8.68 5.46 -4.39
N ILE A 7 7.69 4.86 -3.71
CA ILE A 7 6.27 5.12 -3.95
C ILE A 7 5.69 5.93 -2.79
N LYS A 8 4.39 6.28 -2.89
CA LYS A 8 3.67 7.05 -1.88
C LYS A 8 2.33 6.37 -1.58
N ILE A 9 1.89 6.37 -0.30
CA ILE A 9 0.60 5.78 0.11
C ILE A 9 -0.25 6.83 0.85
N ARG A 10 -1.17 7.48 0.13
CA ARG A 10 -2.18 8.38 0.73
C ARG A 10 -3.11 7.57 1.64
N THR A 11 -3.15 7.90 2.93
CA THR A 11 -4.01 7.23 3.91
C THR A 11 -5.46 7.73 3.85
N THR A 12 -6.33 7.07 4.64
CA THR A 12 -7.68 7.57 4.97
C THR A 12 -7.60 8.89 5.78
N GLU A 13 -6.44 9.07 6.47
CA GLU A 13 -6.15 10.30 7.23
C GLU A 13 -5.81 11.46 6.28
N GLY A 14 -5.48 11.14 5.01
CA GLY A 14 -5.17 12.13 3.98
C GLY A 14 -3.67 12.26 3.72
N ARG A 15 -2.85 11.98 4.76
CA ARG A 15 -1.38 12.09 4.69
C ARG A 15 -0.79 11.08 3.68
N THR A 16 0.15 11.54 2.85
CA THR A 16 0.76 10.75 1.79
C THR A 16 2.15 10.23 2.25
N LEU A 17 2.25 8.90 2.44
CA LEU A 17 3.43 8.24 3.06
C LEU A 17 4.45 7.85 1.99
N THR A 18 5.48 8.69 1.83
CA THR A 18 6.51 8.50 0.80
C THR A 18 7.61 7.55 1.32
N VAL A 19 7.54 6.27 0.91
CA VAL A 19 8.49 5.21 1.33
C VAL A 19 9.07 4.50 0.11
N ASP A 20 10.29 3.96 0.24
CA ASP A 20 10.90 3.13 -0.80
C ASP A 20 10.77 1.65 -0.42
N VAL A 21 10.43 0.83 -1.42
CA VAL A 21 10.21 -0.62 -1.29
C VAL A 21 10.69 -1.32 -2.56
N LYS A 22 11.02 -2.61 -2.44
CA LYS A 22 11.51 -3.42 -3.56
C LYS A 22 10.30 -3.98 -4.35
N PRO A 23 10.32 -3.96 -5.72
CA PRO A 23 9.18 -4.43 -6.55
C PRO A 23 8.89 -5.95 -6.41
N ASP A 24 9.88 -6.72 -5.92
CA ASP A 24 9.74 -8.17 -5.69
C ASP A 24 9.00 -8.47 -4.36
N ARG A 25 8.75 -7.42 -3.54
CA ARG A 25 8.02 -7.55 -2.26
C ARG A 25 6.53 -7.82 -2.51
N THR A 26 5.83 -8.27 -1.46
CA THR A 26 4.37 -8.47 -1.49
C THR A 26 3.67 -7.19 -1.04
N ILE A 27 2.36 -7.08 -1.35
CA ILE A 27 1.55 -5.93 -0.93
C ILE A 27 1.39 -5.94 0.61
N GLU A 28 1.57 -7.14 1.23
CA GLU A 28 1.65 -7.30 2.71
C GLU A 28 2.71 -6.37 3.30
N GLU A 29 3.90 -6.34 2.64
CA GLU A 29 5.01 -5.43 2.99
C GLU A 29 4.51 -3.99 3.06
N LEU A 30 3.80 -3.55 2.00
CA LEU A 30 3.25 -2.18 1.91
C LEU A 30 2.33 -1.87 3.08
N MET A 31 1.42 -2.82 3.38
CA MET A 31 0.44 -2.72 4.47
C MET A 31 1.14 -2.54 5.84
N GLU A 32 2.33 -3.14 5.97
CA GLU A 32 3.16 -3.06 7.18
C GLU A 32 3.96 -1.74 7.24
N LYS A 33 4.39 -1.25 6.06
CA LYS A 33 5.13 0.04 5.96
C LYS A 33 4.21 1.19 6.39
N LEU A 34 3.02 1.28 5.78
CA LEU A 34 2.03 2.32 6.10
C LEU A 34 1.55 2.20 7.55
N LYS A 35 1.50 0.95 8.09
CA LYS A 35 1.21 0.70 9.52
C LYS A 35 2.27 1.36 10.43
N GLU A 36 3.56 1.16 10.12
CA GLU A 36 4.67 1.68 10.96
C GLU A 36 4.90 3.20 10.72
N GLN A 37 4.25 3.76 9.66
CA GLN A 37 4.29 5.20 9.36
C GLN A 37 3.21 5.97 10.14
N THR A 38 1.93 5.72 9.81
CA THR A 38 0.77 6.49 10.34
C THR A 38 0.14 5.80 11.58
N GLY A 39 0.37 4.47 11.72
CA GLY A 39 -0.14 3.71 12.87
C GLY A 39 -1.52 3.08 12.67
N VAL A 40 -2.14 3.34 11.51
CA VAL A 40 -3.49 2.82 11.20
C VAL A 40 -3.40 1.30 10.87
N PRO A 41 -4.23 0.42 11.53
CA PRO A 41 -4.15 -1.06 11.33
C PRO A 41 -4.60 -1.50 9.91
N PRO A 42 -3.70 -2.18 9.12
CA PRO A 42 -3.96 -2.51 7.69
C PRO A 42 -5.14 -3.48 7.48
N GLU A 43 -5.55 -4.17 8.56
CA GLU A 43 -6.73 -5.06 8.57
C GLU A 43 -8.03 -4.29 8.20
N GLN A 44 -8.05 -3.00 8.56
CA GLN A 44 -9.20 -2.10 8.31
C GLN A 44 -8.97 -1.23 7.07
N LEU A 45 -7.92 -1.53 6.28
CA LEU A 45 -7.58 -0.77 5.05
C LEU A 45 -7.42 -1.70 3.85
N ARG A 46 -7.47 -1.06 2.66
CA ARG A 46 -7.20 -1.68 1.36
C ARG A 46 -6.14 -0.83 0.66
N VAL A 47 -5.03 -1.45 0.26
CA VAL A 47 -4.02 -0.78 -0.58
C VAL A 47 -4.55 -0.72 -2.02
N ILE A 48 -4.66 0.51 -2.56
CA ILE A 48 -5.24 0.76 -3.89
C ILE A 48 -4.18 1.43 -4.79
N TYR A 49 -4.07 0.97 -6.03
CA TYR A 49 -3.19 1.56 -7.05
C TYR A 49 -4.01 1.87 -8.31
N ASN A 50 -4.06 3.17 -8.68
CA ASN A 50 -4.65 3.65 -9.96
C ASN A 50 -6.19 3.41 -10.02
N GLY A 51 -6.81 3.09 -8.84
CA GLY A 51 -8.24 2.75 -8.74
C GLY A 51 -8.50 1.26 -8.60
N ARG A 52 -7.44 0.45 -8.71
CA ARG A 52 -7.49 -1.03 -8.58
C ARG A 52 -7.18 -1.44 -7.14
N GLU A 53 -7.96 -2.38 -6.59
CA GLU A 53 -7.71 -2.93 -5.25
C GLU A 53 -6.58 -3.98 -5.32
N LEU A 54 -5.53 -3.75 -4.54
CA LEU A 54 -4.36 -4.64 -4.48
C LEU A 54 -4.54 -5.63 -3.32
N GLU A 55 -4.52 -6.93 -3.65
CA GLU A 55 -4.58 -8.00 -2.66
C GLU A 55 -3.19 -8.15 -1.99
N PRO A 56 -3.11 -8.23 -0.63
CA PRO A 56 -1.82 -8.33 0.12
C PRO A 56 -0.94 -9.50 -0.34
N ARG A 57 -1.60 -10.58 -0.75
CA ARG A 57 -0.97 -11.88 -1.13
C ARG A 57 -0.03 -11.74 -2.36
N THR A 58 -0.42 -10.82 -3.25
CA THR A 58 0.26 -10.58 -4.55
C THR A 58 1.53 -9.73 -4.37
N THR A 59 2.47 -9.78 -5.35
CA THR A 59 3.68 -8.92 -5.34
C THR A 59 3.44 -7.58 -6.08
N LEU A 60 4.34 -6.61 -5.83
CA LEU A 60 4.27 -5.24 -6.36
C LEU A 60 4.41 -5.20 -7.90
N GLU A 61 5.39 -5.97 -8.38
CA GLU A 61 5.74 -6.05 -9.81
C GLU A 61 4.55 -6.52 -10.69
N GLU A 62 3.61 -7.26 -10.09
CA GLU A 62 2.39 -7.72 -10.78
C GLU A 62 1.46 -6.54 -11.07
N TYR A 63 1.40 -5.59 -10.12
CA TYR A 63 0.58 -4.37 -10.26
C TYR A 63 1.39 -3.21 -10.89
N ASN A 64 2.68 -3.47 -11.21
CA ASN A 64 3.61 -2.47 -11.77
C ASN A 64 3.73 -1.26 -10.82
N ILE A 65 3.96 -1.59 -9.54
CA ILE A 65 4.25 -0.60 -8.50
C ILE A 65 5.68 -0.08 -8.72
N THR A 66 5.76 0.98 -9.53
CA THR A 66 7.01 1.64 -9.94
C THR A 66 7.14 3.03 -9.26
N PRO A 67 8.38 3.66 -9.19
CA PRO A 67 8.60 4.88 -8.38
C PRO A 67 7.82 6.11 -8.89
N GLY A 68 7.32 6.92 -7.95
CA GLY A 68 6.61 8.17 -8.26
C GLY A 68 5.10 8.03 -8.19
N VAL A 69 4.59 6.78 -8.20
CA VAL A 69 3.13 6.52 -8.15
C VAL A 69 2.58 6.79 -6.73
N THR A 70 1.27 7.08 -6.67
CA THR A 70 0.59 7.40 -5.40
C THR A 70 -0.54 6.38 -5.15
N LEU A 71 -0.22 5.37 -4.33
CA LEU A 71 -1.22 4.44 -3.76
C LEU A 71 -2.14 5.17 -2.79
N GLU A 72 -3.25 4.52 -2.42
CA GLU A 72 -4.24 5.05 -1.48
C GLU A 72 -4.73 3.97 -0.52
N LEU A 73 -5.36 4.42 0.58
CA LEU A 73 -5.97 3.55 1.58
C LEU A 73 -7.45 3.86 1.67
N LYS A 74 -8.28 2.87 1.32
CA LYS A 74 -9.73 2.91 1.52
C LYS A 74 -10.09 1.86 2.58
N THR A 75 -11.06 2.17 3.45
CA THR A 75 -11.44 1.28 4.56
C THR A 75 -11.96 -0.10 4.06
N ARG A 76 -11.52 -1.17 4.72
CA ARG A 76 -11.92 -2.56 4.42
C ARG A 76 -13.02 -2.97 5.40
N SER A 77 -14.02 -3.73 4.87
CA SER A 77 -15.20 -4.22 5.62
C SER A 77 -16.17 -3.05 5.97
N SER A 78 -17.37 -3.43 6.45
CA SER A 78 -18.37 -2.49 6.96
C SER A 78 -18.04 -2.09 8.42
N GLY A 79 -17.14 -2.89 9.05
CA GLY A 79 -16.69 -2.66 10.42
C GLY A 79 -16.74 -3.94 11.23
N HIS A 80 -16.26 -3.86 12.48
CA HIS A 80 -16.28 -4.98 13.43
C HIS A 80 -17.63 -4.96 14.21
N GLY A 81 -18.73 -5.13 13.46
CA GLY A 81 -20.09 -5.05 14.03
C GLY A 81 -20.53 -6.37 14.65
N THR A 82 -19.86 -6.74 15.76
CA THR A 82 -20.15 -7.95 16.52
C THR A 82 -21.21 -7.66 17.60
N GLY A 1 15.26 4.46 -4.47
CA GLY A 1 16.59 4.39 -5.11
C GLY A 1 16.72 3.19 -6.04
N PRO A 2 17.97 2.88 -6.55
CA PRO A 2 18.19 1.74 -7.49
C PRO A 2 17.98 0.37 -6.81
N GLY A 3 17.50 -0.62 -7.60
CA GLY A 3 17.17 -1.97 -7.08
C GLY A 3 15.77 -2.02 -6.46
N SER A 4 15.47 -1.00 -5.64
CA SER A 4 14.15 -0.78 -5.05
C SER A 4 13.38 0.30 -5.85
N LEU A 5 12.34 0.90 -5.23
CA LEU A 5 11.56 1.99 -5.82
C LEU A 5 10.78 2.73 -4.72
N GLU A 6 10.79 4.06 -4.78
CA GLU A 6 10.19 4.91 -3.73
C GLU A 6 8.80 5.37 -4.16
N ILE A 7 7.77 4.80 -3.53
CA ILE A 7 6.37 5.10 -3.81
C ILE A 7 5.74 5.93 -2.69
N LYS A 8 4.46 6.29 -2.86
CA LYS A 8 3.69 7.11 -1.91
C LYS A 8 2.36 6.41 -1.57
N ILE A 9 2.02 6.29 -0.27
CA ILE A 9 0.72 5.73 0.17
C ILE A 9 -0.10 6.84 0.84
N ARG A 10 -1.07 7.37 0.12
CA ARG A 10 -2.04 8.35 0.66
C ARG A 10 -3.08 7.61 1.53
N THR A 11 -3.05 7.87 2.83
CA THR A 11 -3.97 7.22 3.79
C THR A 11 -5.43 7.69 3.63
N THR A 12 -6.32 7.09 4.42
CA THR A 12 -7.75 7.45 4.47
C THR A 12 -7.94 8.82 5.18
N GLU A 13 -6.90 9.19 5.97
CA GLU A 13 -6.76 10.54 6.55
C GLU A 13 -6.49 11.57 5.43
N GLY A 14 -5.71 11.12 4.43
CA GLY A 14 -5.32 11.93 3.29
C GLY A 14 -3.84 12.28 3.27
N ARG A 15 -3.10 11.90 4.36
CA ARG A 15 -1.65 12.16 4.48
C ARG A 15 -0.86 11.22 3.54
N THR A 16 0.25 11.69 2.99
CA THR A 16 1.07 10.89 2.05
C THR A 16 2.28 10.26 2.80
N LEU A 17 2.43 8.94 2.66
CA LEU A 17 3.50 8.17 3.32
C LEU A 17 4.47 7.66 2.25
N THR A 18 5.50 8.45 1.97
CA THR A 18 6.50 8.16 0.94
C THR A 18 7.54 7.15 1.49
N VAL A 19 7.41 5.87 1.08
CA VAL A 19 8.32 4.78 1.51
C VAL A 19 9.04 4.19 0.30
N ASP A 20 10.22 3.60 0.53
CA ASP A 20 11.00 2.93 -0.52
C ASP A 20 11.01 1.41 -0.27
N VAL A 21 10.57 0.66 -1.28
CA VAL A 21 10.45 -0.82 -1.25
C VAL A 21 10.81 -1.39 -2.65
N LYS A 22 11.15 -2.68 -2.72
CA LYS A 22 11.50 -3.35 -3.99
C LYS A 22 10.22 -3.80 -4.74
N PRO A 23 10.26 -3.94 -6.11
CA PRO A 23 9.12 -4.52 -6.88
C PRO A 23 8.90 -6.00 -6.54
N ASP A 24 9.97 -6.63 -6.01
CA ASP A 24 9.99 -8.03 -5.56
C ASP A 24 9.13 -8.25 -4.31
N ARG A 25 8.88 -7.15 -3.54
CA ARG A 25 8.12 -7.23 -2.27
C ARG A 25 6.64 -7.54 -2.54
N THR A 26 5.95 -8.00 -1.50
CA THR A 26 4.50 -8.29 -1.56
C THR A 26 3.70 -7.07 -1.05
N ILE A 27 2.38 -7.08 -1.30
CA ILE A 27 1.48 -6.01 -0.83
C ILE A 27 1.42 -6.02 0.72
N GLU A 28 1.68 -7.22 1.31
CA GLU A 28 1.89 -7.41 2.77
C GLU A 28 2.93 -6.41 3.33
N GLU A 29 4.03 -6.24 2.57
CA GLU A 29 5.15 -5.35 2.93
C GLU A 29 4.69 -3.88 2.90
N LEU A 30 3.80 -3.55 1.95
CA LEU A 30 3.24 -2.18 1.82
C LEU A 30 2.36 -1.84 3.02
N MET A 31 1.50 -2.81 3.40
CA MET A 31 0.59 -2.69 4.54
C MET A 31 1.41 -2.53 5.85
N GLU A 32 2.56 -3.20 5.91
CA GLU A 32 3.54 -3.05 7.01
C GLU A 32 4.03 -1.60 7.11
N LYS A 33 4.45 -1.07 5.94
CA LYS A 33 5.07 0.26 5.85
C LYS A 33 4.09 1.37 6.27
N LEU A 34 2.89 1.41 5.67
CA LEU A 34 1.88 2.43 5.99
C LEU A 34 1.43 2.33 7.49
N LYS A 35 1.49 1.10 8.05
CA LYS A 35 1.23 0.86 9.48
C LYS A 35 2.33 1.49 10.36
N GLU A 36 3.62 1.26 10.03
CA GLU A 36 4.76 1.74 10.85
C GLU A 36 4.95 3.28 10.68
N GLN A 37 4.39 3.83 9.58
CA GLN A 37 4.47 5.27 9.26
C GLN A 37 3.44 6.09 10.06
N THR A 38 2.13 5.88 9.80
CA THR A 38 1.06 6.68 10.44
C THR A 38 0.52 5.99 11.71
N GLY A 39 0.49 4.64 11.71
CA GLY A 39 0.04 3.87 12.89
C GLY A 39 -1.31 3.19 12.72
N VAL A 40 -1.96 3.35 11.56
CA VAL A 40 -3.32 2.80 11.32
C VAL A 40 -3.25 1.27 11.01
N PRO A 41 -4.09 0.41 11.69
CA PRO A 41 -4.11 -1.05 11.45
C PRO A 41 -4.67 -1.39 10.04
N PRO A 42 -3.83 -1.99 9.12
CA PRO A 42 -4.21 -2.23 7.70
C PRO A 42 -5.25 -3.35 7.53
N GLU A 43 -5.61 -4.01 8.64
CA GLU A 43 -6.71 -4.98 8.69
C GLU A 43 -8.08 -4.27 8.42
N GLN A 44 -8.10 -2.95 8.63
CA GLN A 44 -9.28 -2.10 8.39
C GLN A 44 -9.14 -1.30 7.09
N LEU A 45 -8.07 -1.56 6.30
CA LEU A 45 -7.79 -0.82 5.04
C LEU A 45 -7.57 -1.75 3.85
N ARG A 46 -7.57 -1.12 2.66
CA ARG A 46 -7.25 -1.73 1.38
C ARG A 46 -6.19 -0.84 0.70
N VAL A 47 -5.07 -1.44 0.28
CA VAL A 47 -4.05 -0.74 -0.54
C VAL A 47 -4.57 -0.64 -1.99
N ILE A 48 -4.64 0.59 -2.51
CA ILE A 48 -5.32 0.90 -3.77
C ILE A 48 -4.38 1.67 -4.73
N TYR A 49 -3.95 1.01 -5.82
CA TYR A 49 -3.12 1.63 -6.86
C TYR A 49 -4.01 2.11 -8.00
N ASN A 50 -4.18 3.44 -8.10
CA ASN A 50 -4.82 4.12 -9.26
C ASN A 50 -6.32 3.78 -9.39
N GLY A 51 -6.93 3.28 -8.30
CA GLY A 51 -8.33 2.84 -8.29
C GLY A 51 -8.50 1.32 -8.27
N ARG A 52 -7.37 0.58 -8.37
CA ARG A 52 -7.35 -0.90 -8.37
C ARG A 52 -7.01 -1.42 -6.96
N GLU A 53 -7.76 -2.44 -6.50
CA GLU A 53 -7.54 -3.07 -5.19
C GLU A 53 -6.38 -4.07 -5.27
N LEU A 54 -5.40 -3.92 -4.37
CA LEU A 54 -4.16 -4.72 -4.36
C LEU A 54 -4.27 -5.82 -3.31
N GLU A 55 -4.18 -7.07 -3.77
CA GLU A 55 -4.32 -8.26 -2.92
C GLU A 55 -3.02 -8.53 -2.15
N PRO A 56 -3.09 -8.80 -0.80
CA PRO A 56 -1.90 -8.99 0.07
C PRO A 56 -1.00 -10.17 -0.38
N ARG A 57 -1.64 -11.16 -1.05
CA ARG A 57 -0.98 -12.40 -1.51
C ARG A 57 -0.15 -12.18 -2.81
N THR A 58 -0.19 -10.96 -3.36
CA THR A 58 0.44 -10.63 -4.66
C THR A 58 1.66 -9.69 -4.44
N THR A 59 2.62 -9.69 -5.40
CA THR A 59 3.80 -8.80 -5.38
C THR A 59 3.52 -7.46 -6.10
N LEU A 60 4.48 -6.52 -5.95
CA LEU A 60 4.38 -5.13 -6.44
C LEU A 60 4.53 -5.07 -7.97
N GLU A 61 5.49 -5.86 -8.48
CA GLU A 61 5.79 -5.99 -9.92
C GLU A 61 4.54 -6.38 -10.75
N GLU A 62 3.63 -7.15 -10.10
CA GLU A 62 2.38 -7.64 -10.70
C GLU A 62 1.33 -6.53 -10.88
N TYR A 63 1.44 -5.46 -10.07
CA TYR A 63 0.50 -4.30 -10.14
C TYR A 63 1.18 -3.05 -10.74
N ASN A 64 2.44 -3.19 -11.22
CA ASN A 64 3.22 -2.08 -11.80
C ASN A 64 3.42 -0.95 -10.76
N ILE A 65 3.70 -1.37 -9.51
CA ILE A 65 4.04 -0.45 -8.43
C ILE A 65 5.47 0.06 -8.66
N THR A 66 5.57 1.14 -9.44
CA THR A 66 6.83 1.75 -9.88
C THR A 66 7.18 3.03 -9.06
N PRO A 67 8.46 3.55 -9.10
CA PRO A 67 8.87 4.70 -8.25
C PRO A 67 8.08 5.99 -8.56
N GLY A 68 7.40 6.52 -7.54
CA GLY A 68 6.72 7.79 -7.62
C GLY A 68 5.21 7.67 -7.69
N VAL A 69 4.68 6.43 -7.78
CA VAL A 69 3.23 6.20 -7.90
C VAL A 69 2.53 6.42 -6.54
N THR A 70 1.30 6.96 -6.61
CA THR A 70 0.50 7.28 -5.41
C THR A 70 -0.61 6.23 -5.21
N LEU A 71 -0.36 5.33 -4.25
CA LEU A 71 -1.35 4.41 -3.67
C LEU A 71 -2.32 5.18 -2.77
N GLU A 72 -3.43 4.52 -2.41
CA GLU A 72 -4.51 5.12 -1.60
C GLU A 72 -5.02 4.07 -0.60
N LEU A 73 -5.54 4.53 0.55
CA LEU A 73 -6.17 3.64 1.56
C LEU A 73 -7.67 3.88 1.63
N LYS A 74 -8.42 2.87 1.19
CA LYS A 74 -9.87 2.81 1.33
C LYS A 74 -10.20 1.93 2.55
N THR A 75 -11.31 2.25 3.24
CA THR A 75 -11.76 1.46 4.39
C THR A 75 -12.20 0.06 3.91
N ARG A 76 -11.87 -0.98 4.69
CA ARG A 76 -12.25 -2.36 4.40
C ARG A 76 -13.40 -2.74 5.35
N SER A 77 -14.64 -2.50 4.89
CA SER A 77 -15.84 -2.84 5.65
C SER A 77 -16.09 -4.36 5.59
N SER A 78 -15.47 -5.10 6.53
CA SER A 78 -15.70 -6.54 6.69
C SER A 78 -17.16 -6.80 7.08
N GLY A 79 -17.69 -5.87 7.90
CA GLY A 79 -19.12 -5.83 8.23
C GLY A 79 -19.95 -5.31 7.05
N HIS A 80 -20.86 -6.18 6.55
CA HIS A 80 -21.78 -5.83 5.46
C HIS A 80 -22.85 -4.84 5.98
N GLY A 81 -22.48 -3.54 5.95
CA GLY A 81 -23.35 -2.46 6.45
C GLY A 81 -23.95 -1.63 5.34
N THR A 82 -24.29 -2.32 4.23
CA THR A 82 -24.85 -1.70 3.03
C THR A 82 -25.52 -2.79 2.14
#